data_7OCF
#
_entry.id   7OCF
#
_cell.length_a   1.00
_cell.length_b   1.00
_cell.length_c   1.00
_cell.angle_alpha   90.00
_cell.angle_beta   90.00
_cell.angle_gamma   90.00
#
_symmetry.space_group_name_H-M   'P 1'
#
loop_
_entity.id
_entity.type
_entity.pdbx_description
1 polymer 'Isoform Flip of Glutamate receptor 1'
2 polymer 'Isoform Flip of Glutamate receptor 2'
3 polymer 'Protein cornichon homolog 2'
4 polymer 'Voltage-dependent calcium channel gamma-8 subunit'
5 non-polymer CYCLOTHIAZIDE
6 non-polymer 1,2-DIACYL-SN-GLYCERO-3-PHOSPHOCHOLINE
7 non-polymer 'GLUTAMIC ACID'
#
loop_
_entity_poly.entity_id
_entity_poly.type
_entity_poly.pdbx_seq_one_letter_code
_entity_poly.pdbx_strand_id
1 'polypeptide(L)'
;MPYIFAFFCTGFLGAVVGADYKDDDDKNFPNNIQIGGLFPNQQSQEHAAFRFALSQLTEPPKLLPQIDIVNISDSFEMTY
RFCSQFSKGVYAIFGFYERRTVNMLTSFCGALHVCFITPSFPVDTSNQFVLQLRPELQEALISIIDHYKWQTFVYIYDAD
RGLSVLQRVLDTAAEKNWQVTAVNILTTTEEGYRMLFQDLEKKKERLVVVDCESERLNAILGQIVKLEKNGIGYHYILAN
LGFMDIDLNKFKESGANVTGFQLVNYTDTIPARIMQQWRTSDSRDHTRVDWKRPKYTSALTYDGVKVMAEAFQSLRRQRI
DISRRGNAGDCLANPAVPWGQGIDIQRALQQVRFEGLTGNVQFNEKGRRTNYTLHVIEMKHDGIRKIGYWNEDDKFVPAA
TDAQAGGDNSSVQNRTYIVTTILEDPYVMLKKNANQFEGNDRYEGYCVELAAEIAKHVGYSYRLEIVSDGKYGARDPDTK
AWNGMVGELVYGRADVAVAPLTITLVREEVIDFSKPFMSLGISIMIKKPQKSKPGVFSFLDPLAYEIWMCIVFAYIGVSV
VLFLVSRFSPYEWHSEEFEEGRDQTTSDQSNEFGIFNSLWFSLGAFMQQGCDISPRSLSGRIVGGVWWFFTLIIISSYTA
NLAAFLTVERMVSPIESAEDLAKQTEIAYGTLEAGSTKEFFRRSKIAVFEKMWTYMKSAEPSVFVRTTEEGMIRVRKSKG
KYAYLLESTMNEYIEQRKPCDTMKVGGNLDSKGYGIATPKGSALRGPVNLAVLKLSEQGVLDKLKSKWWYDKGECGSKDS
GSKDKTSALSLSNVAGVFYILIGGLGLAMLVALIEFCYKSRSESKRMKGFCLIPQQSINEAIRTSTLPRNSGAGASGGGG
SGENGRVVSQDFPKSMQSIPCMSHSSGMPLGATGL
;
A,C
2 'polypeptide(L)'
;MQKIMHISVLLSPVLWGLIFGVSSNSIQIGGLFPRGADQEYSAFRVGMVQFSTSEFRLTPHIDNLEVANSFAVTNAFCSQ
FSRGVYAIFGFYDKKSVNTITSFCGTLHVSFITPSFPTDGTHPFVIQMRPDLKGALLSLIEYYQWDKFAYLYDSDRGLST
LQAVLDSAAEKKWQVTAINVGNINNDKKDETYRSLFQDLELKKERRVILDCERDKVNDIVDQVITIGKHVKGYHYIIANL
GFTDGDLLKIQFGGANVSGFQIVDYDDSLVSKFIERWSTLEEKEYPGAHTATIKYTSALTYDAVQVMTEAFRNLRKQRIE
ISRRGNAGDCLANPAVPWGQGVEIERALKQVQVEGLSGNIKFDQNGKRINYTINIMELKTNGPRKIGYWSEVDKMVVTLT
ELPSGNDTSGLENKTVVVTTILESPYVMMKKNHEMLEGNERYEGYCVDLAAEIAKHCGFKYKLTIVGDGKYGARDADTKI
WNGMVGELVYGKADIAIAPLTITLVREEVIDFSKPFMSLGISIMIKKPQKSKPGVFSFLDPLAYEIWMCIVFAYIGVSVV
LFLVSRFSPYEWHTEEFEDGRETQSSESTNEFGIFNSLWFSLGAFMRQGCDISPRSLSGRIVGGVWWFFTLIIISSYTAN
LAAFLTVERMVSPIESAEDLSKQTEIAYGTLDSGSTKEFFRRSKIAVFDKMWTYMRSAEPSVFVRTTAEGVARVRKSKGK
YAYLLESTMNEYIEQRKPCDTMKVGGNLDSKGYGIATPKGSSLGTPVNLAVLKLSEQGVLDKLKNKWWYDKGECGAKDSG
SKEKTSALSLSNVAGVFYILVGGLGLAMLVALIEFCYKSRAEAKRMKVAKNPQNINPSSS
;
B,D
3 'polypeptide(L)'
;MAFTFAAFCYMLTLVLCASLIFFVIWHIIAFDELRTDFKNPIDQGNPARARERLKNIERICCLLRKLVVPEYSIHGLFCL
MFLCAAEWVTLGLNIPLLFYHLWRYFHRPADGSEVMYDAVSIMNADILNYCQKESWCKLAFYLLSFFYYLYSMVYTLVSF
ENLYFQSGGSTETSQVAPAYPYDVPDYA
;
G,E
4 'polypeptide(L)'
;GESLKRWNEERGLWCEKGVQVLLTTIGAFAAFGLMTIAISTDYWLYTRALICNTTNLTAGDDGPPHRGGSGSSEKKDPGG
LTHSGLWRICCLEGLKRGVCVKINHFPEDTDYDHDSAEYLLRVVRASSIFPILSAILLLLGGVCVAASRVYKSKRNIILG
AGILFVAAGLSNIIGVIVYISANAGEPGPKRDEEKKNHYSYGWSFYFGGLSFILAEVIGVLAVNIYIERSREAHCQSRSD
LLKAGGGAGGSGGSGPSAILRLPSYRFRYRRRSRSSSRGSSEASPSRDASPGGPGGPGFASTDISMYTLSRDPSKGSVAA
GLASAGGGGGGAGVGAYGGAAGAAGGGGTGSERDRGSSAGFLTLHNAFPKEAASGVTVTVTGPPAAPAPAPPAPAAPAPG
TLSKEAAASNTNTLNRKLEVLFQ
;
I,J
#
# COMPACT_ATOMS: atom_id res chain seq x y z
N THR A 416 -32.95 -56.06 25.11
CA THR A 416 -32.17 -55.64 23.95
C THR A 416 -32.54 -54.22 23.54
N TYR A 417 -31.70 -53.63 22.69
CA TYR A 417 -31.94 -52.28 22.19
C TYR A 417 -31.66 -52.23 20.69
N ILE A 418 -32.51 -51.51 19.97
CA ILE A 418 -32.35 -51.28 18.53
C ILE A 418 -31.96 -49.83 18.33
N VAL A 419 -30.89 -49.59 17.58
CA VAL A 419 -30.30 -48.28 17.44
C VAL A 419 -30.32 -47.88 15.97
N THR A 420 -30.75 -46.65 15.70
CA THR A 420 -30.90 -46.14 14.35
C THR A 420 -29.76 -45.16 14.07
N THR A 421 -28.86 -45.54 13.17
CA THR A 421 -27.74 -44.70 12.76
C THR A 421 -27.83 -44.43 11.26
N ILE A 422 -27.55 -43.19 10.88
CA ILE A 422 -27.68 -42.78 9.47
C ILE A 422 -26.51 -43.21 8.60
N LEU A 423 -25.42 -43.72 9.20
CA LEU A 423 -24.26 -44.17 8.45
C LEU A 423 -23.69 -43.03 7.60
N GLU A 424 -23.20 -42.02 8.32
CA GLU A 424 -22.59 -40.86 7.70
C GLU A 424 -21.16 -40.70 8.21
N ASP A 425 -20.32 -40.15 7.37
CA ASP A 425 -18.93 -39.91 7.74
C ASP A 425 -18.85 -38.70 8.68
N PRO A 426 -18.20 -38.82 9.85
CA PRO A 426 -17.54 -39.97 10.48
C PRO A 426 -18.29 -40.51 11.68
N TYR A 427 -19.61 -40.30 11.71
CA TYR A 427 -20.40 -40.73 12.85
C TYR A 427 -20.60 -42.25 12.85
N VAL A 428 -20.82 -42.84 11.68
CA VAL A 428 -20.92 -44.29 11.54
C VAL A 428 -20.13 -44.68 10.30
N MET A 429 -19.18 -45.59 10.46
CA MET A 429 -18.34 -46.05 9.37
C MET A 429 -18.29 -47.57 9.40
N LEU A 430 -18.27 -48.17 8.20
CA LEU A 430 -18.14 -49.61 8.06
C LEU A 430 -16.67 -49.97 8.03
N LYS A 431 -16.26 -50.89 8.90
CA LYS A 431 -14.86 -51.27 8.97
C LYS A 431 -14.39 -51.83 7.63
N LYS A 432 -13.15 -51.50 7.27
CA LYS A 432 -12.59 -51.99 6.00
C LYS A 432 -12.76 -53.49 5.88
N ASN A 433 -12.54 -54.22 6.96
CA ASN A 433 -12.79 -55.67 6.98
C ASN A 433 -14.26 -55.94 7.31
N ALA A 434 -15.13 -55.35 6.48
CA ALA A 434 -16.57 -55.51 6.69
C ALA A 434 -16.98 -56.97 6.58
N ASN A 435 -16.52 -57.66 5.54
CA ASN A 435 -16.85 -59.07 5.39
C ASN A 435 -16.25 -59.89 6.53
N GLN A 436 -14.99 -59.64 6.87
CA GLN A 436 -14.35 -60.38 7.95
C GLN A 436 -15.00 -60.08 9.30
N PHE A 437 -15.19 -58.80 9.60
CA PHE A 437 -15.82 -58.42 10.85
C PHE A 437 -17.32 -58.67 10.79
N GLU A 438 -17.91 -58.93 11.96
CA GLU A 438 -19.33 -59.21 12.05
C GLU A 438 -19.87 -58.64 13.37
N GLY A 439 -21.17 -58.36 13.38
CA GLY A 439 -21.82 -57.88 14.58
C GLY A 439 -21.47 -56.43 14.89
N ASN A 440 -21.70 -56.06 16.15
CA ASN A 440 -21.43 -54.68 16.58
C ASN A 440 -19.98 -54.31 16.36
N ASP A 441 -19.06 -55.24 16.63
CA ASP A 441 -17.64 -54.97 16.43
C ASP A 441 -17.33 -54.65 14.98
N ARG A 442 -18.19 -55.04 14.05
CA ARG A 442 -17.94 -54.77 12.64
C ARG A 442 -17.98 -53.28 12.34
N TYR A 443 -18.77 -52.52 13.09
CA TYR A 443 -18.95 -51.09 12.84
C TYR A 443 -18.11 -50.27 13.80
N GLU A 444 -17.49 -49.21 13.27
CA GLU A 444 -16.62 -48.35 14.07
C GLU A 444 -16.80 -46.92 13.59
N GLY A 445 -17.52 -46.12 14.37
CA GLY A 445 -17.73 -44.71 14.06
C GLY A 445 -17.91 -43.93 15.34
N TYR A 446 -17.90 -42.60 15.21
CA TYR A 446 -18.06 -41.75 16.38
C TYR A 446 -19.38 -42.03 17.07
N CYS A 447 -20.45 -42.19 16.29
CA CYS A 447 -21.72 -42.59 16.88
C CYS A 447 -21.61 -43.95 17.54
N VAL A 448 -20.87 -44.88 16.91
CA VAL A 448 -20.72 -46.22 17.48
C VAL A 448 -19.95 -46.15 18.80
N GLU A 449 -18.85 -45.39 18.82
CA GLU A 449 -18.07 -45.28 20.05
C GLU A 449 -18.87 -44.60 21.15
N LEU A 450 -19.66 -43.59 20.78
CA LEU A 450 -20.51 -42.93 21.76
C LEU A 450 -21.54 -43.90 22.31
N ALA A 451 -22.12 -44.72 21.44
CA ALA A 451 -23.08 -45.72 21.89
C ALA A 451 -22.41 -46.68 22.86
N ALA A 452 -21.19 -47.11 22.55
CA ALA A 452 -20.48 -48.02 23.44
C ALA A 452 -20.24 -47.37 24.80
N GLU A 453 -19.80 -46.11 24.80
CA GLU A 453 -19.51 -45.44 26.06
C GLU A 453 -20.77 -45.27 26.90
N ILE A 454 -21.86 -44.82 26.27
CA ILE A 454 -23.10 -44.61 27.01
C ILE A 454 -23.63 -45.93 27.54
N ALA A 455 -23.56 -46.99 26.72
CA ALA A 455 -24.02 -48.29 27.18
C ALA A 455 -23.20 -48.78 28.36
N LYS A 456 -21.88 -48.61 28.32
CA LYS A 456 -21.06 -48.92 29.49
C LYS A 456 -21.49 -48.09 30.68
N HIS A 457 -21.95 -46.86 30.44
CA HIS A 457 -22.42 -46.02 31.53
C HIS A 457 -23.73 -46.54 32.12
N VAL A 458 -24.57 -47.17 31.31
CA VAL A 458 -25.89 -47.60 31.75
C VAL A 458 -26.02 -49.12 31.79
N GLY A 459 -25.31 -49.85 30.94
CA GLY A 459 -25.39 -51.30 30.93
C GLY A 459 -26.67 -51.84 30.33
N TYR A 460 -26.88 -51.59 29.04
CA TYR A 460 -28.05 -52.10 28.32
C TYR A 460 -27.60 -52.73 27.02
N SER A 461 -28.14 -53.91 26.72
CA SER A 461 -27.79 -54.61 25.49
C SER A 461 -28.37 -53.89 24.28
N TYR A 462 -27.60 -53.86 23.20
CA TYR A 462 -28.01 -53.17 21.98
C TYR A 462 -27.40 -53.87 20.79
N ARG A 463 -28.02 -53.68 19.62
CA ARG A 463 -27.55 -54.25 18.37
C ARG A 463 -27.44 -53.12 17.35
N LEU A 464 -26.23 -52.94 16.81
CA LEU A 464 -26.02 -51.91 15.81
C LEU A 464 -26.92 -52.13 14.61
N GLU A 465 -27.57 -51.05 14.16
CA GLU A 465 -28.48 -51.13 13.03
C GLU A 465 -28.43 -49.81 12.26
N ILE A 466 -28.83 -49.86 11.01
CA ILE A 466 -28.84 -48.70 10.13
C ILE A 466 -30.22 -48.59 9.50
N VAL A 467 -30.69 -47.35 9.33
CA VAL A 467 -32.03 -47.13 8.78
C VAL A 467 -32.05 -47.51 7.32
N SER A 468 -33.02 -48.34 6.95
CA SER A 468 -33.11 -48.80 5.56
C SER A 468 -33.45 -47.65 4.62
N ASP A 469 -34.36 -46.76 5.03
CA ASP A 469 -34.76 -45.66 4.18
C ASP A 469 -33.60 -44.75 3.81
N GLY A 470 -32.56 -44.71 4.63
CA GLY A 470 -31.42 -43.85 4.33
C GLY A 470 -31.75 -42.39 4.25
N LYS A 471 -32.69 -41.92 5.08
CA LYS A 471 -33.13 -40.54 5.07
C LYS A 471 -33.20 -40.02 6.50
N TYR A 472 -33.30 -38.71 6.62
CA TYR A 472 -33.44 -38.05 7.92
C TYR A 472 -34.89 -37.63 8.11
N GLY A 473 -35.16 -37.02 9.26
CA GLY A 473 -36.51 -36.64 9.60
C GLY A 473 -37.16 -35.69 8.61
N ALA A 474 -38.25 -36.16 8.00
CA ALA A 474 -38.97 -35.34 7.02
C ALA A 474 -40.41 -35.86 6.96
N ARG A 475 -41.32 -35.11 7.59
CA ARG A 475 -42.73 -35.46 7.61
C ARG A 475 -43.43 -34.68 6.50
N ASP A 476 -43.83 -35.38 5.44
CA ASP A 476 -44.46 -34.73 4.32
C ASP A 476 -45.84 -34.20 4.71
N PRO A 477 -46.26 -33.07 4.13
CA PRO A 477 -47.57 -32.52 4.51
C PRO A 477 -48.74 -33.39 4.07
N ASP A 478 -48.69 -33.95 2.86
CA ASP A 478 -49.82 -34.71 2.34
C ASP A 478 -50.02 -36.00 3.12
N THR A 479 -48.95 -36.78 3.31
CA THR A 479 -49.06 -38.08 3.94
C THR A 479 -48.98 -38.01 5.46
N LYS A 480 -48.28 -37.03 6.01
CA LYS A 480 -48.10 -36.92 7.47
C LYS A 480 -47.43 -38.17 8.02
N ALA A 481 -46.44 -38.68 7.30
CA ALA A 481 -45.70 -39.87 7.69
C ALA A 481 -44.23 -39.52 7.88
N TRP A 482 -43.64 -40.02 8.96
CA TRP A 482 -42.24 -39.80 9.26
C TRP A 482 -41.37 -40.83 8.54
N ASN A 483 -40.26 -40.36 8.00
CA ASN A 483 -39.31 -41.22 7.31
C ASN A 483 -37.91 -41.00 7.88
N GLY A 484 -37.05 -41.98 7.67
CA GLY A 484 -35.70 -41.92 8.19
C GLY A 484 -35.59 -42.50 9.58
N MET A 485 -34.54 -42.07 10.29
CA MET A 485 -34.33 -42.55 11.65
C MET A 485 -35.51 -42.19 12.54
N VAL A 486 -36.01 -40.96 12.41
CA VAL A 486 -37.17 -40.56 13.21
C VAL A 486 -38.36 -41.44 12.86
N GLY A 487 -38.51 -41.81 11.60
CA GLY A 487 -39.61 -42.67 11.21
C GLY A 487 -39.54 -44.02 11.91
N GLU A 488 -38.35 -44.61 11.96
CA GLU A 488 -38.18 -45.86 12.69
C GLU A 488 -38.42 -45.67 14.17
N LEU A 489 -38.10 -44.49 14.70
CA LEU A 489 -38.26 -44.25 16.13
C LEU A 489 -39.73 -44.13 16.52
N VAL A 490 -40.50 -43.38 15.74
CA VAL A 490 -41.87 -43.06 16.13
C VAL A 490 -42.75 -44.30 16.07
N TYR A 491 -42.54 -45.14 15.07
CA TYR A 491 -43.40 -46.30 14.87
C TYR A 491 -42.96 -47.52 15.67
N GLY A 492 -41.93 -47.39 16.50
CA GLY A 492 -41.45 -48.49 17.29
C GLY A 492 -40.40 -49.36 16.62
N ARG A 493 -40.06 -49.05 15.36
CA ARG A 493 -39.03 -49.84 14.69
C ARG A 493 -37.69 -49.73 15.39
N ALA A 494 -37.33 -48.53 15.82
CA ALA A 494 -36.05 -48.29 16.49
C ALA A 494 -36.29 -47.93 17.95
N ASP A 495 -35.42 -48.42 18.82
CA ASP A 495 -35.53 -48.18 20.26
C ASP A 495 -34.92 -46.85 20.67
N VAL A 496 -33.75 -46.51 20.12
CA VAL A 496 -33.08 -45.26 20.39
C VAL A 496 -32.30 -44.86 19.14
N ALA A 497 -31.85 -43.61 19.11
CA ALA A 497 -31.17 -43.05 17.94
C ALA A 497 -29.97 -42.22 18.39
N VAL A 498 -28.82 -42.87 18.47
CA VAL A 498 -27.56 -42.17 18.76
C VAL A 498 -26.91 -41.89 17.42
N ALA A 499 -27.31 -40.78 16.80
CA ALA A 499 -26.80 -40.43 15.49
C ALA A 499 -27.01 -38.94 15.26
N PRO A 500 -26.27 -38.35 14.32
CA PRO A 500 -26.51 -36.95 13.98
C PRO A 500 -27.96 -36.68 13.62
N LEU A 501 -28.63 -35.90 14.45
CA LEU A 501 -30.06 -35.65 14.30
C LEU A 501 -30.34 -34.26 14.87
N THR A 502 -30.38 -33.27 13.99
CA THR A 502 -30.50 -31.88 14.43
C THR A 502 -31.76 -31.71 15.26
N ILE A 503 -31.60 -31.45 16.56
CA ILE A 503 -32.74 -31.27 17.44
C ILE A 503 -33.42 -29.96 17.14
N THR A 504 -34.72 -30.00 16.90
CA THR A 504 -35.47 -28.82 16.50
C THR A 504 -36.89 -28.94 17.06
N LEU A 505 -37.74 -27.98 16.67
CA LEU A 505 -39.06 -27.86 17.30
C LEU A 505 -40.01 -28.93 16.81
N VAL A 506 -40.28 -28.98 15.51
CA VAL A 506 -41.27 -29.91 14.99
C VAL A 506 -40.91 -31.34 15.36
N ARG A 507 -39.63 -31.69 15.22
CA ARG A 507 -39.21 -33.03 15.60
C ARG A 507 -39.38 -33.27 17.09
N GLU A 508 -38.96 -32.29 17.91
CA GLU A 508 -39.08 -32.45 19.35
C GLU A 508 -40.54 -32.58 19.79
N GLU A 509 -41.48 -32.15 18.96
CA GLU A 509 -42.90 -32.25 19.31
C GLU A 509 -43.40 -33.68 19.35
N VAL A 510 -42.62 -34.65 18.86
CA VAL A 510 -43.08 -36.03 18.78
C VAL A 510 -42.11 -36.96 19.50
N ILE A 511 -40.85 -36.58 19.55
CA ILE A 511 -39.78 -37.45 20.00
C ILE A 511 -38.98 -36.75 21.09
N ASP A 512 -38.63 -37.49 22.13
CA ASP A 512 -37.88 -36.92 23.24
C ASP A 512 -36.41 -36.78 22.87
N PHE A 513 -35.87 -35.59 23.10
CA PHE A 513 -34.45 -35.32 22.91
C PHE A 513 -33.78 -35.24 24.26
N SER A 514 -32.66 -35.94 24.40
CA SER A 514 -31.79 -35.71 25.54
C SER A 514 -30.98 -34.45 25.29
N LYS A 515 -30.20 -34.05 26.28
CA LYS A 515 -29.44 -32.82 26.17
C LYS A 515 -28.36 -32.98 25.10
N PRO A 516 -27.98 -31.90 24.45
CA PRO A 516 -27.03 -32.00 23.33
C PRO A 516 -25.76 -32.76 23.68
N PHE A 517 -25.04 -33.18 22.64
CA PHE A 517 -23.71 -33.74 22.80
C PHE A 517 -22.73 -33.18 21.78
N MET A 518 -23.15 -32.23 20.94
CA MET A 518 -22.26 -31.59 19.98
C MET A 518 -22.96 -30.39 19.36
N SER A 519 -22.29 -29.25 19.33
CA SER A 519 -22.85 -28.09 18.67
C SER A 519 -22.61 -28.16 17.17
N LEU A 520 -23.38 -27.39 16.43
CA LEU A 520 -23.34 -27.46 14.98
C LEU A 520 -23.88 -26.17 14.39
N GLY A 521 -23.88 -26.11 13.06
CA GLY A 521 -24.50 -25.02 12.35
C GLY A 521 -24.45 -25.31 10.86
N ILE A 522 -25.38 -24.70 10.15
CA ILE A 522 -25.40 -24.80 8.69
C ILE A 522 -24.33 -23.88 8.12
N SER A 523 -23.76 -24.28 6.99
CA SER A 523 -22.65 -23.55 6.41
C SER A 523 -22.64 -23.72 4.91
N ILE A 524 -21.84 -22.87 4.25
CA ILE A 524 -21.75 -22.82 2.80
C ILE A 524 -20.46 -23.51 2.37
N MET A 525 -20.56 -24.36 1.37
CA MET A 525 -19.41 -25.07 0.81
C MET A 525 -19.23 -24.70 -0.65
N ILE A 526 -17.97 -24.53 -1.04
CA ILE A 526 -17.61 -24.14 -2.40
C ILE A 526 -16.36 -24.91 -2.79
N LYS A 527 -16.21 -25.15 -4.09
CA LYS A 527 -14.97 -25.72 -4.61
C LYS A 527 -13.87 -24.68 -4.53
N LYS A 528 -12.84 -24.97 -3.74
CA LYS A 528 -11.80 -23.99 -3.49
C LYS A 528 -11.07 -23.68 -4.79
N PRO A 529 -11.08 -22.43 -5.27
CA PRO A 529 -10.32 -22.11 -6.47
C PRO A 529 -8.84 -22.37 -6.27
N GLN A 530 -8.18 -22.86 -7.31
CA GLN A 530 -6.76 -23.17 -7.24
C GLN A 530 -5.96 -21.87 -7.14
N LYS A 531 -5.15 -21.76 -6.10
CA LYS A 531 -4.29 -20.60 -5.89
C LYS A 531 -2.88 -20.97 -6.32
N SER A 532 -2.33 -20.20 -7.25
CA SER A 532 -1.02 -20.48 -7.81
C SER A 532 0.03 -20.22 -6.74
N LYS A 533 0.48 -21.28 -6.08
CA LYS A 533 1.53 -21.13 -5.07
C LYS A 533 2.77 -20.58 -5.75
N PRO A 534 3.39 -19.53 -5.21
CA PRO A 534 4.56 -18.96 -5.88
C PRO A 534 5.64 -20.00 -6.12
N GLY A 535 5.93 -20.25 -7.38
CA GLY A 535 6.97 -21.18 -7.73
C GLY A 535 8.32 -20.71 -7.25
N VAL A 536 9.39 -21.42 -7.61
CA VAL A 536 10.72 -20.97 -7.22
C VAL A 536 11.03 -19.63 -7.85
N PHE A 537 10.67 -19.45 -9.12
CA PHE A 537 10.91 -18.20 -9.83
C PHE A 537 9.71 -17.27 -9.73
N SER A 538 9.28 -17.01 -8.50
CA SER A 538 8.19 -16.07 -8.27
C SER A 538 8.65 -14.63 -8.26
N PHE A 539 9.96 -14.40 -8.16
CA PHE A 539 10.49 -13.05 -8.13
C PHE A 539 10.54 -12.41 -9.52
N LEU A 540 10.08 -13.11 -10.55
CA LEU A 540 10.00 -12.56 -11.90
C LEU A 540 8.57 -12.24 -12.30
N ASP A 541 7.60 -12.58 -11.46
CA ASP A 541 6.21 -12.26 -11.77
C ASP A 541 5.97 -10.77 -11.99
N PRO A 542 6.60 -9.86 -11.23
CA PRO A 542 6.27 -8.43 -11.39
C PRO A 542 6.46 -7.94 -12.81
N LEU A 543 7.35 -8.55 -13.57
CA LEU A 543 7.59 -8.19 -14.96
C LEU A 543 7.32 -9.41 -15.82
N ALA A 544 6.44 -9.25 -16.80
CA ALA A 544 6.05 -10.36 -17.63
C ALA A 544 7.20 -10.83 -18.51
N TYR A 545 7.08 -12.08 -18.97
CA TYR A 545 8.16 -12.72 -19.72
C TYR A 545 8.62 -11.86 -20.89
N GLU A 546 7.68 -11.25 -21.59
CA GLU A 546 8.04 -10.46 -22.77
C GLU A 546 9.01 -9.34 -22.40
N ILE A 547 8.81 -8.73 -21.23
CA ILE A 547 9.65 -7.62 -20.84
C ILE A 547 11.06 -8.10 -20.55
N TRP A 548 11.21 -9.28 -19.95
CA TRP A 548 12.55 -9.81 -19.72
C TRP A 548 13.25 -10.12 -21.03
N MET A 549 12.52 -10.71 -21.98
CA MET A 549 13.11 -10.99 -23.28
C MET A 549 13.59 -9.70 -23.94
N CYS A 550 12.73 -8.69 -23.98
CA CYS A 550 13.12 -7.43 -24.63
C CYS A 550 14.20 -6.71 -23.86
N ILE A 551 14.27 -6.91 -22.54
CA ILE A 551 15.36 -6.36 -21.76
C ILE A 551 16.68 -6.96 -22.22
N VAL A 552 16.71 -8.28 -22.40
CA VAL A 552 17.92 -8.93 -22.88
C VAL A 552 18.29 -8.39 -24.26
N PHE A 553 17.29 -8.30 -25.14
CA PHE A 553 17.54 -7.79 -26.48
C PHE A 553 18.15 -6.39 -26.43
N ALA A 554 17.58 -5.51 -25.60
CA ALA A 554 18.06 -4.15 -25.53
C ALA A 554 19.41 -4.04 -24.85
N TYR A 555 19.69 -4.90 -23.87
CA TYR A 555 21.01 -4.93 -23.26
C TYR A 555 22.06 -5.26 -24.30
N ILE A 556 21.79 -6.26 -25.12
CA ILE A 556 22.73 -6.62 -26.18
C ILE A 556 22.87 -5.50 -27.19
N GLY A 557 21.75 -4.91 -27.60
CA GLY A 557 21.80 -3.82 -28.56
C GLY A 557 22.61 -2.65 -28.06
N VAL A 558 22.38 -2.26 -26.81
CA VAL A 558 23.08 -1.13 -26.24
C VAL A 558 24.56 -1.42 -26.12
N SER A 559 24.91 -2.61 -25.64
CA SER A 559 26.32 -2.94 -25.49
C SER A 559 27.03 -2.91 -26.85
N VAL A 560 26.40 -3.48 -27.87
CA VAL A 560 27.01 -3.49 -29.19
C VAL A 560 27.14 -2.06 -29.72
N VAL A 561 26.09 -1.26 -29.58
CA VAL A 561 26.13 0.10 -30.08
C VAL A 561 27.21 0.91 -29.40
N LEU A 562 27.33 0.76 -28.08
CA LEU A 562 28.36 1.49 -27.34
C LEU A 562 29.74 1.06 -27.81
N PHE A 563 29.97 -0.25 -27.95
CA PHE A 563 31.24 -0.72 -28.45
C PHE A 563 31.55 -0.09 -29.80
N LEU A 564 30.62 -0.19 -30.73
CA LEU A 564 30.81 0.38 -32.06
C LEU A 564 31.17 1.84 -31.96
N VAL A 565 30.28 2.64 -31.37
CA VAL A 565 30.43 4.09 -31.34
C VAL A 565 31.76 4.49 -30.76
N SER A 566 32.15 3.88 -29.65
CA SER A 566 33.39 4.26 -29.01
C SER A 566 34.60 3.89 -29.84
N ARG A 567 34.53 2.79 -30.60
CA ARG A 567 35.72 2.21 -31.21
C ARG A 567 35.47 1.82 -32.66
N PHE A 568 34.94 2.74 -33.45
CA PHE A 568 35.01 2.63 -34.90
C PHE A 568 35.70 3.79 -35.56
N SER A 569 35.69 4.95 -34.93
CA SER A 569 36.35 6.13 -35.47
C SER A 569 37.85 6.05 -35.21
N PRO A 570 38.67 5.74 -36.22
CA PRO A 570 40.11 5.67 -35.99
C PRO A 570 40.72 7.00 -35.57
N TYR A 571 40.07 8.12 -35.91
CA TYR A 571 40.66 9.42 -35.65
C TYR A 571 40.88 9.64 -34.15
N GLU A 572 39.90 9.30 -33.33
CA GLU A 572 39.96 9.64 -31.91
C GLU A 572 41.00 8.80 -31.18
N TRP A 573 41.02 7.49 -31.42
CA TRP A 573 41.91 6.59 -30.71
C TRP A 573 43.18 6.25 -31.48
N HIS A 574 43.39 6.85 -32.64
CA HIS A 574 44.61 6.57 -33.40
C HIS A 574 45.85 6.87 -32.56
N SER A 575 45.86 8.01 -31.90
CA SER A 575 46.97 8.37 -31.02
C SER A 575 46.84 7.65 -29.69
N GLU A 576 47.98 7.24 -29.14
CA GLU A 576 48.01 6.49 -27.88
C GLU A 576 47.12 5.25 -27.97
N GLU A 577 47.20 4.56 -29.10
CA GLU A 577 46.41 3.35 -29.33
C GLU A 577 46.95 2.19 -28.50
N SER A 590 42.87 3.87 -27.66
CA SER A 590 42.87 4.96 -26.69
C SER A 590 41.69 4.84 -25.72
N ASN A 591 40.70 4.04 -26.10
CA ASN A 591 39.51 3.82 -25.30
C ASN A 591 39.44 2.38 -24.84
N GLU A 592 38.86 2.18 -23.66
CA GLU A 592 38.73 0.87 -23.05
C GLU A 592 37.41 0.20 -23.37
N PHE A 593 36.57 0.83 -24.20
CA PHE A 593 35.23 0.32 -24.49
C PHE A 593 35.27 -0.66 -25.65
N GLY A 594 35.82 -1.83 -25.35
CA GLY A 594 35.66 -2.97 -26.23
C GLY A 594 34.24 -3.47 -26.15
N ILE A 595 34.02 -4.74 -26.50
CA ILE A 595 32.70 -5.33 -26.39
C ILE A 595 32.47 -5.94 -25.02
N PHE A 596 33.50 -6.61 -24.50
CA PHE A 596 33.42 -7.21 -23.18
C PHE A 596 33.14 -6.16 -22.12
N ASN A 597 33.92 -5.08 -22.14
CA ASN A 597 33.71 -4.01 -21.18
C ASN A 597 32.41 -3.27 -21.44
N SER A 598 31.97 -3.21 -22.68
CA SER A 598 30.69 -2.58 -22.97
C SER A 598 29.55 -3.35 -22.32
N LEU A 599 29.58 -4.68 -22.45
CA LEU A 599 28.58 -5.50 -21.79
C LEU A 599 28.67 -5.37 -20.28
N TRP A 600 29.90 -5.32 -19.75
CA TRP A 600 30.07 -5.17 -18.31
C TRP A 600 29.48 -3.86 -17.81
N PHE A 601 29.74 -2.77 -18.54
CA PHE A 601 29.21 -1.48 -18.14
C PHE A 601 27.69 -1.44 -18.23
N SER A 602 27.14 -1.96 -19.32
CA SER A 602 25.69 -1.97 -19.47
C SER A 602 25.03 -2.77 -18.36
N LEU A 603 25.65 -3.89 -17.97
CA LEU A 603 25.10 -4.68 -16.88
C LEU A 603 25.27 -3.98 -15.54
N GLY A 604 26.38 -3.28 -15.35
CA GLY A 604 26.63 -2.61 -14.09
C GLY A 604 25.77 -1.39 -13.89
N ALA A 605 25.13 -0.90 -14.95
CA ALA A 605 24.21 0.21 -14.84
C ALA A 605 22.75 -0.24 -14.77
N PHE A 606 22.45 -1.46 -15.20
CA PHE A 606 21.09 -1.95 -15.04
C PHE A 606 20.82 -2.39 -13.62
N MET A 607 21.84 -2.86 -12.91
CA MET A 607 21.70 -3.27 -11.53
C MET A 607 21.91 -2.12 -10.57
N GLN A 608 22.12 -0.92 -11.08
CA GLN A 608 22.32 0.30 -10.31
C GLN A 608 23.64 0.30 -9.56
N GLN A 609 24.49 -0.69 -9.78
CA GLN A 609 25.80 -0.72 -9.13
C GLN A 609 26.72 0.26 -9.87
N GLY A 610 28.01 0.19 -9.57
CA GLY A 610 28.96 1.12 -10.12
C GLY A 610 29.39 0.75 -11.53
N CYS A 611 30.43 1.44 -11.98
CA CYS A 611 31.03 1.18 -13.28
C CYS A 611 32.44 1.72 -13.23
N ASP A 612 33.43 0.84 -13.37
CA ASP A 612 34.81 1.27 -13.23
C ASP A 612 35.22 2.25 -14.32
N ILE A 613 34.42 2.36 -15.38
CA ILE A 613 34.67 3.29 -16.47
C ILE A 613 33.36 4.01 -16.78
N SER A 614 33.45 5.02 -17.64
CA SER A 614 32.27 5.69 -18.15
C SER A 614 32.59 6.24 -19.53
N PRO A 615 31.59 6.39 -20.39
CA PRO A 615 31.87 6.91 -21.73
C PRO A 615 32.45 8.32 -21.66
N ARG A 616 33.34 8.61 -22.61
CA ARG A 616 34.02 9.89 -22.65
C ARG A 616 33.66 10.72 -23.86
N SER A 617 33.19 10.11 -24.93
CA SER A 617 32.72 10.82 -26.12
C SER A 617 31.24 11.15 -26.01
N LEU A 618 30.79 12.05 -26.88
CA LEU A 618 29.39 12.42 -26.90
C LEU A 618 28.51 11.26 -27.31
N SER A 619 28.93 10.53 -28.33
CA SER A 619 28.08 9.51 -28.92
C SER A 619 27.99 8.26 -28.05
N GLY A 620 28.90 8.08 -27.11
CA GLY A 620 28.76 7.03 -26.14
C GLY A 620 28.01 7.52 -24.92
N ARG A 621 28.09 8.82 -24.67
CA ARG A 621 27.43 9.40 -23.52
C ARG A 621 25.92 9.46 -23.73
N ILE A 622 25.48 9.71 -24.96
CA ILE A 622 24.04 9.64 -25.24
C ILE A 622 23.51 8.25 -24.89
N VAL A 623 24.22 7.22 -25.34
CA VAL A 623 23.79 5.85 -25.07
C VAL A 623 23.78 5.58 -23.58
N GLY A 624 24.85 5.98 -22.89
CA GLY A 624 24.89 5.77 -21.46
C GLY A 624 23.74 6.43 -20.75
N GLY A 625 23.45 7.68 -21.10
CA GLY A 625 22.37 8.39 -20.43
C GLY A 625 21.01 7.79 -20.70
N VAL A 626 20.73 7.43 -21.94
CA VAL A 626 19.42 6.88 -22.25
C VAL A 626 19.28 5.49 -21.63
N TRP A 627 20.36 4.72 -21.56
CA TRP A 627 20.33 3.44 -20.88
C TRP A 627 20.08 3.63 -19.38
N TRP A 628 20.67 4.67 -18.80
CA TRP A 628 20.40 4.96 -17.40
C TRP A 628 18.94 5.31 -17.18
N PHE A 629 18.37 6.11 -18.08
CA PHE A 629 16.95 6.43 -17.97
C PHE A 629 16.10 5.18 -18.07
N PHE A 630 16.41 4.31 -19.01
CA PHE A 630 15.66 3.07 -19.18
C PHE A 630 15.73 2.21 -17.93
N THR A 631 16.93 2.01 -17.40
CA THR A 631 17.06 1.15 -16.24
C THR A 631 16.42 1.77 -15.02
N LEU A 632 16.52 3.08 -14.86
CA LEU A 632 15.82 3.74 -13.76
C LEU A 632 14.34 3.44 -13.82
N ILE A 633 13.72 3.65 -14.99
CA ILE A 633 12.30 3.41 -15.11
C ILE A 633 11.97 1.96 -14.78
N ILE A 634 12.70 1.03 -15.40
CA ILE A 634 12.35 -0.39 -15.27
C ILE A 634 12.54 -0.86 -13.84
N ILE A 635 13.66 -0.49 -13.22
CA ILE A 635 13.96 -0.94 -11.87
C ILE A 635 12.99 -0.36 -10.87
N SER A 636 12.66 0.93 -11.01
CA SER A 636 11.66 1.50 -10.11
C SER A 636 10.33 0.79 -10.27
N SER A 637 9.92 0.52 -11.50
CA SER A 637 8.69 -0.21 -11.75
C SER A 637 8.73 -1.57 -11.08
N TYR A 638 9.81 -2.31 -11.26
CA TYR A 638 9.93 -3.64 -10.71
C TYR A 638 9.85 -3.60 -9.19
N THR A 639 10.60 -2.69 -8.58
CA THR A 639 10.63 -2.60 -7.13
C THR A 639 9.25 -2.27 -6.58
N ALA A 640 8.57 -1.29 -7.17
CA ALA A 640 7.25 -0.90 -6.70
C ALA A 640 6.26 -2.06 -6.83
N ASN A 641 6.24 -2.70 -7.99
CA ASN A 641 5.28 -3.78 -8.18
C ASN A 641 5.63 -4.99 -7.31
N LEU A 642 6.90 -5.18 -6.99
CA LEU A 642 7.27 -6.24 -6.05
C LEU A 642 6.75 -5.93 -4.67
N ALA A 643 6.93 -4.68 -4.22
CA ALA A 643 6.32 -4.27 -2.97
C ALA A 643 4.84 -4.57 -2.98
N ALA A 644 4.18 -4.30 -4.10
CA ALA A 644 2.75 -4.56 -4.19
C ALA A 644 2.45 -6.05 -4.06
N PHE A 645 3.23 -6.90 -4.74
CA PHE A 645 2.98 -8.33 -4.72
C PHE A 645 3.17 -8.91 -3.33
N LEU A 646 4.24 -8.50 -2.63
CA LEU A 646 4.51 -9.09 -1.33
C LEU A 646 3.37 -8.84 -0.36
N THR A 647 2.86 -7.61 -0.30
CA THR A 647 1.67 -7.32 0.50
C THR A 647 0.41 -7.44 -0.33
N VAL A 648 0.26 -8.58 -1.00
CA VAL A 648 -0.91 -8.86 -1.82
C VAL A 648 -1.97 -9.52 -0.95
N GLU A 649 -3.17 -8.97 -0.97
CA GLU A 649 -4.27 -9.52 -0.19
C GLU A 649 -4.69 -10.88 -0.76
N ARG A 650 -5.01 -11.81 0.14
CA ARG A 650 -5.44 -13.13 -0.27
C ARG A 650 -6.76 -13.03 -1.04
N MET A 651 -6.99 -14.03 -1.90
CA MET A 651 -8.19 -14.04 -2.72
C MET A 651 -9.44 -13.98 -1.86
N VAL A 652 -10.16 -12.86 -1.94
CA VAL A 652 -11.39 -12.68 -1.18
C VAL A 652 -12.53 -13.16 -2.08
N SER A 653 -13.00 -14.38 -1.82
CA SER A 653 -14.05 -14.94 -2.65
C SER A 653 -15.33 -14.12 -2.50
N PRO A 654 -16.12 -13.96 -3.56
CA PRO A 654 -17.36 -13.19 -3.45
C PRO A 654 -18.51 -13.94 -2.78
N ILE A 655 -18.24 -15.08 -2.17
CA ILE A 655 -19.27 -15.86 -1.51
C ILE A 655 -19.19 -15.71 0.02
N GLU A 656 -18.62 -14.60 0.49
CA GLU A 656 -18.39 -14.44 1.93
C GLU A 656 -19.69 -14.51 2.72
N SER A 657 -20.73 -13.86 2.22
CA SER A 657 -21.99 -13.75 2.93
C SER A 657 -23.05 -14.64 2.28
N ALA A 658 -24.02 -15.07 3.10
CA ALA A 658 -25.14 -15.84 2.57
C ALA A 658 -25.97 -14.99 1.61
N GLU A 659 -26.19 -13.72 1.94
CA GLU A 659 -26.89 -12.83 1.03
C GLU A 659 -26.14 -12.68 -0.28
N ASP A 660 -24.81 -12.50 -0.21
CA ASP A 660 -24.01 -12.43 -1.42
C ASP A 660 -24.05 -13.76 -2.18
N LEU A 661 -23.97 -14.87 -1.45
CA LEU A 661 -24.02 -16.18 -2.08
C LEU A 661 -25.37 -16.45 -2.73
N ALA A 662 -26.42 -15.76 -2.30
CA ALA A 662 -27.74 -15.93 -2.88
C ALA A 662 -27.98 -15.00 -4.05
N LYS A 663 -27.49 -13.76 -3.95
CA LYS A 663 -27.58 -12.84 -5.09
C LYS A 663 -26.76 -13.33 -6.27
N GLN A 664 -25.68 -14.06 -6.02
CA GLN A 664 -24.85 -14.60 -7.08
C GLN A 664 -25.56 -15.77 -7.75
N THR A 665 -26.60 -15.48 -8.53
CA THR A 665 -27.33 -16.54 -9.21
C THR A 665 -26.48 -17.22 -10.30
N GLU A 666 -25.39 -16.59 -10.72
CA GLU A 666 -24.46 -17.27 -11.63
C GLU A 666 -23.96 -18.57 -11.02
N ILE A 667 -23.96 -18.65 -9.68
CA ILE A 667 -23.66 -19.88 -8.96
C ILE A 667 -24.97 -20.40 -8.37
N ALA A 668 -25.34 -21.61 -8.73
CA ALA A 668 -26.55 -22.22 -8.19
C ALA A 668 -26.28 -22.77 -6.80
N TYR A 669 -27.33 -22.75 -5.97
CA TYR A 669 -27.21 -23.19 -4.59
C TYR A 669 -28.49 -23.89 -4.17
N GLY A 670 -28.35 -24.87 -3.28
CA GLY A 670 -29.49 -25.61 -2.78
C GLY A 670 -29.17 -26.28 -1.47
N THR A 671 -30.22 -26.75 -0.81
CA THR A 671 -30.13 -27.42 0.47
C THR A 671 -30.53 -28.88 0.32
N LEU A 672 -29.91 -29.73 1.14
CA LEU A 672 -30.17 -31.15 1.07
C LEU A 672 -31.65 -31.45 1.28
N GLU A 673 -32.20 -32.30 0.43
CA GLU A 673 -33.62 -32.62 0.45
C GLU A 673 -33.89 -33.76 1.44
N ALA A 674 -35.06 -33.68 2.08
CA ALA A 674 -35.48 -34.65 3.08
C ALA A 674 -34.59 -34.56 4.33
N GLY A 675 -34.23 -33.34 4.72
CA GLY A 675 -33.41 -33.12 5.89
C GLY A 675 -33.94 -31.97 6.71
N SER A 676 -33.40 -31.86 7.93
CA SER A 676 -33.87 -30.82 8.84
C SER A 676 -33.49 -29.44 8.37
N THR A 677 -32.33 -29.29 7.71
CA THR A 677 -31.95 -27.98 7.18
C THR A 677 -32.94 -27.53 6.11
N LYS A 678 -33.38 -28.45 5.25
CA LYS A 678 -34.39 -28.11 4.26
C LYS A 678 -35.67 -27.66 4.95
N GLU A 679 -36.05 -28.34 6.02
CA GLU A 679 -37.23 -27.93 6.78
C GLU A 679 -37.04 -26.54 7.36
N PHE A 680 -35.86 -26.24 7.88
CA PHE A 680 -35.59 -24.93 8.44
C PHE A 680 -35.75 -23.84 7.37
N PHE A 681 -35.14 -24.05 6.21
CA PHE A 681 -35.28 -23.07 5.14
C PHE A 681 -36.71 -22.98 4.65
N ARG A 682 -37.45 -24.09 4.73
CA ARG A 682 -38.88 -24.05 4.43
C ARG A 682 -39.61 -23.12 5.38
N ARG A 683 -39.24 -23.16 6.66
CA ARG A 683 -39.86 -22.32 7.68
C ARG A 683 -39.04 -21.08 7.99
N SER A 684 -37.92 -20.87 7.30
CA SER A 684 -37.13 -19.67 7.52
C SER A 684 -37.97 -18.43 7.22
N LYS A 685 -37.86 -17.44 8.11
CA LYS A 685 -38.64 -16.22 8.01
C LYS A 685 -37.81 -14.98 7.69
N ILE A 686 -36.48 -15.06 7.82
CA ILE A 686 -35.66 -13.88 7.56
C ILE A 686 -35.60 -13.60 6.07
N ALA A 687 -35.28 -12.35 5.73
CA ALA A 687 -35.33 -11.91 4.35
C ALA A 687 -34.39 -12.72 3.47
N VAL A 688 -33.13 -12.86 3.89
CA VAL A 688 -32.15 -13.56 3.06
C VAL A 688 -32.55 -15.01 2.89
N PHE A 689 -32.98 -15.66 3.99
CA PHE A 689 -33.38 -17.06 3.90
C PHE A 689 -34.64 -17.22 3.06
N GLU A 690 -35.58 -16.29 3.18
CA GLU A 690 -36.79 -16.35 2.36
C GLU A 690 -36.44 -16.24 0.88
N LYS A 691 -35.56 -15.30 0.53
CA LYS A 691 -35.18 -15.14 -0.87
C LYS A 691 -34.44 -16.37 -1.38
N MET A 692 -33.53 -16.93 -0.58
CA MET A 692 -32.82 -18.13 -0.99
C MET A 692 -33.79 -19.29 -1.17
N TRP A 693 -34.78 -19.40 -0.28
CA TRP A 693 -35.77 -20.47 -0.40
C TRP A 693 -36.60 -20.31 -1.66
N THR A 694 -37.00 -19.08 -1.97
CA THR A 694 -37.75 -18.83 -3.20
C THR A 694 -36.92 -19.21 -4.42
N TYR A 695 -35.63 -18.84 -4.42
CA TYR A 695 -34.76 -19.19 -5.52
C TYR A 695 -34.63 -20.70 -5.67
N MET A 696 -34.46 -21.41 -4.55
CA MET A 696 -34.22 -22.85 -4.59
C MET A 696 -35.48 -23.66 -4.73
N LYS A 697 -36.65 -23.04 -4.61
CA LYS A 697 -37.90 -23.80 -4.71
C LYS A 697 -38.04 -24.47 -6.06
N SER A 698 -37.73 -23.74 -7.14
CA SER A 698 -37.84 -24.27 -8.50
C SER A 698 -36.61 -23.82 -9.28
N ALA A 699 -35.73 -24.78 -9.58
CA ALA A 699 -34.54 -24.50 -10.38
C ALA A 699 -34.11 -25.78 -11.07
N GLU A 700 -33.72 -25.67 -12.34
CA GLU A 700 -33.36 -26.82 -13.15
C GLU A 700 -31.88 -26.76 -13.50
N PRO A 701 -31.11 -27.83 -13.24
CA PRO A 701 -31.53 -29.09 -12.62
C PRO A 701 -31.84 -28.93 -11.14
N SER A 702 -32.46 -29.94 -10.53
CA SER A 702 -32.89 -29.86 -9.15
C SER A 702 -31.72 -29.47 -8.25
N VAL A 703 -31.81 -28.28 -7.64
CA VAL A 703 -30.75 -27.85 -6.72
C VAL A 703 -30.69 -28.74 -5.49
N PHE A 704 -31.79 -29.44 -5.18
CA PHE A 704 -31.76 -30.37 -4.07
C PHE A 704 -30.92 -31.59 -4.41
N VAL A 705 -30.57 -32.35 -3.39
CA VAL A 705 -29.70 -33.52 -3.53
C VAL A 705 -30.20 -34.61 -2.61
N ARG A 706 -29.75 -35.84 -2.87
CA ARG A 706 -30.19 -37.00 -2.11
C ARG A 706 -29.30 -37.26 -0.89
N THR A 707 -27.98 -37.37 -1.11
CA THR A 707 -27.05 -37.72 -0.05
C THR A 707 -25.93 -36.70 0.01
N THR A 708 -25.27 -36.66 1.17
CA THR A 708 -24.19 -35.69 1.38
C THR A 708 -23.06 -35.92 0.39
N GLU A 709 -22.69 -37.18 0.14
CA GLU A 709 -21.67 -37.47 -0.85
C GLU A 709 -22.10 -36.96 -2.22
N GLU A 710 -23.40 -37.05 -2.51
CA GLU A 710 -23.90 -36.57 -3.80
C GLU A 710 -23.67 -35.07 -3.94
N GLY A 711 -23.98 -34.30 -2.89
CA GLY A 711 -23.76 -32.87 -2.95
C GLY A 711 -22.29 -32.52 -3.01
N MET A 712 -21.46 -33.26 -2.27
CA MET A 712 -20.02 -33.04 -2.32
C MET A 712 -19.49 -33.22 -3.74
N ILE A 713 -19.85 -34.32 -4.39
CA ILE A 713 -19.38 -34.54 -5.74
C ILE A 713 -19.98 -33.51 -6.69
N ARG A 714 -21.24 -33.10 -6.45
CA ARG A 714 -21.87 -32.11 -7.31
C ARG A 714 -21.10 -30.80 -7.29
N VAL A 715 -20.70 -30.34 -6.11
CA VAL A 715 -19.89 -29.13 -6.04
C VAL A 715 -18.50 -29.38 -6.62
N ARG A 716 -17.96 -30.58 -6.41
CA ARG A 716 -16.63 -30.89 -6.93
C ARG A 716 -16.57 -30.75 -8.44
N LYS A 717 -17.48 -31.42 -9.14
CA LYS A 717 -17.43 -31.42 -10.60
C LYS A 717 -17.73 -30.04 -11.17
N SER A 718 -18.71 -29.34 -10.58
CA SER A 718 -19.06 -28.01 -11.07
C SER A 718 -17.85 -27.09 -11.04
N LYS A 719 -17.69 -26.30 -12.09
CA LYS A 719 -16.58 -25.37 -12.19
C LYS A 719 -16.89 -24.11 -11.40
N GLY A 720 -17.23 -24.28 -10.12
CA GLY A 720 -17.57 -23.14 -9.30
C GLY A 720 -18.94 -22.57 -9.55
N LYS A 721 -19.75 -23.22 -10.36
CA LYS A 721 -21.09 -22.76 -10.70
C LYS A 721 -22.15 -23.31 -9.74
N TYR A 722 -21.73 -24.00 -8.68
CA TYR A 722 -22.66 -24.64 -7.75
C TYR A 722 -22.26 -24.33 -6.32
N ALA A 723 -23.26 -24.24 -5.45
CA ALA A 723 -23.07 -24.04 -4.02
C ALA A 723 -23.93 -25.03 -3.25
N TYR A 724 -23.53 -25.28 -2.00
CA TYR A 724 -24.13 -26.33 -1.19
C TYR A 724 -24.25 -25.86 0.26
N LEU A 725 -25.34 -26.26 0.91
CA LEU A 725 -25.57 -25.96 2.32
C LEU A 725 -25.46 -27.26 3.11
N LEU A 726 -24.72 -27.21 4.22
CA LEU A 726 -24.42 -28.42 4.98
C LEU A 726 -24.10 -28.05 6.42
N GLU A 727 -24.30 -29.02 7.31
CA GLU A 727 -23.94 -28.86 8.71
C GLU A 727 -22.47 -28.49 8.84
N SER A 728 -22.10 -27.88 9.96
CA SER A 728 -20.76 -27.34 10.13
C SER A 728 -19.75 -28.38 10.60
N THR A 729 -20.17 -29.62 10.84
CA THR A 729 -19.27 -30.68 11.27
C THR A 729 -18.76 -31.51 10.10
N MET A 730 -19.68 -32.02 9.29
CA MET A 730 -19.29 -32.82 8.13
C MET A 730 -18.51 -31.98 7.13
N ASN A 731 -18.90 -30.73 6.95
CA ASN A 731 -18.17 -29.83 6.06
C ASN A 731 -16.71 -29.74 6.47
N GLU A 732 -16.46 -29.46 7.75
CA GLU A 732 -15.09 -29.36 8.22
C GLU A 732 -14.38 -30.70 8.09
N TYR A 733 -15.08 -31.80 8.38
CA TYR A 733 -14.43 -33.11 8.32
C TYR A 733 -13.95 -33.43 6.92
N ILE A 734 -14.78 -33.16 5.91
CA ILE A 734 -14.38 -33.53 4.55
C ILE A 734 -13.43 -32.49 3.96
N GLU A 735 -13.55 -31.23 4.37
CA GLU A 735 -12.54 -30.24 3.98
C GLU A 735 -11.16 -30.64 4.46
N GLN A 736 -11.09 -31.50 5.47
CA GLN A 736 -9.84 -32.06 5.97
C GLN A 736 -9.44 -33.34 5.26
N ARG A 737 -10.34 -33.96 4.50
CA ARG A 737 -10.08 -35.24 3.84
C ARG A 737 -9.56 -35.02 2.42
N LYS A 738 -8.58 -35.82 2.04
CA LYS A 738 -8.08 -35.78 0.68
C LYS A 738 -9.10 -36.40 -0.28
N PRO A 739 -9.37 -35.76 -1.43
CA PRO A 739 -8.80 -34.49 -1.87
C PRO A 739 -9.40 -33.29 -1.14
N CYS A 740 -8.57 -32.32 -0.84
CA CYS A 740 -9.01 -31.10 -0.16
C CYS A 740 -9.28 -30.00 -1.18
N ASP A 741 -10.24 -30.27 -2.06
CA ASP A 741 -10.65 -29.33 -3.09
C ASP A 741 -11.95 -28.61 -2.73
N THR A 742 -12.44 -28.79 -1.51
CA THR A 742 -13.65 -28.13 -1.02
C THR A 742 -13.27 -27.17 0.09
N MET A 743 -13.97 -26.04 0.17
CA MET A 743 -13.59 -24.98 1.10
C MET A 743 -14.82 -24.26 1.57
N LYS A 744 -14.98 -24.16 2.89
CA LYS A 744 -16.11 -23.47 3.49
C LYS A 744 -15.89 -21.96 3.46
N VAL A 745 -16.97 -21.23 3.19
CA VAL A 745 -16.94 -19.78 3.10
C VAL A 745 -18.01 -19.22 4.02
N GLY A 746 -17.71 -18.10 4.67
CA GLY A 746 -18.60 -17.51 5.63
C GLY A 746 -18.55 -18.24 6.96
N GLY A 747 -19.33 -17.74 7.91
CA GLY A 747 -19.47 -18.34 9.21
C GLY A 747 -20.79 -19.07 9.33
N ASN A 748 -20.95 -19.77 10.45
CA ASN A 748 -22.20 -20.47 10.73
C ASN A 748 -23.36 -19.50 10.72
N LEU A 749 -24.44 -19.88 10.04
CA LEU A 749 -25.61 -19.02 9.92
C LEU A 749 -26.48 -19.07 11.17
N ASP A 750 -26.45 -20.19 11.89
CA ASP A 750 -27.24 -20.32 13.11
C ASP A 750 -26.59 -21.36 14.01
N SER A 751 -26.86 -21.25 15.30
CA SER A 751 -26.34 -22.16 16.30
C SER A 751 -27.42 -23.17 16.68
N LYS A 752 -27.06 -24.45 16.65
CA LYS A 752 -27.98 -25.52 17.00
C LYS A 752 -27.14 -26.67 17.56
N GLY A 753 -27.75 -27.85 17.66
CA GLY A 753 -27.04 -28.99 18.19
C GLY A 753 -27.71 -30.30 17.86
N TYR A 754 -26.92 -31.36 17.92
CA TYR A 754 -27.42 -32.71 17.73
C TYR A 754 -28.11 -33.16 19.03
N GLY A 755 -28.41 -34.44 19.14
CA GLY A 755 -29.13 -34.93 20.29
C GLY A 755 -29.36 -36.42 20.27
N ILE A 756 -29.35 -37.03 21.45
CA ILE A 756 -29.64 -38.44 21.60
C ILE A 756 -31.14 -38.59 21.75
N ALA A 757 -31.81 -38.91 20.66
CA ALA A 757 -33.26 -39.00 20.66
C ALA A 757 -33.71 -40.26 21.40
N THR A 758 -35.03 -40.33 21.65
CA THR A 758 -35.61 -41.42 22.39
C THR A 758 -37.10 -41.42 22.16
N PRO A 759 -37.75 -42.58 22.01
CA PRO A 759 -39.19 -42.60 21.79
C PRO A 759 -39.93 -41.85 22.88
N LYS A 760 -40.91 -41.05 22.48
CA LYS A 760 -41.73 -40.33 23.44
C LYS A 760 -42.36 -41.32 24.42
N GLY A 761 -42.27 -41.00 25.71
CA GLY A 761 -42.74 -41.90 26.73
C GLY A 761 -41.83 -43.06 27.03
N SER A 762 -40.61 -43.06 26.49
CA SER A 762 -39.70 -44.16 26.72
C SER A 762 -39.19 -44.14 28.15
N ALA A 763 -38.70 -45.30 28.60
CA ALA A 763 -38.16 -45.46 29.94
C ALA A 763 -36.66 -45.18 30.01
N LEU A 764 -36.00 -44.96 28.88
CA LEU A 764 -34.57 -44.68 28.82
C LEU A 764 -34.31 -43.20 28.56
N ARG A 765 -35.11 -42.31 29.16
CA ARG A 765 -35.00 -40.89 28.92
C ARG A 765 -34.09 -40.20 29.94
N GLY A 766 -34.39 -40.37 31.23
CA GLY A 766 -33.58 -39.78 32.28
C GLY A 766 -32.17 -40.32 32.31
N PRO A 767 -32.03 -41.64 32.25
CA PRO A 767 -30.68 -42.23 32.29
C PRO A 767 -29.78 -41.72 31.18
N VAL A 768 -30.31 -41.59 29.96
CA VAL A 768 -29.49 -41.13 28.86
C VAL A 768 -29.11 -39.67 29.04
N ASN A 769 -30.03 -38.87 29.58
CA ASN A 769 -29.71 -37.47 29.84
C ASN A 769 -28.57 -37.36 30.84
N LEU A 770 -28.67 -38.09 31.95
CA LEU A 770 -27.58 -38.09 32.92
C LEU A 770 -26.29 -38.61 32.31
N ALA A 771 -26.40 -39.61 31.43
CA ALA A 771 -25.21 -40.17 30.78
C ALA A 771 -24.52 -39.13 29.93
N VAL A 772 -25.28 -38.42 29.09
CA VAL A 772 -24.67 -37.43 28.21
C VAL A 772 -24.08 -36.30 29.03
N LEU A 773 -24.76 -35.91 30.12
CA LEU A 773 -24.20 -34.86 30.97
C LEU A 773 -22.88 -35.30 31.59
N LYS A 774 -22.82 -36.53 32.09
CA LYS A 774 -21.58 -37.03 32.68
C LYS A 774 -20.48 -37.10 31.63
N LEU A 775 -20.81 -37.55 30.42
CA LEU A 775 -19.80 -37.68 29.38
C LEU A 775 -19.33 -36.33 28.89
N SER A 776 -20.18 -35.30 28.95
CA SER A 776 -19.76 -33.96 28.57
C SER A 776 -18.93 -33.29 29.64
N GLU A 777 -19.30 -33.52 30.91
CA GLU A 777 -18.52 -32.98 32.02
C GLU A 777 -17.10 -33.52 31.99
N GLN A 778 -16.96 -34.83 31.90
CA GLN A 778 -15.66 -35.42 31.66
C GLN A 778 -15.17 -35.04 30.26
N GLY A 779 -13.85 -34.97 30.11
CA GLY A 779 -13.26 -34.66 28.83
C GLY A 779 -13.29 -35.79 27.83
N VAL A 780 -14.00 -36.87 28.16
CA VAL A 780 -14.08 -38.02 27.26
C VAL A 780 -14.59 -37.59 25.90
N LEU A 781 -15.68 -36.80 25.88
CA LEU A 781 -16.28 -36.43 24.61
C LEU A 781 -15.38 -35.48 23.82
N ASP A 782 -14.77 -34.53 24.50
CA ASP A 782 -13.80 -33.67 23.84
C ASP A 782 -12.64 -34.51 23.33
N LYS A 783 -12.23 -35.53 24.08
CA LYS A 783 -11.17 -36.42 23.61
C LYS A 783 -11.58 -37.13 22.33
N LEU A 784 -12.81 -37.65 22.28
CA LEU A 784 -13.28 -38.33 21.08
C LEU A 784 -13.26 -37.38 19.89
N LYS A 785 -13.79 -36.18 20.07
CA LYS A 785 -13.86 -35.24 18.96
C LYS A 785 -12.46 -34.86 18.49
N SER A 786 -11.56 -34.58 19.43
CA SER A 786 -10.20 -34.21 19.05
C SER A 786 -9.51 -35.35 18.32
N LYS A 787 -9.72 -36.58 18.77
CA LYS A 787 -9.06 -37.71 18.14
C LYS A 787 -9.58 -37.94 16.73
N TRP A 788 -10.89 -37.86 16.53
CA TRP A 788 -11.51 -38.30 15.28
C TRP A 788 -11.91 -37.13 14.39
N TRP A 789 -11.47 -35.91 14.69
CA TRP A 789 -11.57 -34.81 13.75
C TRP A 789 -10.23 -34.16 13.46
N TYR A 790 -9.39 -33.94 14.46
CA TYR A 790 -8.14 -33.23 14.28
C TYR A 790 -6.94 -34.16 14.16
N ASP A 791 -7.01 -35.37 14.70
CA ASP A 791 -5.88 -36.29 14.64
C ASP A 791 -5.68 -36.87 13.24
N LYS A 792 -6.70 -36.78 12.37
CA LYS A 792 -6.58 -37.36 11.04
C LYS A 792 -5.62 -36.56 10.17
N GLY A 793 -5.96 -35.30 9.89
CA GLY A 793 -5.09 -34.42 9.15
C GLY A 793 -4.63 -34.97 7.82
N GLU A 794 -5.55 -35.13 6.87
CA GLU A 794 -5.18 -35.67 5.57
C GLU A 794 -4.29 -34.71 4.80
N CYS A 795 -4.67 -33.43 4.77
CA CYS A 795 -3.94 -32.40 4.07
C CYS A 795 -3.60 -31.28 5.06
N GLY A 796 -2.34 -30.87 5.07
CA GLY A 796 -1.90 -29.81 5.97
C GLY A 796 -1.80 -30.29 7.41
N LYS A 805 -1.27 -8.90 6.68
CA LYS A 805 -0.64 -7.68 6.18
C LYS A 805 0.86 -7.72 6.41
N THR A 806 1.27 -7.93 7.66
CA THR A 806 2.67 -8.00 8.03
C THR A 806 3.05 -9.45 8.31
N SER A 807 4.14 -9.89 7.70
CA SER A 807 4.63 -11.25 7.88
C SER A 807 6.01 -11.36 7.25
N ALA A 808 6.89 -12.12 7.89
CA ALA A 808 8.24 -12.28 7.40
C ALA A 808 8.23 -12.99 6.05
N LEU A 809 9.41 -13.17 5.47
CA LEU A 809 9.56 -13.76 4.16
C LEU A 809 10.24 -15.12 4.31
N SER A 810 9.60 -16.16 3.81
CA SER A 810 10.10 -17.52 3.98
C SER A 810 11.11 -17.84 2.89
N LEU A 811 12.08 -18.69 3.24
CA LEU A 811 13.14 -19.03 2.32
C LEU A 811 12.60 -19.71 1.07
N SER A 812 11.46 -20.39 1.18
CA SER A 812 10.88 -21.03 0.01
C SER A 812 10.53 -20.00 -1.06
N ASN A 813 10.20 -18.77 -0.65
CA ASN A 813 9.75 -17.78 -1.61
C ASN A 813 10.84 -17.36 -2.57
N VAL A 814 12.10 -17.33 -2.12
CA VAL A 814 13.19 -16.77 -2.91
C VAL A 814 14.26 -17.80 -3.23
N ALA A 815 13.97 -19.09 -3.06
CA ALA A 815 14.98 -20.11 -3.27
C ALA A 815 15.57 -20.05 -4.67
N GLY A 816 14.78 -19.61 -5.65
CA GLY A 816 15.26 -19.57 -7.01
C GLY A 816 16.52 -18.73 -7.16
N VAL A 817 16.63 -17.66 -6.37
CA VAL A 817 17.80 -16.82 -6.46
C VAL A 817 19.04 -17.60 -6.05
N PHE A 818 18.92 -18.41 -5.01
CA PHE A 818 20.06 -19.20 -4.56
C PHE A 818 20.40 -20.29 -5.56
N TYR A 819 19.38 -20.91 -6.16
CA TYR A 819 19.65 -21.87 -7.23
C TYR A 819 20.45 -21.21 -8.35
N ILE A 820 20.01 -20.02 -8.77
CA ILE A 820 20.68 -19.29 -9.83
C ILE A 820 22.11 -18.95 -9.43
N LEU A 821 22.30 -18.51 -8.18
CA LEU A 821 23.62 -18.15 -7.71
C LEU A 821 24.57 -19.33 -7.76
N ILE A 822 24.11 -20.50 -7.31
CA ILE A 822 24.97 -21.67 -7.32
C ILE A 822 25.29 -22.08 -8.75
N GLY A 823 24.31 -22.03 -9.64
CA GLY A 823 24.58 -22.32 -11.04
C GLY A 823 25.64 -21.39 -11.59
N GLY A 824 25.55 -20.10 -11.24
CA GLY A 824 26.52 -19.14 -11.73
C GLY A 824 27.91 -19.41 -11.20
N LEU A 825 28.02 -19.75 -9.92
CA LEU A 825 29.34 -20.05 -9.36
C LEU A 825 29.96 -21.28 -10.03
N GLY A 826 29.15 -22.33 -10.22
CA GLY A 826 29.68 -23.50 -10.89
C GLY A 826 30.15 -23.20 -12.29
N LEU A 827 29.34 -22.46 -13.05
CA LEU A 827 29.72 -22.09 -14.40
C LEU A 827 30.99 -21.24 -14.40
N ALA A 828 31.12 -20.35 -13.42
CA ALA A 828 32.29 -19.50 -13.34
C ALA A 828 33.55 -20.30 -13.09
N MET A 829 33.49 -21.25 -12.17
CA MET A 829 34.69 -22.07 -11.92
C MET A 829 35.01 -22.93 -13.14
N LEU A 830 33.98 -23.42 -13.83
CA LEU A 830 34.21 -24.15 -15.07
C LEU A 830 34.97 -23.28 -16.06
N VAL A 831 34.52 -22.05 -16.25
CA VAL A 831 35.16 -21.14 -17.20
C VAL A 831 36.57 -20.83 -16.77
N ALA A 832 36.80 -20.74 -15.46
CA ALA A 832 38.15 -20.49 -14.96
C ALA A 832 39.06 -21.66 -15.31
N LEU A 833 38.58 -22.89 -15.15
CA LEU A 833 39.36 -24.05 -15.55
C LEU A 833 39.69 -23.99 -17.03
N ILE A 834 38.71 -23.62 -17.85
CA ILE A 834 38.93 -23.54 -19.29
C ILE A 834 40.01 -22.50 -19.60
N GLU A 835 39.92 -21.33 -18.96
CA GLU A 835 40.90 -20.29 -19.21
C GLU A 835 42.29 -20.72 -18.76
N PHE A 836 42.35 -21.46 -17.65
CA PHE A 836 43.63 -21.96 -17.16
C PHE A 836 44.25 -22.91 -18.17
N CYS A 837 43.44 -23.82 -18.73
CA CYS A 837 43.95 -24.74 -19.74
C CYS A 837 44.43 -23.99 -20.98
N TYR A 838 43.66 -23.00 -21.44
CA TYR A 838 44.10 -22.22 -22.60
C TYR A 838 45.41 -21.50 -22.32
N LYS A 839 45.53 -20.90 -21.14
CA LYS A 839 46.76 -20.19 -20.80
C LYS A 839 47.95 -21.16 -20.76
N SER A 840 47.75 -22.35 -20.19
CA SER A 840 48.83 -23.32 -20.13
C SER A 840 49.27 -23.74 -21.53
N ARG A 841 48.32 -23.99 -22.43
CA ARG A 841 48.62 -24.39 -23.78
C ARG A 841 48.78 -23.17 -24.69
N VAL B 416 -46.01 -17.21 37.89
CA VAL B 416 -44.89 -17.75 38.65
C VAL B 416 -44.03 -16.61 39.16
N VAL B 417 -42.79 -16.94 39.55
CA VAL B 417 -41.83 -15.95 40.02
C VAL B 417 -40.52 -16.15 39.25
N VAL B 418 -40.01 -15.07 38.67
CA VAL B 418 -38.81 -15.09 37.86
C VAL B 418 -37.66 -14.53 38.70
N THR B 419 -36.61 -15.32 38.86
CA THR B 419 -35.46 -14.96 39.68
C THR B 419 -34.25 -14.72 38.78
N THR B 420 -33.57 -13.61 39.00
CA THR B 420 -32.35 -13.26 38.30
C THR B 420 -31.20 -13.17 39.29
N ILE B 421 -29.98 -13.13 38.75
CA ILE B 421 -28.77 -13.11 39.56
C ILE B 421 -28.21 -11.71 39.74
N LEU B 422 -28.84 -10.69 39.15
CA LEU B 422 -28.34 -9.32 39.22
C LEU B 422 -26.92 -9.24 38.65
N GLU B 423 -26.66 -10.03 37.63
CA GLU B 423 -25.35 -10.11 36.99
C GLU B 423 -25.43 -9.62 35.56
N SER B 424 -24.43 -8.84 35.17
CA SER B 424 -24.39 -8.17 33.88
C SER B 424 -23.76 -9.06 32.83
N PRO B 425 -24.09 -8.84 31.54
CA PRO B 425 -25.17 -7.99 31.02
C PRO B 425 -26.55 -8.61 31.15
N TYR B 426 -26.63 -9.78 31.78
CA TYR B 426 -27.90 -10.47 31.90
C TYR B 426 -28.87 -9.75 32.82
N VAL B 427 -28.37 -8.93 33.75
CA VAL B 427 -29.23 -8.06 34.54
C VAL B 427 -28.57 -6.69 34.63
N MET B 428 -29.01 -5.75 33.79
CA MET B 428 -28.50 -4.39 33.82
C MET B 428 -29.54 -3.51 34.51
N MET B 429 -29.20 -3.05 35.72
CA MET B 429 -30.09 -2.14 36.43
C MET B 429 -30.26 -0.86 35.63
N LYS B 430 -31.50 -0.43 35.46
CA LYS B 430 -31.78 0.72 34.63
C LYS B 430 -31.19 1.98 35.23
N LYS B 431 -30.74 2.90 34.37
CA LYS B 431 -30.13 4.14 34.85
C LYS B 431 -31.10 4.91 35.72
N ASN B 432 -32.37 5.01 35.30
CA ASN B 432 -33.39 5.67 36.09
C ASN B 432 -33.98 4.70 37.10
N HIS B 433 -33.11 4.05 37.89
CA HIS B 433 -33.59 3.08 38.87
C HIS B 433 -34.52 3.71 39.88
N GLU B 434 -34.32 4.99 40.19
CA GLU B 434 -35.12 5.63 41.23
C GLU B 434 -36.60 5.70 40.84
N MET B 435 -36.87 5.95 39.55
CA MET B 435 -38.24 6.19 39.08
C MET B 435 -38.82 5.00 38.36
N LEU B 436 -38.55 3.78 38.83
CA LEU B 436 -39.11 2.58 38.22
C LEU B 436 -39.35 1.53 39.30
N GLU B 437 -40.28 0.63 39.01
CA GLU B 437 -40.62 -0.44 39.94
C GLU B 437 -41.22 -1.61 39.16
N GLY B 438 -41.20 -2.78 39.79
CA GLY B 438 -41.79 -3.96 39.19
C GLY B 438 -40.87 -4.61 38.17
N ASN B 439 -41.49 -5.20 37.14
CA ASN B 439 -40.74 -5.83 36.07
C ASN B 439 -39.97 -4.83 35.22
N GLU B 440 -40.23 -3.53 35.37
CA GLU B 440 -39.51 -2.49 34.64
C GLU B 440 -38.36 -1.91 35.44
N ARG B 441 -38.01 -2.51 36.58
CA ARG B 441 -36.92 -1.98 37.41
C ARG B 441 -35.61 -1.98 36.64
N TYR B 442 -35.29 -3.08 35.97
CA TYR B 442 -33.97 -3.26 35.38
C TYR B 442 -34.11 -3.85 33.99
N GLU B 443 -33.03 -3.74 33.22
CA GLU B 443 -33.00 -4.13 31.81
C GLU B 443 -31.87 -5.12 31.58
N GLY B 444 -31.97 -5.86 30.49
CA GLY B 444 -30.90 -6.75 30.09
C GLY B 444 -31.39 -7.80 29.13
N TYR B 445 -30.44 -8.59 28.64
CA TYR B 445 -30.77 -9.69 27.75
C TYR B 445 -31.71 -10.69 28.43
N CYS B 446 -31.45 -10.97 29.71
CA CYS B 446 -32.25 -11.94 30.43
C CYS B 446 -33.70 -11.51 30.47
N VAL B 447 -33.96 -10.22 30.73
CA VAL B 447 -35.33 -9.73 30.79
C VAL B 447 -35.98 -9.79 29.41
N ASP B 448 -35.23 -9.45 28.36
CA ASP B 448 -35.78 -9.57 27.01
C ASP B 448 -36.20 -11.00 26.73
N LEU B 449 -35.35 -11.97 27.09
CA LEU B 449 -35.70 -13.36 26.87
C LEU B 449 -36.91 -13.77 27.71
N ALA B 450 -36.98 -13.28 28.95
CA ALA B 450 -38.11 -13.61 29.80
C ALA B 450 -39.41 -13.11 29.19
N ALA B 451 -39.41 -11.89 28.65
CA ALA B 451 -40.61 -11.39 27.97
C ALA B 451 -40.91 -12.22 26.73
N GLU B 452 -39.88 -12.53 25.93
CA GLU B 452 -40.11 -13.29 24.71
C GLU B 452 -40.71 -14.66 25.01
N ILE B 453 -40.35 -15.26 26.16
CA ILE B 453 -40.87 -16.57 26.48
C ILE B 453 -42.24 -16.47 27.13
N ALA B 454 -42.47 -15.42 27.92
CA ALA B 454 -43.80 -15.18 28.45
C ALA B 454 -44.80 -14.99 27.33
N LYS B 455 -44.34 -14.47 26.19
CA LYS B 455 -45.23 -14.34 25.03
C LYS B 455 -45.76 -15.70 24.59
N HIS B 456 -44.89 -16.70 24.50
CA HIS B 456 -45.28 -18.02 24.01
C HIS B 456 -45.74 -18.97 25.10
N CYS B 457 -45.61 -18.60 26.37
CA CYS B 457 -45.96 -19.48 27.48
C CYS B 457 -47.19 -19.02 28.25
N GLY B 458 -47.46 -17.72 28.29
CA GLY B 458 -48.63 -17.23 29.00
C GLY B 458 -48.60 -17.50 30.49
N PHE B 459 -47.44 -17.31 31.11
CA PHE B 459 -47.29 -17.50 32.55
C PHE B 459 -46.92 -16.17 33.20
N LYS B 460 -47.65 -15.81 34.25
CA LYS B 460 -47.36 -14.59 34.98
C LYS B 460 -46.06 -14.73 35.74
N TYR B 461 -45.31 -13.63 35.84
CA TYR B 461 -44.01 -13.67 36.48
C TYR B 461 -43.72 -12.33 37.14
N LYS B 462 -42.86 -12.36 38.14
CA LYS B 462 -42.37 -11.17 38.82
C LYS B 462 -40.85 -11.18 38.78
N LEU B 463 -40.27 -10.04 38.39
CA LEU B 463 -38.82 -9.93 38.23
C LEU B 463 -38.16 -9.80 39.60
N THR B 464 -38.13 -10.92 40.32
CA THR B 464 -37.52 -10.98 41.63
C THR B 464 -36.02 -11.24 41.51
N ILE B 465 -35.32 -11.14 42.64
CA ILE B 465 -33.89 -11.38 42.70
C ILE B 465 -33.58 -12.23 43.93
N VAL B 466 -32.63 -13.15 43.79
CA VAL B 466 -32.23 -14.01 44.90
C VAL B 466 -31.50 -13.18 45.94
N GLY B 467 -31.78 -13.45 47.22
CA GLY B 467 -31.14 -12.71 48.28
C GLY B 467 -29.65 -13.01 48.39
N ASP B 468 -29.29 -14.29 48.37
CA ASP B 468 -27.89 -14.67 48.53
C ASP B 468 -27.00 -14.13 47.43
N GLY B 469 -27.57 -13.79 46.29
CA GLY B 469 -26.77 -13.27 45.18
C GLY B 469 -25.70 -14.25 44.72
N LYS B 470 -26.04 -15.53 44.68
CA LYS B 470 -25.09 -16.55 44.24
C LYS B 470 -25.87 -17.73 43.71
N TYR B 471 -25.17 -18.61 42.99
CA TYR B 471 -25.79 -19.75 42.35
C TYR B 471 -25.65 -20.99 43.23
N GLY B 472 -26.48 -21.98 42.94
CA GLY B 472 -26.55 -23.18 43.73
C GLY B 472 -25.23 -23.89 43.90
N ALA B 473 -24.89 -24.20 45.15
CA ALA B 473 -23.73 -25.01 45.47
C ALA B 473 -24.14 -26.02 46.54
N ARG B 474 -23.54 -27.20 46.46
CA ARG B 474 -23.86 -28.31 47.36
C ARG B 474 -22.70 -28.45 48.35
N ASP B 475 -22.92 -27.99 49.58
CA ASP B 475 -21.91 -28.15 50.62
C ASP B 475 -21.85 -29.61 51.06
N ALA B 476 -20.62 -30.11 51.22
CA ALA B 476 -20.44 -31.52 51.55
C ALA B 476 -21.03 -31.86 52.92
N ASP B 477 -20.87 -30.96 53.90
CA ASP B 477 -21.28 -31.27 55.26
C ASP B 477 -22.80 -31.15 55.42
N THR B 478 -23.34 -29.95 55.20
CA THR B 478 -24.77 -29.74 55.40
C THR B 478 -25.60 -30.36 54.29
N LYS B 479 -25.03 -30.55 53.10
CA LYS B 479 -25.76 -31.09 51.96
C LYS B 479 -26.99 -30.22 51.66
N ILE B 480 -26.75 -28.91 51.55
CA ILE B 480 -27.80 -27.93 51.37
C ILE B 480 -27.51 -27.12 50.12
N TRP B 481 -28.53 -26.94 49.27
CA TRP B 481 -28.43 -26.02 48.16
C TRP B 481 -28.62 -24.59 48.66
N ASN B 482 -27.82 -23.68 48.12
CA ASN B 482 -27.81 -22.30 48.55
C ASN B 482 -28.09 -21.38 47.36
N GLY B 483 -28.76 -20.27 47.65
CA GLY B 483 -29.01 -19.27 46.64
C GLY B 483 -29.97 -19.71 45.55
N MET B 484 -29.48 -19.77 44.32
CA MET B 484 -30.37 -19.93 43.17
C MET B 484 -31.06 -21.30 43.21
N VAL B 485 -30.29 -22.37 43.34
CA VAL B 485 -30.88 -23.70 43.33
C VAL B 485 -31.75 -23.90 44.57
N GLY B 486 -31.34 -23.36 45.71
CA GLY B 486 -32.12 -23.52 46.91
C GLY B 486 -33.52 -22.96 46.77
N GLU B 487 -33.66 -21.84 46.06
CA GLU B 487 -34.98 -21.23 45.87
C GLU B 487 -35.92 -22.18 45.14
N LEU B 488 -35.43 -22.83 44.09
CA LEU B 488 -36.29 -23.74 43.33
C LEU B 488 -36.56 -25.02 44.10
N VAL B 489 -35.51 -25.61 44.70
CA VAL B 489 -35.67 -26.89 45.36
C VAL B 489 -36.56 -26.75 46.60
N TYR B 490 -36.33 -25.70 47.39
CA TYR B 490 -37.05 -25.50 48.64
C TYR B 490 -38.35 -24.73 48.46
N GLY B 491 -38.86 -24.67 47.24
CA GLY B 491 -40.17 -24.10 46.98
C GLY B 491 -40.23 -22.59 46.99
N LYS B 492 -39.14 -21.90 47.33
CA LYS B 492 -39.17 -20.45 47.35
C LYS B 492 -39.31 -19.85 45.95
N ALA B 493 -39.07 -20.65 44.90
CA ALA B 493 -39.13 -20.16 43.54
C ALA B 493 -39.91 -21.15 42.67
N ASP B 494 -40.56 -20.63 41.64
CA ASP B 494 -41.32 -21.42 40.69
C ASP B 494 -40.59 -21.63 39.37
N ILE B 495 -39.92 -20.60 38.86
CA ILE B 495 -39.11 -20.74 37.65
C ILE B 495 -37.79 -20.01 37.84
N ALA B 496 -36.97 -19.98 36.79
CA ALA B 496 -35.72 -19.25 36.82
C ALA B 496 -35.19 -19.02 35.41
N ILE B 497 -34.83 -17.77 35.12
CA ILE B 497 -34.27 -17.38 33.84
C ILE B 497 -33.02 -16.58 34.16
N ALA B 498 -31.86 -17.10 33.77
CA ALA B 498 -30.62 -16.46 34.17
C ALA B 498 -29.41 -17.12 33.53
N PRO B 499 -28.25 -16.48 33.58
CA PRO B 499 -27.02 -17.15 33.15
C PRO B 499 -26.62 -18.26 34.11
N LEU B 500 -27.40 -19.32 34.14
CA LEU B 500 -27.19 -20.47 35.01
C LEU B 500 -26.64 -21.63 34.19
N THR B 501 -25.52 -22.18 34.64
CA THR B 501 -24.82 -23.23 33.92
C THR B 501 -25.34 -24.60 34.31
N ILE B 502 -25.49 -25.46 33.30
CA ILE B 502 -25.92 -26.83 33.55
C ILE B 502 -24.79 -27.65 34.15
N THR B 503 -25.16 -28.76 34.76
CA THR B 503 -24.21 -29.77 35.19
C THR B 503 -24.99 -30.95 35.74
N LEU B 504 -24.32 -32.10 35.84
CA LEU B 504 -24.99 -33.31 36.30
C LEU B 504 -25.59 -33.10 37.68
N VAL B 505 -24.76 -32.81 38.67
CA VAL B 505 -25.22 -32.74 40.06
C VAL B 505 -26.38 -31.78 40.18
N ARG B 506 -26.29 -30.62 39.53
CA ARG B 506 -27.36 -29.65 39.58
C ARG B 506 -28.58 -30.15 38.82
N GLU B 507 -28.38 -30.97 37.80
CA GLU B 507 -29.49 -31.50 37.02
C GLU B 507 -30.17 -32.68 37.69
N GLU B 508 -29.52 -33.33 38.67
CA GLU B 508 -30.12 -34.46 39.34
C GLU B 508 -31.22 -34.04 40.31
N VAL B 509 -31.38 -32.75 40.57
CA VAL B 509 -32.34 -32.27 41.55
C VAL B 509 -33.46 -31.46 40.94
N ILE B 510 -33.29 -30.88 39.75
CA ILE B 510 -34.31 -30.06 39.13
C ILE B 510 -34.33 -30.36 37.64
N ASP B 511 -35.54 -30.32 37.07
CA ASP B 511 -35.66 -30.42 35.62
C ASP B 511 -34.99 -29.20 34.98
N PHE B 512 -34.69 -29.32 33.69
CA PHE B 512 -34.00 -28.27 32.96
C PHE B 512 -34.63 -28.10 31.59
N SER B 513 -34.26 -27.01 30.94
CA SER B 513 -34.64 -26.73 29.57
C SER B 513 -33.45 -27.04 28.66
N LYS B 514 -33.58 -26.70 27.41
CA LYS B 514 -32.50 -26.86 26.47
C LYS B 514 -31.61 -25.63 26.49
N PRO B 515 -30.35 -25.76 26.07
CA PRO B 515 -29.46 -24.61 26.05
C PRO B 515 -30.03 -23.49 25.20
N PHE B 516 -29.83 -22.25 25.67
CA PHE B 516 -30.09 -21.07 24.87
C PHE B 516 -28.85 -20.22 24.68
N MET B 517 -27.67 -20.73 25.07
CA MET B 517 -26.42 -20.07 24.77
C MET B 517 -25.31 -21.10 24.81
N SER B 518 -24.23 -20.80 24.10
CA SER B 518 -23.02 -21.60 24.14
C SER B 518 -21.91 -20.78 24.78
N LEU B 519 -21.06 -21.46 25.56
CA LEU B 519 -20.06 -20.79 26.36
C LEU B 519 -18.97 -21.79 26.71
N GLY B 520 -18.14 -21.42 27.68
CA GLY B 520 -17.10 -22.28 28.17
C GLY B 520 -16.22 -21.55 29.16
N ILE B 521 -15.61 -22.31 30.09
CA ILE B 521 -14.71 -21.70 31.05
C ILE B 521 -13.52 -21.12 30.32
N SER B 522 -13.21 -19.86 30.63
CA SER B 522 -12.19 -19.11 29.89
C SER B 522 -11.36 -18.30 30.87
N ILE B 523 -10.16 -17.97 30.42
CA ILE B 523 -9.21 -17.24 31.24
C ILE B 523 -9.42 -15.74 31.04
N MET B 524 -8.96 -14.96 32.01
CA MET B 524 -9.08 -13.51 31.95
C MET B 524 -7.87 -12.90 32.66
N ILE B 525 -7.24 -11.92 32.00
CA ILE B 525 -6.03 -11.27 32.50
C ILE B 525 -6.09 -9.80 32.15
N LYS B 526 -5.05 -9.07 32.55
CA LYS B 526 -4.92 -7.65 32.23
C LYS B 526 -4.06 -7.50 30.98
N LYS B 527 -4.52 -6.66 30.06
CA LYS B 527 -3.82 -6.47 28.80
C LYS B 527 -2.37 -6.07 29.04
N PRO B 528 -1.40 -6.94 28.73
CA PRO B 528 0.00 -6.51 28.79
C PRO B 528 0.25 -5.38 27.82
N GLN B 529 1.14 -4.47 28.20
CA GLN B 529 1.36 -3.28 27.39
C GLN B 529 1.98 -3.67 26.05
N LYS B 530 1.69 -2.86 25.04
CA LYS B 530 2.18 -3.12 23.70
C LYS B 530 3.70 -3.03 23.67
N SER B 531 4.36 -4.17 23.56
CA SER B 531 5.82 -4.19 23.52
C SER B 531 6.30 -3.57 22.22
N LYS B 532 7.04 -2.48 22.33
CA LYS B 532 7.60 -1.86 21.15
C LYS B 532 8.54 -2.85 20.46
N PRO B 533 8.62 -2.81 19.13
CA PRO B 533 9.56 -3.70 18.44
C PRO B 533 10.98 -3.50 18.96
N GLY B 534 11.52 -4.53 19.56
CA GLY B 534 12.76 -4.41 20.29
C GLY B 534 13.93 -4.13 19.37
N VAL B 535 15.09 -3.96 20.01
CA VAL B 535 16.31 -3.83 19.25
C VAL B 535 16.47 -5.04 18.35
N PHE B 536 17.13 -4.84 17.21
CA PHE B 536 17.27 -5.88 16.20
C PHE B 536 15.92 -6.22 15.57
N SER B 537 15.09 -5.20 15.37
CA SER B 537 13.83 -5.37 14.66
C SER B 537 13.99 -5.24 13.16
N PHE B 538 15.14 -4.79 12.69
CA PHE B 538 15.38 -4.63 11.27
C PHE B 538 15.69 -5.95 10.57
N LEU B 539 15.73 -7.05 11.31
CA LEU B 539 15.92 -8.38 10.73
C LEU B 539 14.59 -9.11 10.53
N ASP B 540 13.52 -8.62 11.12
CA ASP B 540 12.24 -9.33 11.01
C ASP B 540 11.78 -9.53 9.57
N PRO B 541 11.94 -8.57 8.66
CA PRO B 541 11.40 -8.73 7.31
C PRO B 541 11.85 -10.00 6.62
N LEU B 542 12.96 -10.57 7.09
CA LEU B 542 13.51 -11.80 6.53
C LEU B 542 13.72 -12.79 7.65
N ALA B 543 13.23 -14.02 7.44
CA ALA B 543 13.40 -15.07 8.43
C ALA B 543 14.86 -15.43 8.58
N TYR B 544 15.23 -15.83 9.80
CA TYR B 544 16.63 -16.05 10.13
C TYR B 544 17.28 -17.07 9.20
N GLU B 545 16.49 -17.98 8.63
CA GLU B 545 17.05 -18.91 7.67
C GLU B 545 17.65 -18.17 6.49
N ILE B 546 16.92 -17.17 6.00
CA ILE B 546 17.40 -16.38 4.86
C ILE B 546 18.63 -15.59 5.26
N TRP B 547 18.67 -15.10 6.50
CA TRP B 547 19.84 -14.34 6.92
C TRP B 547 21.07 -15.23 6.97
N MET B 548 20.93 -16.45 7.47
CA MET B 548 22.08 -17.35 7.50
C MET B 548 22.52 -17.72 6.10
N CYS B 549 21.57 -18.00 5.21
CA CYS B 549 21.92 -18.30 3.83
C CYS B 549 22.62 -17.12 3.18
N ILE B 550 22.19 -15.91 3.50
CA ILE B 550 22.81 -14.72 2.95
C ILE B 550 24.24 -14.60 3.42
N VAL B 551 24.48 -14.82 4.72
CA VAL B 551 25.83 -14.73 5.24
C VAL B 551 26.74 -15.73 4.54
N PHE B 552 26.30 -16.98 4.47
CA PHE B 552 27.17 -17.99 3.90
C PHE B 552 27.30 -17.85 2.39
N ALA B 553 26.33 -17.22 1.71
CA ALA B 553 26.52 -16.93 0.30
C ALA B 553 27.51 -15.79 0.10
N TYR B 554 27.48 -14.80 0.98
CA TYR B 554 28.49 -13.75 0.94
C TYR B 554 29.88 -14.32 1.17
N ILE B 555 29.97 -15.36 1.99
CA ILE B 555 31.25 -16.02 2.20
C ILE B 555 31.66 -16.80 0.94
N GLY B 556 30.72 -17.58 0.40
CA GLY B 556 31.05 -18.43 -0.72
C GLY B 556 31.42 -17.66 -1.97
N VAL B 557 30.70 -16.57 -2.24
CA VAL B 557 31.00 -15.77 -3.43
C VAL B 557 32.40 -15.18 -3.34
N SER B 558 32.75 -14.65 -2.16
CA SER B 558 34.07 -14.08 -2.00
C SER B 558 35.16 -15.15 -2.13
N VAL B 559 34.92 -16.32 -1.56
CA VAL B 559 35.88 -17.41 -1.70
C VAL B 559 36.04 -17.79 -3.17
N VAL B 560 34.93 -17.92 -3.89
CA VAL B 560 34.97 -18.30 -5.30
C VAL B 560 35.73 -17.26 -6.11
N LEU B 561 35.47 -15.98 -5.85
CA LEU B 561 36.15 -14.92 -6.56
C LEU B 561 37.64 -14.95 -6.29
N PHE B 562 38.01 -15.19 -5.03
CA PHE B 562 39.42 -15.33 -4.68
C PHE B 562 40.06 -16.45 -5.48
N LEU B 563 39.46 -17.63 -5.46
CA LEU B 563 40.02 -18.77 -6.17
C LEU B 563 40.16 -18.46 -7.66
N VAL B 564 39.09 -17.93 -8.25
CA VAL B 564 39.07 -17.68 -9.68
C VAL B 564 40.18 -16.71 -10.08
N SER B 565 40.33 -15.62 -9.33
CA SER B 565 41.30 -14.61 -9.72
C SER B 565 42.72 -15.06 -9.45
N ARG B 566 42.96 -15.67 -8.29
CA ARG B 566 44.33 -16.06 -7.95
C ARG B 566 44.89 -17.06 -8.93
N PHE B 567 44.11 -18.09 -9.28
CA PHE B 567 44.58 -19.20 -10.07
C PHE B 567 44.13 -19.11 -11.53
N SER B 568 43.68 -17.95 -11.96
CA SER B 568 43.32 -17.73 -13.36
C SER B 568 43.28 -16.23 -13.62
N PRO B 569 44.41 -15.55 -13.49
CA PRO B 569 44.43 -14.09 -13.51
C PRO B 569 44.37 -13.56 -14.94
N TYR B 570 44.40 -12.23 -15.04
CA TYR B 570 44.40 -11.56 -16.33
C TYR B 570 45.64 -11.94 -17.14
N GLU B 591 44.37 -5.76 -7.01
CA GLU B 591 44.19 -7.19 -7.20
C GLU B 591 43.08 -7.72 -6.32
N PHE B 592 42.74 -8.98 -6.50
CA PHE B 592 41.66 -9.63 -5.77
C PHE B 592 42.24 -10.71 -4.86
N GLY B 593 42.62 -10.31 -3.66
CA GLY B 593 42.84 -11.25 -2.59
C GLY B 593 41.52 -11.70 -2.00
N ILE B 594 41.57 -12.14 -0.76
CA ILE B 594 40.35 -12.49 -0.04
C ILE B 594 39.77 -11.26 0.64
N PHE B 595 40.63 -10.39 1.16
CA PHE B 595 40.18 -9.22 1.88
C PHE B 595 39.47 -8.25 0.95
N ASN B 596 40.10 -7.89 -0.17
CA ASN B 596 39.45 -7.03 -1.15
C ASN B 596 38.26 -7.72 -1.77
N SER B 597 38.28 -9.04 -1.90
CA SER B 597 37.14 -9.74 -2.45
C SER B 597 35.92 -9.60 -1.55
N LEU B 598 36.11 -9.79 -0.25
CA LEU B 598 35.02 -9.58 0.69
C LEU B 598 34.55 -8.13 0.67
N TRP B 599 35.50 -7.20 0.56
CA TRP B 599 35.13 -5.79 0.47
C TRP B 599 34.21 -5.55 -0.73
N PHE B 600 34.60 -6.06 -1.89
CA PHE B 600 33.81 -5.87 -3.10
C PHE B 600 32.43 -6.50 -2.95
N SER B 601 32.37 -7.72 -2.44
CA SER B 601 31.08 -8.39 -2.29
C SER B 601 30.17 -7.62 -1.36
N LEU B 602 30.70 -7.16 -0.23
CA LEU B 602 29.90 -6.38 0.69
C LEU B 602 29.42 -5.08 0.07
N GLY B 603 30.32 -4.38 -0.62
CA GLY B 603 29.93 -3.14 -1.26
C GLY B 603 28.83 -3.34 -2.28
N ALA B 604 28.88 -4.46 -3.00
CA ALA B 604 27.84 -4.76 -3.98
C ALA B 604 26.55 -5.17 -3.30
N PHE B 605 26.63 -5.74 -2.10
CA PHE B 605 25.39 -6.09 -1.39
C PHE B 605 24.68 -4.86 -0.87
N MET B 606 25.40 -3.78 -0.64
CA MET B 606 24.84 -2.56 -0.10
C MET B 606 24.70 -1.46 -1.14
N ARG B 607 24.86 -1.79 -2.42
CA ARG B 607 24.58 -0.89 -3.53
C ARG B 607 25.64 0.19 -3.66
N GLN B 608 26.57 0.25 -2.73
CA GLN B 608 27.72 1.16 -2.82
C GLN B 608 28.85 0.41 -3.51
N GLY B 609 29.15 0.81 -4.74
CA GLY B 609 30.22 0.18 -5.46
C GLY B 609 31.57 0.46 -4.83
N CYS B 610 32.57 -0.29 -5.29
CA CYS B 610 33.92 -0.16 -4.78
C CYS B 610 34.87 0.25 -5.90
N ASP B 611 36.11 0.54 -5.51
CA ASP B 611 37.12 1.05 -6.42
C ASP B 611 37.65 0.00 -7.39
N ILE B 612 37.33 -1.27 -7.17
CA ILE B 612 37.85 -2.36 -7.98
C ILE B 612 36.70 -3.14 -8.58
N SER B 613 36.87 -3.55 -9.84
CA SER B 613 35.91 -4.40 -10.52
C SER B 613 36.66 -5.55 -11.16
N PRO B 614 36.05 -6.73 -11.23
CA PRO B 614 36.72 -7.86 -11.87
C PRO B 614 37.00 -7.56 -13.33
N ARG B 615 38.16 -8.02 -13.81
CA ARG B 615 38.57 -7.78 -15.18
C ARG B 615 38.51 -9.02 -16.06
N SER B 616 38.39 -10.20 -15.47
CA SER B 616 38.27 -11.43 -16.23
C SER B 616 36.80 -11.83 -16.36
N LEU B 617 36.56 -12.76 -17.27
CA LEU B 617 35.21 -13.27 -17.46
C LEU B 617 34.76 -14.10 -16.26
N SER B 618 35.66 -14.89 -15.71
CA SER B 618 35.32 -15.81 -14.64
C SER B 618 35.03 -15.09 -13.33
N GLY B 619 35.49 -13.86 -13.18
CA GLY B 619 35.13 -13.07 -12.02
C GLY B 619 33.93 -12.21 -12.31
N ARG B 620 33.76 -11.86 -13.57
CA ARG B 620 32.64 -11.02 -13.96
C ARG B 620 31.33 -11.77 -13.93
N ILE B 621 31.34 -13.07 -14.21
CA ILE B 621 30.13 -13.86 -14.04
C ILE B 621 29.69 -13.88 -12.58
N VAL B 622 30.65 -14.07 -11.68
CA VAL B 622 30.36 -14.06 -10.25
C VAL B 622 29.82 -12.71 -9.84
N GLY B 623 30.46 -11.64 -10.29
CA GLY B 623 29.96 -10.31 -9.99
C GLY B 623 28.54 -10.10 -10.48
N GLY B 624 28.25 -10.57 -11.69
CA GLY B 624 26.91 -10.39 -12.23
C GLY B 624 25.85 -11.11 -11.43
N VAL B 625 26.10 -12.38 -11.11
CA VAL B 625 25.12 -13.11 -10.33
C VAL B 625 24.97 -12.50 -8.94
N TRP B 626 26.08 -12.04 -8.36
CA TRP B 626 26.00 -11.39 -7.06
C TRP B 626 25.16 -10.13 -7.14
N TRP B 627 25.32 -9.33 -8.19
CA TRP B 627 24.53 -8.14 -8.36
C TRP B 627 23.05 -8.47 -8.50
N PHE B 628 22.72 -9.48 -9.31
CA PHE B 628 21.33 -9.86 -9.46
C PHE B 628 20.74 -10.32 -8.14
N PHE B 629 21.49 -11.15 -7.42
CA PHE B 629 21.00 -11.68 -6.16
C PHE B 629 20.77 -10.57 -5.14
N THR B 630 21.73 -9.66 -5.01
CA THR B 630 21.57 -8.58 -4.05
C THR B 630 20.44 -7.66 -4.46
N LEU B 631 20.28 -7.40 -5.75
CA LEU B 631 19.16 -6.59 -6.21
C LEU B 631 17.85 -7.20 -5.75
N ILE B 632 17.67 -8.49 -6.00
CA ILE B 632 16.42 -9.15 -5.64
C ILE B 632 16.21 -9.09 -4.14
N ILE B 633 17.26 -9.41 -3.37
CA ILE B 633 17.11 -9.51 -1.92
C ILE B 633 16.80 -8.15 -1.32
N ILE B 634 17.52 -7.11 -1.75
CA ILE B 634 17.29 -5.79 -1.21
C ILE B 634 15.91 -5.29 -1.59
N SER B 635 15.48 -5.52 -2.84
CA SER B 635 14.15 -5.09 -3.23
C SER B 635 13.07 -5.83 -2.46
N SER B 636 13.34 -7.07 -2.04
CA SER B 636 12.39 -7.80 -1.22
C SER B 636 12.39 -7.32 0.22
N TYR B 637 13.55 -6.92 0.73
CA TYR B 637 13.69 -6.52 2.13
C TYR B 637 13.18 -5.10 2.35
N THR B 638 13.74 -4.15 1.61
CA THR B 638 13.31 -2.76 1.65
C THR B 638 11.80 -2.65 1.67
N ALA B 639 11.14 -3.30 0.72
CA ALA B 639 9.69 -3.29 0.69
C ALA B 639 9.13 -3.84 1.99
N ASN B 640 8.18 -3.10 2.57
CA ASN B 640 7.61 -3.45 3.87
C ASN B 640 8.72 -3.54 4.94
N LEU B 641 9.39 -2.41 5.14
CA LEU B 641 10.39 -2.30 6.20
C LEU B 641 10.00 -1.31 7.29
N ALA B 642 9.14 -0.34 7.01
CA ALA B 642 8.66 0.53 8.06
C ALA B 642 7.72 -0.21 9.00
N ALA B 643 6.91 -1.12 8.45
CA ALA B 643 5.97 -1.87 9.27
C ALA B 643 6.70 -2.67 10.34
N PHE B 644 7.77 -3.36 9.96
CA PHE B 644 8.49 -4.18 10.93
C PHE B 644 9.30 -3.35 11.91
N LEU B 645 9.58 -2.10 11.58
CA LEU B 645 10.19 -1.18 12.53
C LEU B 645 9.18 -0.44 13.37
N THR B 646 7.90 -0.49 13.00
CA THR B 646 6.84 0.23 13.69
C THR B 646 5.81 -0.67 14.34
N VAL B 647 5.52 -1.84 13.75
CA VAL B 647 4.47 -2.70 14.27
C VAL B 647 4.80 -3.10 15.70
N GLU B 648 3.77 -3.15 16.54
CA GLU B 648 3.88 -3.56 17.93
C GLU B 648 2.90 -4.69 18.17
N ARG B 649 3.40 -5.79 18.71
CA ARG B 649 2.59 -6.97 18.99
C ARG B 649 2.66 -7.29 20.47
N MET B 650 1.49 -7.51 21.08
CA MET B 650 1.44 -7.82 22.49
C MET B 650 1.71 -9.31 22.71
N VAL B 651 2.54 -9.61 23.71
CA VAL B 651 2.87 -10.98 24.06
C VAL B 651 2.26 -11.26 25.43
N SER B 652 1.36 -12.23 25.49
CA SER B 652 0.74 -12.59 26.74
C SER B 652 1.67 -13.49 27.55
N PRO B 653 1.62 -13.39 28.88
CA PRO B 653 2.47 -14.26 29.71
C PRO B 653 1.91 -15.66 29.85
N ILE B 654 0.58 -15.76 29.88
CA ILE B 654 -0.11 -17.04 30.03
C ILE B 654 -0.66 -17.39 28.66
N GLU B 655 0.07 -18.25 27.94
CA GLU B 655 -0.38 -18.65 26.61
C GLU B 655 -1.67 -19.46 26.67
N SER B 656 -1.79 -20.33 27.67
CA SER B 656 -2.96 -21.19 27.79
C SER B 656 -2.95 -21.79 29.20
N ALA B 657 -3.87 -22.74 29.43
CA ALA B 657 -3.99 -23.34 30.76
C ALA B 657 -2.76 -24.16 31.12
N GLU B 658 -2.23 -24.93 30.16
CA GLU B 658 -1.04 -25.72 30.45
C GLU B 658 0.14 -24.81 30.81
N ASP B 659 0.41 -23.82 29.96
CA ASP B 659 1.50 -22.90 30.25
C ASP B 659 1.26 -22.16 31.55
N LEU B 660 0.00 -21.78 31.81
CA LEU B 660 -0.31 -21.05 33.04
C LEU B 660 -0.04 -21.89 34.27
N SER B 661 -0.51 -23.14 34.28
CA SER B 661 -0.35 -23.99 35.44
C SER B 661 1.08 -24.48 35.60
N LYS B 662 1.86 -24.51 34.52
CA LYS B 662 3.26 -24.89 34.65
C LYS B 662 4.00 -23.98 35.62
N GLN B 663 3.76 -22.67 35.52
CA GLN B 663 4.42 -21.70 36.37
C GLN B 663 3.60 -21.43 37.63
N THR B 664 4.21 -20.70 38.56
CA THR B 664 3.56 -20.33 39.81
C THR B 664 3.76 -18.87 40.19
N GLU B 665 4.53 -18.11 39.41
CA GLU B 665 4.78 -16.71 39.75
C GLU B 665 3.50 -15.89 39.76
N ILE B 666 2.51 -16.28 38.95
CA ILE B 666 1.25 -15.56 38.84
C ILE B 666 0.14 -16.43 39.41
N ALA B 667 -0.75 -15.80 40.17
CA ALA B 667 -1.79 -16.50 40.92
C ALA B 667 -3.13 -16.34 40.22
N TYR B 668 -3.85 -17.44 40.07
CA TYR B 668 -5.13 -17.46 39.39
C TYR B 668 -6.25 -17.80 40.36
N GLY B 669 -7.43 -17.25 40.08
CA GLY B 669 -8.57 -17.42 40.97
C GLY B 669 -9.84 -17.68 40.21
N THR B 670 -10.89 -17.99 40.96
CA THR B 670 -12.18 -18.35 40.39
C THR B 670 -13.28 -17.92 41.34
N LEU B 671 -14.49 -17.83 40.81
CA LEU B 671 -15.64 -17.48 41.62
C LEU B 671 -15.88 -18.53 42.69
N ASP B 672 -16.54 -18.11 43.77
CA ASP B 672 -16.80 -18.96 44.92
C ASP B 672 -18.25 -19.43 44.88
N SER B 673 -18.46 -20.73 45.11
CA SER B 673 -19.78 -21.33 45.07
C SER B 673 -20.41 -21.19 43.69
N GLY B 674 -19.75 -21.79 42.71
CA GLY B 674 -20.21 -21.73 41.33
C GLY B 674 -19.91 -22.98 40.54
N SER B 675 -20.19 -22.93 39.23
CA SER B 675 -19.99 -24.10 38.38
C SER B 675 -18.53 -24.36 38.10
N THR B 676 -17.71 -23.31 38.05
CA THR B 676 -16.28 -23.50 37.80
C THR B 676 -15.63 -24.27 38.94
N LYS B 677 -15.97 -23.92 40.17
CA LYS B 677 -15.44 -24.65 41.31
C LYS B 677 -15.88 -26.11 41.28
N GLU B 678 -17.15 -26.35 40.95
CA GLU B 678 -17.63 -27.72 40.86
C GLU B 678 -16.95 -28.48 39.74
N PHE B 679 -16.60 -27.80 38.66
CA PHE B 679 -15.94 -28.46 37.54
C PHE B 679 -14.51 -28.84 37.89
N PHE B 680 -13.79 -27.93 38.54
CA PHE B 680 -12.44 -28.26 38.97
C PHE B 680 -12.45 -29.32 40.07
N ARG B 681 -13.48 -29.31 40.91
CA ARG B 681 -13.56 -30.27 42.01
C ARG B 681 -13.72 -31.69 41.50
N ARG B 682 -14.56 -31.89 40.50
CA ARG B 682 -14.81 -33.21 39.93
C ARG B 682 -13.82 -33.57 38.84
N SER B 683 -12.84 -32.72 38.57
CA SER B 683 -11.90 -32.98 37.49
C SER B 683 -11.06 -34.22 37.79
N LYS B 684 -10.67 -34.91 36.72
CA LYS B 684 -9.79 -36.07 36.81
C LYS B 684 -8.64 -35.99 35.82
N ILE B 685 -8.42 -34.84 35.21
CA ILE B 685 -7.36 -34.64 34.23
C ILE B 685 -6.16 -34.04 34.95
N ALA B 686 -4.96 -34.43 34.52
CA ALA B 686 -3.76 -34.09 35.26
C ALA B 686 -3.61 -32.58 35.41
N VAL B 687 -3.74 -31.84 34.32
CA VAL B 687 -3.56 -30.39 34.38
C VAL B 687 -4.61 -29.79 35.31
N PHE B 688 -5.86 -30.21 35.17
CA PHE B 688 -6.92 -29.67 36.03
C PHE B 688 -6.73 -30.10 37.47
N ASP B 689 -6.26 -31.34 37.69
CA ASP B 689 -6.02 -31.79 39.06
C ASP B 689 -4.96 -30.93 39.74
N LYS B 690 -3.83 -30.72 39.07
CA LYS B 690 -2.77 -29.90 39.64
C LYS B 690 -3.23 -28.46 39.80
N MET B 691 -4.01 -27.96 38.85
CA MET B 691 -4.50 -26.58 38.92
C MET B 691 -5.42 -26.39 40.11
N TRP B 692 -6.33 -27.35 40.33
CA TRP B 692 -7.23 -27.29 41.47
C TRP B 692 -6.46 -27.43 42.77
N THR B 693 -5.43 -28.27 42.79
CA THR B 693 -4.60 -28.38 43.98
C THR B 693 -3.92 -27.05 44.29
N TYR B 694 -3.35 -26.41 43.28
CA TYR B 694 -2.67 -25.14 43.48
C TYR B 694 -3.63 -24.05 43.95
N MET B 695 -4.80 -23.98 43.32
CA MET B 695 -5.77 -22.95 43.71
C MET B 695 -6.31 -23.20 45.11
N ARG B 696 -6.55 -24.46 45.45
CA ARG B 696 -7.06 -24.79 46.78
C ARG B 696 -6.00 -24.51 47.84
N SER B 697 -4.74 -24.81 47.54
CA SER B 697 -3.64 -24.67 48.49
C SER B 697 -2.89 -23.36 48.32
N ALA B 698 -3.58 -22.30 47.92
CA ALA B 698 -2.98 -20.99 47.72
C ALA B 698 -3.52 -20.02 48.77
N GLU B 699 -2.62 -19.27 49.40
CA GLU B 699 -2.97 -18.35 50.48
C GLU B 699 -2.52 -16.94 50.13
N PRO B 700 -3.39 -15.93 50.24
CA PRO B 700 -4.81 -15.95 50.61
C PRO B 700 -5.67 -16.79 49.67
N SER B 701 -6.97 -16.84 49.95
CA SER B 701 -7.89 -17.59 49.10
C SER B 701 -8.10 -16.84 47.79
N VAL B 702 -7.73 -17.47 46.68
CA VAL B 702 -7.88 -16.85 45.37
C VAL B 702 -9.35 -16.62 45.05
N PHE B 703 -10.26 -17.30 45.75
CA PHE B 703 -11.66 -17.24 45.42
C PHE B 703 -12.19 -15.81 45.61
N VAL B 704 -13.46 -15.63 45.24
CA VAL B 704 -14.08 -14.31 45.21
C VAL B 704 -15.58 -14.48 45.38
N ARG B 705 -16.20 -13.47 46.00
CA ARG B 705 -17.64 -13.53 46.27
C ARG B 705 -18.47 -13.24 45.03
N THR B 706 -18.01 -12.36 44.14
CA THR B 706 -18.82 -11.96 43.00
C THR B 706 -17.92 -11.61 41.82
N THR B 707 -18.53 -11.56 40.65
CA THR B 707 -17.79 -11.38 39.40
C THR B 707 -17.04 -10.06 39.38
N ALA B 708 -17.73 -8.97 39.73
CA ALA B 708 -17.09 -7.66 39.70
C ALA B 708 -15.88 -7.61 40.63
N GLU B 709 -15.91 -8.40 41.71
CA GLU B 709 -14.77 -8.46 42.59
C GLU B 709 -13.55 -9.02 41.87
N GLY B 710 -13.74 -10.08 41.09
CA GLY B 710 -12.64 -10.62 40.31
C GLY B 710 -12.16 -9.65 39.24
N VAL B 711 -13.11 -8.97 38.60
CA VAL B 711 -12.73 -7.95 37.62
C VAL B 711 -11.83 -6.91 38.25
N ALA B 712 -12.24 -6.38 39.40
CA ALA B 712 -11.43 -5.38 40.08
C ALA B 712 -10.08 -5.95 40.49
N ARG B 713 -10.07 -7.19 40.98
CA ARG B 713 -8.81 -7.78 41.42
C ARG B 713 -7.81 -7.88 40.28
N VAL B 714 -8.26 -8.35 39.11
CA VAL B 714 -7.34 -8.44 37.98
C VAL B 714 -6.93 -7.05 37.52
N ARG B 715 -7.86 -6.09 37.58
CA ARG B 715 -7.55 -4.73 37.18
C ARG B 715 -6.84 -3.93 38.27
N LYS B 716 -6.55 -4.56 39.41
CA LYS B 716 -5.80 -3.92 40.50
C LYS B 716 -4.76 -4.87 41.04
N SER B 717 -4.03 -5.56 40.15
CA SER B 717 -3.03 -6.53 40.57
C SER B 717 -1.75 -6.44 39.75
N LYS B 718 -1.60 -5.45 38.88
CA LYS B 718 -0.42 -5.32 38.04
C LYS B 718 -0.20 -6.60 37.24
N GLY B 719 -1.29 -7.19 36.78
CA GLY B 719 -1.21 -8.41 35.99
C GLY B 719 -0.68 -9.60 36.74
N LYS B 720 -0.91 -9.66 38.05
CA LYS B 720 -0.51 -10.80 38.86
C LYS B 720 -1.68 -11.72 39.19
N TYR B 721 -2.88 -11.43 38.67
CA TYR B 721 -4.07 -12.22 38.97
C TYR B 721 -4.76 -12.61 37.68
N ALA B 722 -5.16 -13.87 37.59
CA ALA B 722 -5.90 -14.41 36.46
C ALA B 722 -7.21 -14.99 36.94
N TYR B 723 -8.31 -14.59 36.31
CA TYR B 723 -9.65 -14.99 36.73
C TYR B 723 -10.26 -15.91 35.68
N LEU B 724 -10.86 -17.00 36.15
CA LEU B 724 -11.51 -17.99 35.28
C LEU B 724 -13.01 -17.78 35.31
N LEU B 725 -13.53 -17.13 34.29
CA LEU B 725 -14.97 -16.96 34.12
C LEU B 725 -15.35 -17.41 32.72
N GLU B 726 -16.63 -17.23 32.39
CA GLU B 726 -17.20 -17.78 31.17
C GLU B 726 -16.66 -17.04 29.94
N SER B 727 -17.15 -17.42 28.77
CA SER B 727 -16.74 -16.81 27.52
C SER B 727 -17.64 -15.66 27.10
N THR B 728 -18.77 -15.47 27.76
CA THR B 728 -19.70 -14.41 27.41
C THR B 728 -19.40 -13.13 28.18
N MET B 729 -19.42 -13.21 29.51
CA MET B 729 -19.05 -12.07 30.33
C MET B 729 -17.68 -11.55 29.93
N ASN B 730 -16.76 -12.47 29.62
CA ASN B 730 -15.40 -12.08 29.25
C ASN B 730 -15.42 -11.17 28.03
N GLU B 731 -16.12 -11.59 26.98
CA GLU B 731 -16.18 -10.78 25.77
C GLU B 731 -16.86 -9.45 26.05
N TYR B 732 -17.98 -9.48 26.78
CA TYR B 732 -18.68 -8.24 27.12
C TYR B 732 -17.73 -7.26 27.80
N ILE B 733 -16.94 -7.74 28.75
CA ILE B 733 -15.99 -6.89 29.43
C ILE B 733 -14.95 -6.36 28.44
N GLU B 734 -14.46 -7.25 27.57
CA GLU B 734 -13.45 -6.83 26.60
C GLU B 734 -13.95 -5.66 25.76
N GLN B 735 -15.23 -5.68 25.41
CA GLN B 735 -15.78 -4.62 24.57
C GLN B 735 -16.02 -3.33 25.32
N ARG B 736 -16.02 -3.35 26.65
CA ARG B 736 -16.40 -2.20 27.45
C ARG B 736 -15.17 -1.47 27.99
N LYS B 737 -15.23 -0.14 28.00
CA LYS B 737 -14.12 0.66 28.44
C LYS B 737 -13.85 0.40 29.92
N PRO B 738 -12.59 0.55 30.37
CA PRO B 738 -11.44 1.02 29.58
C PRO B 738 -10.79 -0.09 28.76
N CYS B 739 -11.42 -1.27 28.75
CA CYS B 739 -10.90 -2.42 28.02
C CYS B 739 -9.47 -2.74 28.45
N ASP B 740 -9.27 -2.83 29.76
CA ASP B 740 -7.96 -3.12 30.34
C ASP B 740 -7.75 -4.61 30.57
N THR B 741 -8.39 -5.46 29.78
CA THR B 741 -8.32 -6.90 30.01
C THR B 741 -8.47 -7.62 28.68
N MET B 742 -8.13 -8.91 28.67
CA MET B 742 -8.19 -9.71 27.46
C MET B 742 -8.41 -11.16 27.83
N LYS B 743 -8.77 -11.94 26.82
CA LYS B 743 -8.97 -13.39 26.95
C LYS B 743 -7.85 -14.13 26.26
N VAL B 744 -7.24 -15.07 26.97
CA VAL B 744 -6.17 -15.88 26.44
C VAL B 744 -6.67 -17.31 26.27
N GLY B 745 -6.07 -18.02 25.33
CA GLY B 745 -6.39 -19.42 25.13
C GLY B 745 -7.81 -19.62 24.64
N GLY B 746 -8.18 -20.89 24.52
CA GLY B 746 -9.51 -21.27 24.11
C GLY B 746 -10.28 -21.88 25.28
N ASN B 747 -11.59 -22.01 25.06
CA ASN B 747 -12.45 -22.56 26.08
C ASN B 747 -11.98 -23.95 26.49
N LEU B 748 -11.86 -24.16 27.79
CA LEU B 748 -11.43 -25.45 28.31
C LEU B 748 -12.51 -26.51 28.22
N ASP B 749 -13.77 -26.10 28.17
CA ASP B 749 -14.89 -27.01 28.01
C ASP B 749 -16.15 -26.19 27.78
N SER B 750 -17.01 -26.68 26.89
CA SER B 750 -18.29 -26.03 26.62
C SER B 750 -19.37 -26.66 27.46
N LYS B 751 -20.28 -25.84 27.97
CA LYS B 751 -21.29 -26.29 28.90
C LYS B 751 -22.70 -25.92 28.51
N GLY B 752 -22.90 -24.77 27.89
CA GLY B 752 -24.24 -24.31 27.61
C GLY B 752 -24.96 -23.84 28.85
N TYR B 753 -25.77 -22.79 28.72
CA TYR B 753 -26.64 -22.36 29.81
C TYR B 753 -27.93 -23.19 29.75
N GLY B 754 -28.94 -22.78 30.50
CA GLY B 754 -30.23 -23.40 30.39
C GLY B 754 -31.25 -22.90 31.40
N ILE B 755 -32.46 -22.63 30.92
CA ILE B 755 -33.55 -22.26 31.81
C ILE B 755 -33.87 -23.42 32.73
N ALA B 756 -34.04 -23.12 34.01
CA ALA B 756 -34.31 -24.15 35.01
C ALA B 756 -35.81 -24.27 35.25
N THR B 757 -36.15 -25.21 36.13
CA THR B 757 -37.52 -25.41 36.56
C THR B 757 -37.52 -26.42 37.70
N PRO B 758 -38.41 -26.29 38.69
CA PRO B 758 -38.49 -27.30 39.74
C PRO B 758 -38.85 -28.66 39.15
N LYS B 759 -38.27 -29.71 39.74
CA LYS B 759 -38.53 -31.06 39.25
C LYS B 759 -40.03 -31.36 39.33
N GLY B 760 -40.58 -31.85 38.23
CA GLY B 760 -41.98 -32.21 38.17
C GLY B 760 -42.93 -31.08 37.86
N SER B 761 -42.45 -29.85 37.76
CA SER B 761 -43.32 -28.73 37.45
C SER B 761 -43.94 -28.88 36.08
N SER B 762 -45.23 -28.55 35.97
CA SER B 762 -45.91 -28.63 34.69
C SER B 762 -45.36 -27.64 33.66
N LEU B 763 -44.64 -26.62 34.12
CA LEU B 763 -44.11 -25.59 33.22
C LEU B 763 -42.84 -26.02 32.50
N GLY B 764 -42.27 -27.17 32.84
CA GLY B 764 -41.02 -27.57 32.21
C GLY B 764 -41.14 -27.76 30.72
N THR B 765 -42.16 -28.49 30.29
CA THR B 765 -42.35 -28.75 28.86
C THR B 765 -42.60 -27.49 28.06
N PRO B 766 -43.56 -26.64 28.42
CA PRO B 766 -43.83 -25.46 27.59
C PRO B 766 -42.63 -24.54 27.43
N VAL B 767 -41.84 -24.34 28.48
CA VAL B 767 -40.66 -23.51 28.35
C VAL B 767 -39.65 -24.15 27.42
N ASN B 768 -39.51 -25.47 27.48
CA ASN B 768 -38.64 -26.19 26.57
C ASN B 768 -39.04 -25.94 25.12
N LEU B 769 -40.32 -26.15 24.82
CA LEU B 769 -40.78 -25.91 23.46
C LEU B 769 -40.65 -24.44 23.08
N ALA B 770 -40.81 -23.55 24.05
CA ALA B 770 -40.68 -22.12 23.78
C ALA B 770 -39.26 -21.77 23.36
N VAL B 771 -38.26 -22.30 24.07
CA VAL B 771 -36.88 -22.01 23.70
C VAL B 771 -36.56 -22.65 22.36
N LEU B 772 -37.11 -23.83 22.08
CA LEU B 772 -36.92 -24.41 20.76
C LEU B 772 -37.44 -23.46 19.68
N LYS B 773 -38.66 -22.95 19.88
CA LYS B 773 -39.26 -22.06 18.89
C LYS B 773 -38.44 -20.79 18.73
N LEU B 774 -38.00 -20.20 19.85
CA LEU B 774 -37.22 -18.97 19.76
C LEU B 774 -35.91 -19.20 19.05
N SER B 775 -35.25 -20.34 19.30
CA SER B 775 -34.03 -20.66 18.59
C SER B 775 -34.30 -20.81 17.10
N GLU B 776 -35.42 -21.43 16.74
CA GLU B 776 -35.79 -21.50 15.33
C GLU B 776 -35.96 -20.11 14.74
N GLN B 777 -36.63 -19.22 15.48
CA GLN B 777 -36.66 -17.82 15.10
C GLN B 777 -35.30 -17.19 15.39
N GLY B 778 -35.11 -15.98 14.89
CA GLY B 778 -33.87 -15.27 15.11
C GLY B 778 -33.79 -14.49 16.41
N VAL B 779 -34.72 -14.74 17.33
CA VAL B 779 -34.77 -13.96 18.56
C VAL B 779 -33.47 -14.12 19.34
N LEU B 780 -33.01 -15.36 19.51
CA LEU B 780 -31.81 -15.61 20.28
C LEU B 780 -30.58 -15.02 19.59
N ASP B 781 -30.40 -15.32 18.30
CA ASP B 781 -29.25 -14.81 17.60
C ASP B 781 -29.29 -13.29 17.50
N LYS B 782 -30.47 -12.73 17.24
CA LYS B 782 -30.60 -11.28 17.17
C LYS B 782 -30.22 -10.64 18.50
N LEU B 783 -30.75 -11.18 19.60
CA LEU B 783 -30.46 -10.62 20.92
C LEU B 783 -28.97 -10.72 21.23
N LYS B 784 -28.37 -11.88 20.97
CA LYS B 784 -26.96 -12.05 21.27
C LYS B 784 -26.10 -11.10 20.44
N ASN B 785 -26.42 -10.97 19.16
CA ASN B 785 -25.64 -10.12 18.29
C ASN B 785 -25.80 -8.65 18.68
N LYS B 786 -26.99 -8.26 19.11
CA LYS B 786 -27.23 -6.86 19.43
C LYS B 786 -26.64 -6.47 20.79
N TRP B 787 -27.00 -7.21 21.84
CA TRP B 787 -26.53 -6.86 23.18
C TRP B 787 -25.00 -6.87 23.24
N TRP B 788 -24.39 -7.91 22.68
CA TRP B 788 -22.93 -7.98 22.61
C TRP B 788 -22.45 -7.19 21.40
N TYR B 789 -21.49 -6.30 21.62
CA TYR B 789 -20.95 -5.38 20.62
C TYR B 789 -21.90 -4.20 20.37
N ASP B 790 -22.91 -4.03 21.21
CA ASP B 790 -23.84 -2.91 21.03
C ASP B 790 -23.15 -1.57 21.25
N LYS B 791 -22.31 -1.47 22.27
CA LYS B 791 -21.69 -0.21 22.66
C LYS B 791 -20.22 -0.40 22.99
N GLY B 792 -19.52 -1.19 22.17
CA GLY B 792 -18.10 -1.38 22.38
C GLY B 792 -17.33 -0.08 22.27
N GLU B 793 -16.85 0.42 23.41
CA GLU B 793 -16.13 1.69 23.39
C GLU B 793 -14.79 1.55 22.67
N CYS B 794 -14.00 0.55 23.04
CA CYS B 794 -12.68 0.35 22.43
C CYS B 794 -12.84 -0.34 21.09
N GLY B 795 -12.23 0.25 20.06
CA GLY B 795 -12.32 -0.32 18.72
C GLY B 795 -13.73 -0.32 18.18
N ALA B 796 -14.61 0.45 18.83
CA ALA B 796 -16.00 0.55 18.41
C ALA B 796 -16.66 -0.83 18.36
N GLU B 803 -4.90 0.75 10.01
CA GLU B 803 -3.94 1.54 10.78
C GLU B 803 -3.42 2.72 9.96
N LYS B 804 -2.93 3.74 10.64
CA LYS B 804 -2.42 4.94 10.00
C LYS B 804 -0.89 4.86 9.87
N THR B 805 -0.36 5.67 8.97
CA THR B 805 1.07 5.78 8.75
C THR B 805 1.59 7.03 9.44
N SER B 806 2.55 6.86 10.33
CA SER B 806 3.13 7.97 11.08
C SER B 806 4.64 7.87 11.05
N ALA B 807 5.29 9.00 11.33
CA ALA B 807 6.73 9.09 11.23
C ALA B 807 7.40 8.09 12.15
N LEU B 808 8.69 7.90 11.92
CA LEU B 808 9.51 7.01 12.74
C LEU B 808 10.07 7.77 13.93
N SER B 809 9.73 7.32 15.13
CA SER B 809 10.39 7.82 16.33
C SER B 809 11.81 7.26 16.37
N LEU B 810 12.60 7.79 17.30
CA LEU B 810 13.96 7.29 17.46
C LEU B 810 14.01 5.97 18.21
N SER B 811 12.96 5.66 18.97
CA SER B 811 12.93 4.38 19.66
C SER B 811 12.90 3.22 18.69
N ASN B 812 12.33 3.42 17.51
CA ASN B 812 12.15 2.32 16.57
C ASN B 812 13.44 1.97 15.84
N VAL B 813 14.36 2.91 15.69
CA VAL B 813 15.53 2.72 14.84
C VAL B 813 16.80 2.99 15.63
N ALA B 814 16.76 2.77 16.94
CA ALA B 814 17.91 3.01 17.78
C ALA B 814 18.95 1.89 17.68
N GLY B 815 18.50 0.67 17.40
CA GLY B 815 19.41 -0.45 17.39
C GLY B 815 20.55 -0.25 16.41
N VAL B 816 20.24 0.30 15.24
CA VAL B 816 21.28 0.49 14.25
C VAL B 816 22.25 1.58 14.68
N PHE B 817 21.77 2.57 15.45
CA PHE B 817 22.70 3.55 16.01
C PHE B 817 23.64 2.89 17.01
N TYR B 818 23.10 2.03 17.87
CA TYR B 818 23.96 1.32 18.80
C TYR B 818 24.99 0.50 18.06
N ILE B 819 24.57 -0.19 17.00
CA ILE B 819 25.48 -1.00 16.20
C ILE B 819 26.56 -0.13 15.56
N LEU B 820 26.17 1.02 15.03
CA LEU B 820 27.15 1.93 14.43
C LEU B 820 28.20 2.34 15.44
N VAL B 821 27.76 2.74 16.64
CA VAL B 821 28.70 3.21 17.64
C VAL B 821 29.61 2.08 18.09
N GLY B 822 29.06 0.89 18.25
CA GLY B 822 29.89 -0.26 18.55
C GLY B 822 30.93 -0.51 17.47
N GLY B 823 30.53 -0.34 16.21
CA GLY B 823 31.48 -0.53 15.12
C GLY B 823 32.60 0.49 15.15
N LEU B 824 32.27 1.74 15.44
CA LEU B 824 33.31 2.77 15.52
C LEU B 824 34.28 2.48 16.65
N GLY B 825 33.74 2.14 17.83
CA GLY B 825 34.62 1.77 18.92
C GLY B 825 35.51 0.60 18.57
N LEU B 826 34.94 -0.41 17.90
CA LEU B 826 35.72 -1.57 17.49
C LEU B 826 36.82 -1.18 16.53
N ALA B 827 36.51 -0.29 15.59
CA ALA B 827 37.51 0.13 14.62
C ALA B 827 38.67 0.84 15.30
N MET B 828 38.37 1.74 16.23
CA MET B 828 39.45 2.43 16.92
C MET B 828 40.28 1.46 17.75
N LEU B 829 39.61 0.52 18.42
CA LEU B 829 40.33 -0.49 19.19
C LEU B 829 41.25 -1.29 18.29
N VAL B 830 40.75 -1.72 17.14
CA VAL B 830 41.54 -2.52 16.21
C VAL B 830 42.72 -1.74 15.71
N ALA B 831 42.53 -0.46 15.41
CA ALA B 831 43.63 0.35 14.91
C ALA B 831 44.70 0.53 15.98
N LEU B 832 44.29 0.74 17.23
CA LEU B 832 45.28 0.82 18.30
C LEU B 832 46.03 -0.48 18.45
N ILE B 833 45.32 -1.61 18.34
CA ILE B 833 45.98 -2.91 18.44
C ILE B 833 47.03 -3.05 17.35
N GLU B 834 46.65 -2.72 16.12
CA GLU B 834 47.59 -2.80 15.00
C GLU B 834 48.77 -1.86 15.20
N PHE B 835 48.50 -0.68 15.77
CA PHE B 835 49.55 0.30 16.02
C PHE B 835 50.57 -0.25 17.01
N CYS B 836 50.10 -0.74 18.15
CA CYS B 836 51.02 -1.33 19.13
C CYS B 836 51.76 -2.52 18.53
N TYR B 837 51.07 -3.35 17.76
CA TYR B 837 51.70 -4.53 17.20
C TYR B 837 52.83 -4.16 16.25
N LYS B 838 52.58 -3.22 15.34
CA LYS B 838 53.62 -2.78 14.42
C LYS B 838 54.67 -1.91 15.11
N SER B 839 54.40 -1.44 16.33
CA SER B 839 55.44 -0.75 17.09
C SER B 839 56.56 -1.73 17.47
N ARG B 840 56.20 -2.94 17.86
CA ARG B 840 57.19 -3.97 18.20
C ARG B 840 57.74 -4.61 16.93
N ALA C 2 11.34 -28.55 -0.79
CA ALA C 2 11.67 -28.53 0.63
C ALA C 2 13.04 -27.91 0.86
N PHE C 3 13.24 -26.71 0.32
CA PHE C 3 14.52 -26.03 0.45
C PHE C 3 14.79 -25.69 1.91
N THR C 4 16.06 -25.77 2.28
CA THR C 4 16.45 -25.57 3.68
C THR C 4 17.87 -25.03 3.73
N PHE C 5 18.18 -24.39 4.86
CA PHE C 5 19.53 -23.89 5.11
C PHE C 5 20.57 -24.98 4.90
N ALA C 6 20.32 -26.17 5.44
CA ALA C 6 21.28 -27.26 5.32
C ALA C 6 21.47 -27.65 3.85
N ALA C 7 20.39 -27.63 3.08
CA ALA C 7 20.51 -27.98 1.66
C ALA C 7 21.41 -27.00 0.93
N PHE C 8 21.24 -25.71 1.20
CA PHE C 8 22.11 -24.72 0.55
C PHE C 8 23.55 -24.90 0.99
N CYS C 9 23.75 -25.21 2.27
CA CYS C 9 25.10 -25.50 2.74
C CYS C 9 25.69 -26.67 1.96
N TYR C 10 24.89 -27.70 1.71
CA TYR C 10 25.39 -28.84 0.93
C TYR C 10 25.74 -28.42 -0.49
N MET C 11 24.90 -27.61 -1.13
CA MET C 11 25.21 -27.19 -2.49
C MET C 11 26.51 -26.41 -2.54
N LEU C 12 26.66 -25.43 -1.64
CA LEU C 12 27.87 -24.62 -1.62
C LEU C 12 29.10 -25.48 -1.30
N THR C 13 28.95 -26.42 -0.37
CA THR C 13 30.05 -27.29 -0.01
C THR C 13 30.46 -28.16 -1.19
N LEU C 14 29.50 -28.63 -1.98
CA LEU C 14 29.82 -29.39 -3.17
C LEU C 14 30.60 -28.53 -4.16
N VAL C 15 30.12 -27.31 -4.39
CA VAL C 15 30.82 -26.41 -5.30
C VAL C 15 32.27 -26.24 -4.87
N LEU C 16 32.49 -26.00 -3.58
CA LEU C 16 33.86 -25.76 -3.10
C LEU C 16 34.68 -27.05 -3.04
N CYS C 17 34.03 -28.20 -2.79
CA CYS C 17 34.76 -29.46 -2.80
C CYS C 17 35.29 -29.77 -4.18
N ALA C 18 34.63 -29.26 -5.22
CA ALA C 18 35.20 -29.38 -6.56
C ALA C 18 36.58 -28.74 -6.62
N SER C 19 36.70 -27.51 -6.11
CA SER C 19 37.99 -26.82 -6.14
C SER C 19 39.00 -27.51 -5.23
N LEU C 20 38.54 -28.03 -4.09
CA LEU C 20 39.44 -28.80 -3.23
C LEU C 20 40.00 -30.00 -3.97
N ILE C 21 39.15 -30.70 -4.71
CA ILE C 21 39.59 -31.84 -5.50
C ILE C 21 40.64 -31.41 -6.52
N PHE C 22 40.38 -30.29 -7.18
CA PHE C 22 41.36 -29.81 -8.17
C PHE C 22 42.69 -29.47 -7.50
N PHE C 23 42.64 -28.85 -6.32
CA PHE C 23 43.87 -28.54 -5.60
C PHE C 23 44.64 -29.81 -5.31
N VAL C 24 43.97 -30.84 -4.81
CA VAL C 24 44.66 -32.08 -4.46
C VAL C 24 45.22 -32.75 -5.70
N ILE C 25 44.49 -32.67 -6.81
CA ILE C 25 44.98 -33.25 -8.06
C ILE C 25 46.25 -32.55 -8.50
N TRP C 26 46.26 -31.22 -8.43
CA TRP C 26 47.47 -30.49 -8.79
C TRP C 26 48.62 -30.83 -7.86
N HIS C 27 48.31 -31.06 -6.58
CA HIS C 27 49.33 -31.43 -5.61
C HIS C 27 49.95 -32.78 -5.97
N ILE C 28 49.12 -33.76 -6.29
CA ILE C 28 49.65 -35.08 -6.62
C ILE C 28 50.42 -35.04 -7.93
N ILE C 29 49.97 -34.23 -8.88
CA ILE C 29 50.69 -34.08 -10.14
C ILE C 29 52.07 -33.47 -9.88
N ALA C 30 52.11 -32.44 -9.04
CA ALA C 30 53.39 -31.81 -8.71
C ALA C 30 54.32 -32.80 -8.05
N PHE C 31 53.80 -33.61 -7.12
CA PHE C 31 54.65 -34.56 -6.43
C PHE C 31 55.09 -35.69 -7.35
N ASP C 32 54.24 -36.11 -8.28
CA ASP C 32 54.67 -37.10 -9.26
C ASP C 32 55.80 -36.57 -10.12
N GLU C 33 55.67 -35.32 -10.60
CA GLU C 33 56.75 -34.72 -11.38
C GLU C 33 58.01 -34.61 -10.54
N LEU C 34 57.87 -34.19 -9.28
CA LEU C 34 59.03 -34.03 -8.41
C LEU C 34 59.72 -35.36 -8.17
N ARG C 35 58.94 -36.42 -7.96
CA ARG C 35 59.53 -37.74 -7.75
C ARG C 35 60.23 -38.23 -9.01
N THR C 36 59.60 -38.06 -10.17
CA THR C 36 60.23 -38.49 -11.41
C THR C 36 61.53 -37.74 -11.66
N ASP C 37 61.57 -36.45 -11.32
CA ASP C 37 62.80 -35.68 -11.51
C ASP C 37 63.86 -36.07 -10.50
N PHE C 38 63.47 -36.28 -9.25
CA PHE C 38 64.41 -36.63 -8.20
C PHE C 38 65.04 -38.00 -8.46
N LYS C 39 64.24 -38.98 -8.87
CA LYS C 39 64.78 -40.28 -9.22
C LYS C 39 65.69 -40.20 -10.44
N ASN C 40 65.59 -39.12 -11.22
CA ASN C 40 66.43 -38.92 -12.39
C ASN C 40 67.66 -38.13 -12.02
N PRO C 41 68.82 -38.77 -11.84
CA PRO C 41 70.02 -38.05 -11.42
C PRO C 41 70.74 -37.31 -12.54
N ILE C 42 70.10 -37.15 -13.71
CA ILE C 42 70.74 -36.43 -14.81
C ILE C 42 71.09 -35.02 -14.38
N ASP C 43 70.18 -34.35 -13.66
CA ASP C 43 70.49 -33.04 -13.09
C ASP C 43 71.64 -33.14 -12.09
N GLN C 44 71.72 -34.26 -11.38
CA GLN C 44 72.82 -34.47 -10.43
C GLN C 44 74.10 -34.80 -11.18
N GLY C 45 75.20 -34.18 -10.77
CA GLY C 45 76.47 -34.43 -11.41
C GLY C 45 76.53 -34.03 -12.86
N ASN C 46 75.94 -32.88 -13.19
CA ASN C 46 75.94 -32.35 -14.56
C ASN C 46 76.28 -30.87 -14.50
N PRO C 47 77.44 -30.46 -15.03
CA PRO C 47 77.77 -29.02 -15.00
C PRO C 47 76.73 -28.15 -15.66
N ALA C 48 76.10 -28.64 -16.74
CA ALA C 48 75.06 -27.90 -17.43
C ALA C 48 73.70 -28.25 -16.86
N ARG C 49 72.84 -27.23 -16.74
CA ARG C 49 71.48 -27.35 -16.23
C ARG C 49 71.43 -27.72 -14.76
N ALA C 50 72.55 -27.61 -14.03
CA ALA C 50 72.53 -27.90 -12.60
C ALA C 50 71.59 -26.95 -11.88
N ARG C 51 71.62 -25.67 -12.22
CA ARG C 51 70.69 -24.71 -11.62
C ARG C 51 69.25 -24.99 -11.99
N GLU C 52 69.02 -25.76 -13.06
CA GLU C 52 67.65 -26.07 -13.46
C GLU C 52 66.92 -26.87 -12.39
N ARG C 53 67.59 -27.87 -11.80
CA ARG C 53 66.96 -28.66 -10.75
C ARG C 53 66.63 -27.80 -9.55
N LEU C 54 67.55 -26.93 -9.14
CA LEU C 54 67.29 -26.05 -8.00
C LEU C 54 66.12 -25.11 -8.29
N LYS C 55 66.08 -24.55 -9.50
CA LYS C 55 64.98 -23.66 -9.86
C LYS C 55 63.65 -24.40 -9.86
N ASN C 56 63.62 -25.61 -10.39
CA ASN C 56 62.39 -26.39 -10.38
C ASN C 56 61.96 -26.70 -8.95
N ILE C 57 62.90 -27.06 -8.09
CA ILE C 57 62.56 -27.37 -6.70
C ILE C 57 61.98 -26.13 -6.03
N GLU C 58 62.61 -24.97 -6.23
CA GLU C 58 62.12 -23.74 -5.62
C GLU C 58 60.72 -23.40 -6.12
N ARG C 59 60.52 -23.52 -7.44
CA ARG C 59 59.21 -23.22 -8.02
C ARG C 59 58.14 -24.12 -7.41
N ILE C 60 58.39 -25.42 -7.36
CA ILE C 60 57.39 -26.36 -6.87
C ILE C 60 57.11 -26.10 -5.40
N CYS C 61 58.17 -25.89 -4.61
CA CYS C 61 57.99 -25.68 -3.18
C CYS C 61 57.19 -24.41 -2.92
N CYS C 62 57.47 -23.34 -3.66
CA CYS C 62 56.71 -22.11 -3.48
C CYS C 62 55.26 -22.29 -3.89
N LEU C 63 55.04 -22.95 -5.04
CA LEU C 63 53.67 -23.13 -5.52
C LEU C 63 52.84 -23.91 -4.52
N LEU C 64 53.39 -24.99 -3.97
CA LEU C 64 52.64 -25.79 -3.01
C LEU C 64 52.65 -25.18 -1.62
N ARG C 65 53.55 -24.24 -1.35
CA ARG C 65 53.43 -23.42 -0.16
C ARG C 65 52.23 -22.49 -0.28
N LYS C 66 51.90 -22.08 -1.50
CA LYS C 66 50.76 -21.20 -1.70
C LYS C 66 49.45 -21.98 -1.72
N LEU C 67 49.44 -23.14 -2.38
CA LEU C 67 48.20 -23.90 -2.55
C LEU C 67 47.64 -24.45 -1.24
N VAL C 68 48.41 -24.42 -0.16
CA VAL C 68 48.01 -25.16 1.04
C VAL C 68 46.96 -24.39 1.83
N VAL C 69 47.16 -23.10 2.05
CA VAL C 69 46.26 -22.33 2.91
C VAL C 69 44.83 -22.35 2.39
N PRO C 70 44.57 -22.15 1.09
CA PRO C 70 43.18 -22.20 0.61
C PRO C 70 42.47 -23.49 0.97
N GLU C 71 43.14 -24.63 0.76
CA GLU C 71 42.52 -25.92 1.05
C GLU C 71 42.15 -26.03 2.53
N TYR C 72 43.11 -25.74 3.41
CA TYR C 72 42.87 -25.90 4.84
C TYR C 72 41.76 -24.97 5.31
N SER C 73 41.83 -23.69 4.90
CA SER C 73 40.83 -22.73 5.34
C SER C 73 39.45 -23.06 4.78
N ILE C 74 39.39 -23.60 3.56
CA ILE C 74 38.11 -23.95 2.98
C ILE C 74 37.50 -25.14 3.71
N HIS C 75 38.32 -26.11 4.11
CA HIS C 75 37.79 -27.21 4.89
C HIS C 75 37.32 -26.72 6.26
N GLY C 76 38.06 -25.80 6.87
CA GLY C 76 37.57 -25.18 8.09
C GLY C 76 36.25 -24.48 7.89
N LEU C 77 36.08 -23.84 6.73
CA LEU C 77 34.81 -23.22 6.41
C LEU C 77 33.69 -24.26 6.31
N PHE C 78 33.98 -25.41 5.69
CA PHE C 78 33.01 -26.49 5.68
C PHE C 78 32.60 -26.86 7.10
N CYS C 79 33.58 -27.02 7.98
CA CYS C 79 33.30 -27.43 9.35
C CYS C 79 32.41 -26.38 10.03
N LEU C 80 32.76 -25.10 9.89
CA LEU C 80 31.97 -24.05 10.51
C LEU C 80 30.55 -24.04 9.96
N MET C 81 30.41 -24.18 8.64
CA MET C 81 29.10 -24.13 8.02
C MET C 81 28.22 -25.26 8.52
N PHE C 82 28.76 -26.47 8.60
CA PHE C 82 27.96 -27.58 9.10
C PHE C 82 27.70 -27.46 10.59
N LEU C 83 28.59 -26.77 11.32
CA LEU C 83 28.31 -26.47 12.72
C LEU C 83 27.10 -25.58 12.85
N CYS C 84 27.07 -24.49 12.07
CA CYS C 84 25.94 -23.57 12.11
C CYS C 84 24.71 -24.14 11.40
N ALA C 85 24.90 -25.10 10.50
CA ALA C 85 23.78 -25.73 9.81
C ALA C 85 22.99 -26.68 10.69
N ALA C 86 23.51 -27.02 11.88
CA ALA C 86 22.91 -28.03 12.74
C ALA C 86 23.01 -29.43 12.14
N GLU C 87 24.05 -29.66 11.33
CA GLU C 87 24.34 -30.98 10.79
C GLU C 87 25.43 -31.60 11.64
N TRP C 88 25.12 -32.73 12.28
CA TRP C 88 26.01 -33.33 13.27
C TRP C 88 26.81 -34.50 12.72
N VAL C 89 26.22 -35.34 11.86
CA VAL C 89 26.95 -36.45 11.28
C VAL C 89 28.11 -35.94 10.44
N THR C 90 27.81 -35.06 9.49
CA THR C 90 28.83 -34.59 8.56
C THR C 90 29.93 -33.81 9.29
N LEU C 91 29.54 -32.99 10.27
CA LEU C 91 30.53 -32.25 11.04
C LEU C 91 31.46 -33.21 11.78
N GLY C 92 30.91 -34.27 12.37
CA GLY C 92 31.74 -35.26 13.01
C GLY C 92 32.68 -35.94 12.03
N LEU C 93 32.20 -36.20 10.81
CA LEU C 93 33.05 -36.81 9.81
C LEU C 93 34.15 -35.86 9.35
N ASN C 94 33.92 -34.55 9.45
CA ASN C 94 34.87 -33.58 8.94
C ASN C 94 35.89 -33.10 9.97
N ILE C 95 35.56 -33.15 11.27
CA ILE C 95 36.50 -32.66 12.29
C ILE C 95 37.83 -33.39 12.25
N PRO C 96 37.90 -34.72 12.08
CA PRO C 96 39.23 -35.35 12.13
C PRO C 96 40.20 -34.79 11.12
N LEU C 97 39.74 -34.53 9.89
CA LEU C 97 40.63 -33.96 8.88
C LEU C 97 41.02 -32.52 9.22
N LEU C 98 40.10 -31.77 9.82
CA LEU C 98 40.46 -30.43 10.29
C LEU C 98 41.57 -30.49 11.32
N PHE C 99 41.48 -31.42 12.27
CA PHE C 99 42.55 -31.57 13.25
C PHE C 99 43.85 -32.00 12.59
N TYR C 100 43.75 -32.90 11.59
CA TYR C 100 44.95 -33.29 10.86
C TYR C 100 45.61 -32.10 10.20
N HIS C 101 44.81 -31.22 9.59
CA HIS C 101 45.37 -30.05 8.93
C HIS C 101 45.99 -29.10 9.94
N LEU C 102 45.33 -28.89 11.08
CA LEU C 102 45.92 -28.07 12.13
C LEU C 102 47.27 -28.63 12.55
N TRP C 103 47.33 -29.94 12.76
CA TRP C 103 48.58 -30.58 13.16
C TRP C 103 49.66 -30.38 12.10
N ARG C 104 49.30 -30.58 10.83
CA ARG C 104 50.29 -30.42 9.78
C ARG C 104 50.82 -29.00 9.73
N TYR C 105 49.93 -28.01 9.88
CA TYR C 105 50.34 -26.63 9.70
C TYR C 105 51.10 -26.09 10.90
N PHE C 106 50.85 -26.61 12.11
CA PHE C 106 51.42 -26.02 13.31
C PHE C 106 52.50 -26.85 13.98
N HIS C 107 52.56 -28.16 13.75
CA HIS C 107 53.43 -29.01 14.56
C HIS C 107 54.90 -28.64 14.38
N ARG C 108 55.33 -28.44 13.14
CA ARG C 108 56.73 -28.20 12.84
C ARG C 108 57.59 -29.32 13.40
N PRO C 109 57.47 -30.53 12.85
CA PRO C 109 58.27 -31.66 13.36
C PRO C 109 59.62 -31.79 12.66
N ALA C 110 60.39 -32.80 13.02
CA ALA C 110 61.65 -33.19 12.39
C ALA C 110 62.75 -32.16 12.62
N ASP C 111 62.52 -31.14 13.43
CA ASP C 111 63.53 -30.12 13.71
C ASP C 111 64.08 -29.54 12.41
N GLY C 112 63.21 -29.38 11.42
CA GLY C 112 63.58 -28.89 10.11
C GLY C 112 63.35 -27.40 9.96
N SER C 113 63.11 -26.98 8.72
CA SER C 113 62.85 -25.59 8.44
C SER C 113 61.45 -25.20 8.91
N GLU C 114 61.22 -23.88 9.00
CA GLU C 114 59.93 -23.40 9.46
C GLU C 114 58.81 -23.72 8.46
N VAL C 115 59.10 -23.56 7.18
CA VAL C 115 58.05 -23.72 6.16
C VAL C 115 57.79 -25.19 5.90
N MET C 116 56.59 -25.46 5.36
CA MET C 116 56.18 -26.84 5.11
C MET C 116 57.04 -27.47 4.02
N TYR C 117 57.19 -26.78 2.90
CA TYR C 117 57.99 -27.24 1.77
C TYR C 117 59.10 -26.22 1.53
N ASP C 118 60.27 -26.48 2.12
CA ASP C 118 61.39 -25.56 2.01
C ASP C 118 62.32 -25.88 0.84
N ALA C 119 62.11 -27.00 0.15
CA ALA C 119 62.92 -27.47 -0.98
C ALA C 119 64.31 -27.90 -0.57
N VAL C 120 64.69 -27.76 0.70
CA VAL C 120 65.98 -28.21 1.20
C VAL C 120 65.85 -29.49 2.00
N SER C 121 64.88 -29.53 2.91
CA SER C 121 64.56 -30.73 3.66
C SER C 121 63.40 -31.50 3.04
N ILE C 122 62.88 -31.04 1.91
CA ILE C 122 61.77 -31.69 1.24
C ILE C 122 62.29 -32.62 0.16
N MET C 123 63.59 -32.89 0.19
CA MET C 123 64.22 -33.81 -0.76
C MET C 123 64.54 -35.16 -0.14
N ASN C 124 64.07 -35.43 1.06
CA ASN C 124 64.24 -36.75 1.65
C ASN C 124 63.17 -37.69 1.10
N ALA C 125 63.61 -38.86 0.61
CA ALA C 125 62.68 -39.78 -0.02
C ALA C 125 61.52 -40.14 0.91
N ASP C 126 61.80 -40.23 2.21
CA ASP C 126 60.72 -40.52 3.16
C ASP C 126 59.67 -39.45 3.12
N ILE C 127 60.07 -38.18 3.04
CA ILE C 127 59.12 -37.08 2.99
C ILE C 127 58.24 -37.21 1.75
N LEU C 128 58.86 -37.46 0.59
CA LEU C 128 58.10 -37.57 -0.64
C LEU C 128 57.11 -38.73 -0.56
N ASN C 129 57.55 -39.88 -0.08
CA ASN C 129 56.67 -41.03 0.00
C ASN C 129 55.50 -40.76 0.94
N TYR C 130 55.79 -40.22 2.13
CA TYR C 130 54.74 -39.95 3.10
C TYR C 130 53.73 -38.98 2.54
N CYS C 131 54.19 -37.90 1.91
CA CYS C 131 53.28 -36.88 1.44
C CYS C 131 52.50 -37.34 0.21
N GLN C 132 53.12 -38.16 -0.65
CA GLN C 132 52.38 -38.73 -1.77
C GLN C 132 51.26 -39.63 -1.30
N LYS C 133 51.55 -40.50 -0.32
CA LYS C 133 50.50 -41.36 0.23
C LYS C 133 49.41 -40.52 0.88
N GLU C 134 49.80 -39.49 1.63
CA GLU C 134 48.81 -38.63 2.27
C GLU C 134 47.93 -37.94 1.24
N SER C 135 48.53 -37.46 0.14
CA SER C 135 47.76 -36.79 -0.89
C SER C 135 46.80 -37.75 -1.58
N TRP C 136 47.23 -38.98 -1.85
CA TRP C 136 46.31 -39.94 -2.45
C TRP C 136 45.14 -40.24 -1.52
N CYS C 137 45.42 -40.45 -0.23
CA CYS C 137 44.34 -40.68 0.72
C CYS C 137 43.42 -39.48 0.80
N LYS C 138 43.98 -38.28 0.76
CA LYS C 138 43.17 -37.07 0.82
C LYS C 138 42.27 -36.95 -0.40
N LEU C 139 42.80 -37.28 -1.57
CA LEU C 139 41.99 -37.25 -2.79
C LEU C 139 40.84 -38.24 -2.69
N ALA C 140 41.11 -39.45 -2.20
CA ALA C 140 40.03 -40.42 -2.05
C ALA C 140 38.98 -39.90 -1.08
N PHE C 141 39.41 -39.31 0.03
CA PHE C 141 38.46 -38.78 0.99
C PHE C 141 37.63 -37.66 0.40
N TYR C 142 38.25 -36.78 -0.38
CA TYR C 142 37.50 -35.68 -0.98
C TYR C 142 36.49 -36.20 -2.00
N LEU C 143 36.85 -37.20 -2.79
CA LEU C 143 35.87 -37.79 -3.70
C LEU C 143 34.69 -38.37 -2.92
N LEU C 144 34.98 -39.13 -1.87
CA LEU C 144 33.91 -39.71 -1.07
C LEU C 144 33.03 -38.63 -0.46
N SER C 145 33.65 -37.56 0.04
CA SER C 145 32.90 -36.48 0.66
C SER C 145 32.04 -35.75 -0.36
N PHE C 146 32.57 -35.55 -1.56
CA PHE C 146 31.79 -34.90 -2.62
C PHE C 146 30.55 -35.71 -2.95
N PHE C 147 30.72 -37.03 -3.11
CA PHE C 147 29.56 -37.85 -3.42
C PHE C 147 28.57 -37.89 -2.26
N TYR C 148 29.09 -37.93 -1.02
CA TYR C 148 28.21 -37.89 0.13
C TYR C 148 27.43 -36.58 0.19
N TYR C 149 28.10 -35.46 -0.11
CA TYR C 149 27.43 -34.17 -0.12
C TYR C 149 26.33 -34.14 -1.17
N LEU C 150 26.61 -34.68 -2.36
CA LEU C 150 25.59 -34.71 -3.40
C LEU C 150 24.38 -35.54 -2.96
N TYR C 151 24.64 -36.73 -2.42
CA TYR C 151 23.55 -37.59 -1.98
C TYR C 151 22.73 -36.93 -0.87
N SER C 152 23.41 -36.33 0.11
CA SER C 152 22.71 -35.66 1.20
C SER C 152 21.91 -34.47 0.69
N MET C 153 22.47 -33.72 -0.25
CA MET C 153 21.76 -32.57 -0.80
C MET C 153 20.47 -33.02 -1.46
N VAL C 154 20.54 -34.04 -2.32
CA VAL C 154 19.32 -34.49 -2.99
C VAL C 154 18.34 -35.05 -1.99
N TYR C 155 18.82 -35.82 -1.01
CA TYR C 155 17.93 -36.43 -0.04
C TYR C 155 17.20 -35.38 0.79
N THR C 156 17.94 -34.37 1.26
CA THR C 156 17.33 -33.30 2.04
C THR C 156 16.35 -32.50 1.19
N LEU C 157 16.72 -32.21 -0.05
CA LEU C 157 15.89 -31.36 -0.89
C LEU C 157 14.58 -32.05 -1.26
N VAL C 158 14.64 -33.33 -1.61
CA VAL C 158 13.41 -34.03 -1.98
C VAL C 158 12.51 -34.21 -0.77
N SER C 159 13.09 -34.47 0.39
CA SER C 159 12.31 -34.64 1.62
C SER C 159 11.41 -33.45 1.88
N GLU D 16 48.29 23.74 11.62
CA GLU D 16 49.58 24.39 11.41
C GLU D 16 49.80 25.48 12.45
N LYS D 17 50.81 26.32 12.21
CA LYS D 17 51.15 27.51 12.98
C LYS D 17 51.39 27.22 14.48
N GLY D 18 51.43 25.95 14.88
CA GLY D 18 51.91 25.58 16.20
C GLY D 18 51.09 26.10 17.38
N VAL D 19 50.10 26.96 17.12
CA VAL D 19 49.29 27.51 18.21
C VAL D 19 48.02 26.72 18.44
N GLN D 20 47.79 25.65 17.67
CA GLN D 20 46.55 24.91 17.77
C GLN D 20 46.33 24.30 19.15
N VAL D 21 47.39 24.14 19.94
CA VAL D 21 47.22 23.65 21.30
C VAL D 21 46.31 24.58 22.09
N LEU D 22 46.39 25.88 21.81
CA LEU D 22 45.54 26.83 22.52
C LEU D 22 44.07 26.57 22.22
N LEU D 23 43.72 26.50 20.94
CA LEU D 23 42.34 26.21 20.59
C LEU D 23 41.91 24.86 21.14
N THR D 24 42.82 23.89 21.14
CA THR D 24 42.50 22.57 21.65
C THR D 24 42.09 22.63 23.12
N THR D 25 42.92 23.25 23.95
CA THR D 25 42.61 23.28 25.38
C THR D 25 41.43 24.20 25.69
N ILE D 26 41.29 25.30 24.95
CA ILE D 26 40.13 26.16 25.15
C ILE D 26 38.85 25.40 24.84
N GLY D 27 38.85 24.67 23.73
CA GLY D 27 37.70 23.84 23.42
C GLY D 27 37.46 22.76 24.46
N ALA D 28 38.53 22.17 24.99
CA ALA D 28 38.36 21.16 26.02
C ALA D 28 37.67 21.72 27.24
N PHE D 29 38.18 22.83 27.77
CA PHE D 29 37.56 23.43 28.95
C PHE D 29 36.15 23.89 28.65
N ALA D 30 35.93 24.51 27.48
CA ALA D 30 34.60 24.99 27.15
C ALA D 30 33.61 23.85 27.06
N ALA D 31 33.99 22.76 26.41
CA ALA D 31 33.07 21.64 26.24
C ALA D 31 32.84 20.92 27.55
N PHE D 32 33.86 20.81 28.40
CA PHE D 32 33.66 20.25 29.73
C PHE D 32 32.69 21.09 30.55
N GLY D 33 32.85 22.42 30.47
CA GLY D 33 31.92 23.28 31.18
C GLY D 33 30.51 23.16 30.66
N LEU D 34 30.35 23.14 29.34
CA LEU D 34 29.03 22.98 28.75
C LEU D 34 28.40 21.66 29.17
N MET D 35 29.17 20.58 29.13
CA MET D 35 28.63 19.27 29.48
C MET D 35 28.21 19.24 30.94
N THR D 36 29.05 19.73 31.84
CA THR D 36 28.69 19.73 33.26
C THR D 36 27.48 20.61 33.51
N ILE D 37 27.44 21.79 32.88
CA ILE D 37 26.31 22.69 33.03
C ILE D 37 25.03 22.03 32.56
N ALA D 38 25.11 21.26 31.47
CA ALA D 38 23.92 20.60 30.95
C ALA D 38 23.47 19.47 31.86
N ILE D 39 24.42 18.72 32.41
CA ILE D 39 24.08 17.60 33.27
C ILE D 39 23.38 18.05 34.55
N SER D 40 23.61 19.29 34.98
CA SER D 40 23.21 19.74 36.30
C SER D 40 22.07 20.74 36.33
N THR D 41 21.91 21.54 35.28
CA THR D 41 20.97 22.65 35.34
C THR D 41 19.51 22.23 35.32
N ASP D 42 19.21 21.01 34.87
CA ASP D 42 17.85 20.50 34.87
C ASP D 42 16.94 21.31 33.96
N TYR D 43 17.43 21.66 32.77
CA TYR D 43 16.63 22.31 31.72
C TYR D 43 16.87 21.54 30.42
N TRP D 44 16.09 20.48 30.20
CA TRP D 44 16.18 19.68 29.00
C TRP D 44 14.89 19.63 28.20
N LEU D 45 13.76 19.44 28.87
CA LEU D 45 12.49 19.12 28.22
C LEU D 45 11.43 20.09 28.71
N TYR D 46 10.87 20.89 27.80
CA TYR D 46 9.71 21.71 28.11
C TYR D 46 8.48 20.93 27.66
N THR D 47 7.64 20.53 28.61
CA THR D 47 6.50 19.70 28.27
C THR D 47 5.41 19.87 29.31
N ARG D 48 4.43 18.99 29.25
CA ARG D 48 3.27 18.98 30.13
C ARG D 48 3.28 17.70 30.92
N ALA D 49 3.07 17.79 32.23
CA ALA D 49 3.09 16.64 33.10
C ALA D 49 1.89 16.66 34.03
N LEU D 50 1.42 15.46 34.38
CA LEU D 50 0.28 15.33 35.28
C LEU D 50 0.63 15.67 36.72
N ILE D 51 1.92 15.78 37.05
CA ILE D 51 2.31 16.06 38.42
C ILE D 51 1.89 17.47 38.82
N CYS D 52 2.15 18.45 37.95
CA CYS D 52 1.81 19.84 38.25
C CYS D 52 0.35 19.96 38.66
N GLY D 79 -0.85 17.23 32.71
CA GLY D 79 -1.37 18.22 33.63
C GLY D 79 -0.99 19.63 33.23
N GLY D 80 0.07 20.14 33.85
CA GLY D 80 0.53 21.49 33.62
C GLY D 80 1.93 21.53 33.05
N LEU D 81 2.39 22.75 32.78
CA LEU D 81 3.70 22.96 32.19
C LEU D 81 4.81 22.54 33.14
N THR D 82 5.94 22.13 32.57
CA THR D 82 7.12 21.81 33.36
C THR D 82 8.34 21.97 32.47
N HIS D 83 9.50 22.05 33.12
CA HIS D 83 10.78 22.22 32.44
C HIS D 83 11.74 21.14 32.90
N SER D 84 11.29 19.89 32.83
CA SER D 84 12.05 18.75 33.31
C SER D 84 13.45 18.74 32.75
N GLY D 85 14.35 18.06 33.44
CA GLY D 85 15.74 18.00 33.08
C GLY D 85 16.23 16.56 33.01
N LEU D 86 17.40 16.35 33.60
CA LEU D 86 18.07 15.05 33.56
C LEU D 86 17.94 14.27 34.85
N TRP D 87 18.00 14.95 35.99
CA TRP D 87 17.91 14.32 37.30
C TRP D 87 16.58 14.55 37.99
N ARG D 88 16.07 15.78 37.99
CA ARG D 88 14.89 16.14 38.75
C ARG D 88 13.94 16.96 37.90
N ILE D 89 12.67 16.76 38.15
CA ILE D 89 11.61 17.55 37.54
C ILE D 89 11.27 18.72 38.46
N CYS D 90 10.92 19.85 37.86
CA CYS D 90 10.57 21.04 38.64
C CYS D 90 9.53 21.82 37.85
N CYS D 91 8.31 21.87 38.37
CA CYS D 91 7.22 22.50 37.66
C CYS D 91 7.37 24.02 37.68
N LEU D 92 6.62 24.67 36.79
CA LEU D 92 6.55 26.12 36.73
C LEU D 92 5.12 26.63 36.72
N GLU D 93 4.14 25.75 36.84
CA GLU D 93 2.73 26.11 36.74
C GLU D 93 1.93 25.34 37.77
N GLY D 94 0.72 25.82 38.04
CA GLY D 94 -0.17 25.18 38.98
C GLY D 94 -0.15 25.84 40.34
N LEU D 95 -0.67 25.10 41.31
CA LEU D 95 -0.74 25.61 42.68
C LEU D 95 0.65 25.88 43.22
N LYS D 96 1.59 24.98 42.98
CA LYS D 96 2.97 25.10 43.45
C LYS D 96 3.87 25.42 42.26
N ARG D 97 4.39 26.63 42.22
CA ARG D 97 5.31 27.05 41.18
C ARG D 97 6.74 27.05 41.73
N GLY D 98 7.69 26.79 40.85
CA GLY D 98 9.08 26.74 41.26
C GLY D 98 9.38 25.67 42.29
N VAL D 99 8.63 24.56 42.26
CA VAL D 99 8.81 23.45 43.19
C VAL D 99 9.53 22.33 42.46
N CYS D 100 10.64 21.85 43.03
CA CYS D 100 11.48 20.84 42.39
C CYS D 100 11.42 19.54 43.15
N VAL D 101 11.16 18.45 42.44
CA VAL D 101 11.17 17.10 42.98
C VAL D 101 11.91 16.19 42.02
N LYS D 102 12.53 15.14 42.56
CA LYS D 102 13.27 14.18 41.76
C LYS D 102 12.33 13.15 41.14
N ILE D 103 12.76 12.58 40.01
CA ILE D 103 11.94 11.66 39.22
C ILE D 103 12.43 10.24 39.45
N ASN D 104 11.49 9.30 39.49
CA ASN D 104 11.79 7.95 39.95
C ASN D 104 12.60 7.17 38.92
N HIS D 105 12.19 7.24 37.66
CA HIS D 105 12.70 6.40 36.56
C HIS D 105 12.24 4.96 36.67
N PHE D 106 11.41 4.61 37.65
CA PHE D 106 10.99 3.23 37.86
C PHE D 106 9.56 3.21 38.37
N PRO D 107 8.60 3.56 37.53
CA PRO D 107 7.19 3.48 37.93
C PRO D 107 6.64 2.08 37.76
N GLU D 108 5.54 1.82 38.46
CA GLU D 108 4.84 0.55 38.35
C GLU D 108 4.24 0.42 36.96
N ASP D 109 4.81 -0.48 36.15
CA ASP D 109 4.41 -0.66 34.76
C ASP D 109 3.85 -2.05 34.50
N THR D 110 3.23 -2.66 35.51
CA THR D 110 2.65 -4.00 35.39
C THR D 110 3.70 -5.01 34.94
N ASP D 111 4.82 -5.04 35.67
CA ASP D 111 5.95 -5.93 35.41
C ASP D 111 6.67 -5.57 34.12
N TYR D 112 6.40 -4.40 33.53
CA TYR D 112 7.10 -4.00 32.33
C TYR D 112 8.59 -3.87 32.58
N ASP D 113 8.98 -3.55 33.82
CA ASP D 113 10.39 -3.52 34.19
C ASP D 113 11.04 -4.89 34.17
N HIS D 114 10.24 -5.96 34.07
CA HIS D 114 10.80 -7.29 33.95
C HIS D 114 11.50 -7.49 32.61
N ASP D 115 11.05 -6.78 31.57
CA ASP D 115 11.69 -6.88 30.27
C ASP D 115 13.16 -6.49 30.39
N SER D 116 14.04 -7.35 29.88
CA SER D 116 15.48 -7.12 30.02
C SER D 116 15.90 -5.85 29.30
N ALA D 117 15.45 -5.67 28.06
CA ALA D 117 15.84 -4.50 27.30
C ALA D 117 15.34 -3.21 27.95
N GLU D 118 14.05 -3.18 28.29
CA GLU D 118 13.48 -1.99 28.92
C GLU D 118 14.13 -1.71 30.26
N TYR D 119 14.37 -2.76 31.05
CA TYR D 119 15.01 -2.57 32.35
C TYR D 119 16.41 -2.00 32.17
N LEU D 120 17.16 -2.54 31.21
CA LEU D 120 18.51 -2.04 30.96
C LEU D 120 18.48 -0.58 30.52
N LEU D 121 17.56 -0.24 29.63
CA LEU D 121 17.46 1.15 29.18
C LEU D 121 17.12 2.07 30.34
N ARG D 122 16.17 1.67 31.18
CA ARG D 122 15.80 2.50 32.32
C ARG D 122 16.98 2.68 33.26
N VAL D 123 17.74 1.60 33.50
CA VAL D 123 18.89 1.69 34.38
C VAL D 123 19.91 2.68 33.82
N VAL D 124 20.21 2.57 32.53
CA VAL D 124 21.21 3.44 31.92
C VAL D 124 20.74 4.89 31.97
N ARG D 125 19.46 5.13 31.67
CA ARG D 125 18.94 6.49 31.71
C ARG D 125 19.03 7.06 33.11
N ALA D 126 18.65 6.26 34.11
CA ALA D 126 18.68 6.75 35.50
C ALA D 126 20.11 7.08 35.92
N SER D 127 21.02 6.13 35.74
CA SER D 127 22.40 6.39 36.10
C SER D 127 23.02 7.48 35.26
N SER D 128 22.59 7.61 34.00
CA SER D 128 23.07 8.65 33.11
C SER D 128 24.59 8.66 33.05
N ILE D 129 25.17 7.46 32.89
CA ILE D 129 26.62 7.32 32.96
C ILE D 129 27.32 7.65 31.66
N PHE D 130 26.61 7.75 30.55
CA PHE D 130 27.29 8.00 29.29
C PHE D 130 27.66 9.47 29.17
N PRO D 131 26.75 10.41 29.46
CA PRO D 131 27.18 11.81 29.51
C PRO D 131 28.25 12.07 30.55
N ILE D 132 28.13 11.43 31.71
CA ILE D 132 29.16 11.54 32.73
C ILE D 132 30.49 11.05 32.18
N LEU D 133 30.46 9.92 31.46
CA LEU D 133 31.68 9.37 30.88
C LEU D 133 32.26 10.32 29.84
N SER D 134 31.39 10.96 29.05
CA SER D 134 31.88 11.91 28.07
C SER D 134 32.60 13.06 28.75
N ALA D 135 32.01 13.57 29.84
CA ALA D 135 32.66 14.65 30.58
C ALA D 135 34.00 14.19 31.15
N ILE D 136 34.03 12.98 31.70
CA ILE D 136 35.26 12.46 32.29
C ILE D 136 36.35 12.34 31.23
N LEU D 137 36.01 11.76 30.09
CA LEU D 137 36.99 11.60 29.02
C LEU D 137 37.46 12.96 28.51
N LEU D 138 36.54 13.91 28.40
CA LEU D 138 36.91 15.25 27.98
C LEU D 138 37.92 15.86 28.94
N LEU D 139 37.68 15.71 30.24
CA LEU D 139 38.57 16.27 31.24
C LEU D 139 39.94 15.61 31.16
N LEU D 140 39.96 14.28 31.02
CA LEU D 140 41.24 13.57 30.92
C LEU D 140 41.99 13.99 29.68
N GLY D 141 41.29 14.20 28.56
CA GLY D 141 41.95 14.68 27.36
C GLY D 141 42.55 16.05 27.54
N GLY D 142 41.81 16.96 28.17
CA GLY D 142 42.38 18.26 28.46
C GLY D 142 43.61 18.15 29.35
N VAL D 143 43.58 17.23 30.30
CA VAL D 143 44.72 17.03 31.18
C VAL D 143 45.93 16.54 30.38
N CYS D 144 45.71 15.59 29.47
CA CYS D 144 46.81 15.09 28.65
C CYS D 144 47.37 16.18 27.77
N VAL D 145 46.51 17.02 27.19
CA VAL D 145 46.97 18.12 26.37
C VAL D 145 47.82 19.08 27.19
N ALA D 146 47.36 19.40 28.40
CA ALA D 146 48.14 20.28 29.26
C ALA D 146 49.50 19.65 29.58
N ALA D 147 49.51 18.36 29.85
CA ALA D 147 50.77 17.67 30.15
C ALA D 147 51.70 17.68 28.94
N SER D 148 51.13 17.71 27.73
CA SER D 148 51.97 17.73 26.54
C SER D 148 52.96 18.88 26.59
N ARG D 149 52.57 20.01 27.17
CA ARG D 149 53.50 21.11 27.37
C ARG D 149 54.63 20.76 28.33
N VAL D 150 54.50 19.67 29.07
CA VAL D 150 55.51 19.24 30.03
C VAL D 150 56.37 18.15 29.41
N TYR D 151 55.75 17.02 29.07
CA TYR D 151 56.47 15.87 28.51
C TYR D 151 56.41 15.94 26.99
N LYS D 152 57.08 16.95 26.44
CA LYS D 152 57.11 17.12 24.99
C LYS D 152 57.81 15.98 24.28
N SER D 153 58.57 15.16 25.00
CA SER D 153 59.26 14.04 24.35
C SER D 153 58.27 12.97 23.90
N LYS D 154 57.25 12.70 24.69
CA LYS D 154 56.29 11.63 24.38
C LYS D 154 55.14 12.21 23.58
N ARG D 155 55.02 11.77 22.34
CA ARG D 155 53.90 12.21 21.49
C ARG D 155 52.60 11.50 21.85
N ASN D 156 52.68 10.22 22.21
CA ASN D 156 51.49 9.42 22.43
C ASN D 156 50.49 10.08 23.38
N ILE D 157 50.95 11.04 24.20
CA ILE D 157 50.03 11.76 25.07
C ILE D 157 48.93 12.41 24.26
N ILE D 158 49.30 13.10 23.19
CA ILE D 158 48.35 13.87 22.41
C ILE D 158 47.43 12.94 21.63
N LEU D 159 47.96 11.82 21.14
CA LEU D 159 47.11 10.85 20.46
C LEU D 159 46.07 10.31 21.43
N GLY D 160 46.47 10.01 22.66
CA GLY D 160 45.50 9.62 23.67
C GLY D 160 44.46 10.70 23.86
N ALA D 161 44.88 11.95 23.90
CA ALA D 161 43.91 13.04 24.09
C ALA D 161 42.88 13.04 22.97
N GLY D 162 43.34 12.92 21.72
CA GLY D 162 42.42 12.93 20.60
C GLY D 162 41.43 11.77 20.67
N ILE D 163 41.94 10.58 20.96
CA ILE D 163 41.06 9.42 21.07
C ILE D 163 40.04 9.63 22.18
N LEU D 164 40.47 10.20 23.31
CA LEU D 164 39.56 10.44 24.41
C LEU D 164 38.45 11.38 23.98
N PHE D 165 38.80 12.46 23.27
CA PHE D 165 37.79 13.41 22.85
C PHE D 165 36.78 12.77 21.90
N VAL D 166 37.26 11.97 20.95
CA VAL D 166 36.35 11.31 20.02
C VAL D 166 35.41 10.37 20.78
N ALA D 167 35.97 9.59 21.71
CA ALA D 167 35.13 8.68 22.48
C ALA D 167 34.11 9.45 23.31
N ALA D 168 34.49 10.62 23.81
CA ALA D 168 33.54 11.46 24.53
C ALA D 168 32.39 11.86 23.62
N GLY D 169 32.70 12.23 22.39
CA GLY D 169 31.64 12.54 21.44
C GLY D 169 30.69 11.38 21.24
N LEU D 170 31.25 10.18 21.08
CA LEU D 170 30.40 9.00 20.91
C LEU D 170 29.52 8.78 22.14
N SER D 171 30.09 8.92 23.33
CA SER D 171 29.32 8.71 24.54
C SER D 171 28.21 9.74 24.68
N ASN D 172 28.47 10.97 24.26
CA ASN D 172 27.42 11.98 24.28
C ASN D 172 26.28 11.60 23.33
N ILE D 173 26.64 11.10 22.15
CA ILE D 173 25.61 10.61 21.23
C ILE D 173 24.76 9.55 21.92
N ILE D 174 25.43 8.61 22.59
CA ILE D 174 24.71 7.51 23.21
C ILE D 174 23.79 8.03 24.30
N GLY D 175 24.28 8.95 25.12
CA GLY D 175 23.44 9.52 26.16
C GLY D 175 22.21 10.19 25.60
N VAL D 176 22.39 10.97 24.53
CA VAL D 176 21.24 11.61 23.90
C VAL D 176 20.24 10.57 23.43
N ILE D 177 20.74 9.52 22.78
CA ILE D 177 19.85 8.51 22.23
C ILE D 177 19.06 7.83 23.35
N VAL D 178 19.73 7.43 24.43
CA VAL D 178 19.02 6.73 25.49
C VAL D 178 18.03 7.65 26.16
N TYR D 179 18.41 8.91 26.37
CA TYR D 179 17.47 9.87 26.96
C TYR D 179 16.21 9.98 26.13
N ILE D 180 16.37 10.18 24.83
CA ILE D 180 15.21 10.36 23.96
C ILE D 180 14.38 9.10 23.91
N SER D 181 15.03 7.94 23.79
CA SER D 181 14.29 6.69 23.70
C SER D 181 13.51 6.41 24.97
N ALA D 182 14.10 6.75 26.13
CA ALA D 182 13.39 6.57 27.39
C ALA D 182 12.19 7.49 27.48
N ASN D 183 12.37 8.77 27.14
CA ASN D 183 11.25 9.68 27.15
C ASN D 183 10.12 9.19 26.25
N ALA D 184 10.46 8.72 25.04
CA ALA D 184 9.43 8.21 24.14
C ALA D 184 8.75 6.99 24.72
N GLY D 185 9.53 6.07 25.30
CA GLY D 185 8.94 4.86 25.85
C GLY D 185 7.94 5.14 26.96
N GLU D 186 8.25 6.11 27.80
CA GLU D 186 7.39 6.44 28.93
C GLU D 186 5.99 6.86 28.45
N LYS D 196 0.20 11.31 22.87
CA LYS D 196 0.72 12.18 21.83
C LYS D 196 0.55 13.65 22.21
N ASN D 197 1.46 14.14 23.04
CA ASN D 197 1.43 15.52 23.51
C ASN D 197 2.53 16.33 22.83
N HIS D 198 2.64 17.58 23.25
CA HIS D 198 3.65 18.49 22.74
C HIS D 198 4.86 18.48 23.67
N TYR D 199 6.05 18.54 23.06
CA TYR D 199 7.27 18.58 23.85
C TYR D 199 8.36 19.27 23.06
N SER D 200 9.36 19.76 23.77
CA SER D 200 10.42 20.56 23.18
C SER D 200 11.63 20.51 24.08
N TYR D 201 12.78 20.85 23.52
CA TYR D 201 14.07 20.63 24.15
C TYR D 201 14.67 21.95 24.63
N GLY D 202 15.27 21.91 25.83
CA GLY D 202 15.80 23.10 26.44
C GLY D 202 17.20 23.45 25.99
N TRP D 203 17.66 24.62 26.45
CA TRP D 203 18.97 25.11 26.05
C TRP D 203 20.09 24.17 26.48
N SER D 204 19.88 23.43 27.57
CA SER D 204 20.93 22.53 28.05
C SER D 204 21.19 21.42 27.04
N PHE D 205 20.16 20.92 26.40
CA PHE D 205 20.33 19.88 25.40
C PHE D 205 21.16 20.39 24.22
N TYR D 206 20.88 21.60 23.76
CA TYR D 206 21.69 22.18 22.71
C TYR D 206 23.11 22.45 23.20
N PHE D 207 23.28 22.71 24.50
CA PHE D 207 24.64 22.79 25.04
C PHE D 207 25.36 21.45 24.94
N GLY D 208 24.64 20.37 25.22
CA GLY D 208 25.22 19.05 25.05
C GLY D 208 25.61 18.78 23.61
N GLY D 209 24.76 19.19 22.67
CA GLY D 209 25.10 19.06 21.26
C GLY D 209 26.35 19.86 20.90
N LEU D 210 26.45 21.08 21.42
CA LEU D 210 27.64 21.88 21.22
C LEU D 210 28.86 21.19 21.81
N SER D 211 28.70 20.57 22.98
CA SER D 211 29.80 19.84 23.58
C SER D 211 30.28 18.73 22.65
N PHE D 212 29.35 18.00 22.05
CA PHE D 212 29.75 16.95 21.12
C PHE D 212 30.53 17.51 19.94
N ILE D 213 30.00 18.58 19.33
CA ILE D 213 30.66 19.15 18.16
C ILE D 213 32.07 19.60 18.53
N LEU D 214 32.19 20.30 19.66
CA LEU D 214 33.49 20.76 20.10
C LEU D 214 34.44 19.60 20.33
N ALA D 215 33.94 18.53 20.96
CA ALA D 215 34.81 17.39 21.24
C ALA D 215 35.37 16.81 19.96
N GLU D 216 34.53 16.66 18.94
CA GLU D 216 35.01 16.08 17.70
C GLU D 216 36.00 17.00 17.00
N VAL D 217 35.72 18.31 16.98
CA VAL D 217 36.67 19.25 16.42
C VAL D 217 38.01 19.15 17.13
N ILE D 218 37.98 19.05 18.45
CA ILE D 218 39.22 18.97 19.22
C ILE D 218 39.97 17.69 18.87
N GLY D 219 39.25 16.60 18.68
CA GLY D 219 39.91 15.37 18.27
C GLY D 219 40.65 15.56 16.96
N VAL D 220 39.99 16.21 16.00
CA VAL D 220 40.63 16.49 14.72
C VAL D 220 41.90 17.30 14.92
N LEU D 221 41.81 18.37 15.71
CA LEU D 221 42.96 19.24 15.87
C LEU D 221 44.11 18.52 16.56
N ALA D 222 43.81 17.73 17.58
CA ALA D 222 44.86 17.01 18.28
C ALA D 222 45.56 16.02 17.36
N VAL D 223 44.79 15.32 16.52
CA VAL D 223 45.40 14.37 15.61
C VAL D 223 46.28 15.11 14.59
N ASN D 224 45.82 16.26 14.11
CA ASN D 224 46.65 17.04 13.19
C ASN D 224 47.94 17.49 13.87
N ILE D 225 47.84 17.90 15.13
CA ILE D 225 49.03 18.28 15.90
C ILE D 225 50.02 17.12 15.94
N TYR D 226 49.52 15.93 16.29
CA TYR D 226 50.39 14.77 16.39
C TYR D 226 51.01 14.43 15.05
N ILE D 227 50.24 14.55 13.97
CA ILE D 227 50.76 14.27 12.64
C ILE D 227 51.89 15.22 12.30
N GLU D 228 51.68 16.52 12.52
CA GLU D 228 52.72 17.49 12.21
C GLU D 228 53.96 17.23 13.05
N ARG D 229 53.78 16.95 14.33
CA ARG D 229 54.93 16.71 15.19
C ARG D 229 55.72 15.49 14.74
N SER D 230 55.04 14.41 14.38
CA SER D 230 55.74 13.24 13.87
C SER D 230 56.42 13.54 12.54
N ARG D 231 55.77 14.33 11.70
CA ARG D 231 56.36 14.68 10.40
C ARG D 231 57.67 15.42 10.58
N GLU D 232 57.69 16.40 11.47
CA GLU D 232 58.90 17.16 11.72
C GLU D 232 59.87 16.45 12.65
N ALA D 233 59.45 15.36 13.26
CA ALA D 233 60.33 14.55 14.11
C ALA D 233 60.83 13.30 13.41
N HIS D 234 60.63 13.19 12.10
CA HIS D 234 61.07 12.03 11.35
C HIS D 234 60.48 10.75 11.92
N THR E 416 -53.74 44.36 -1.69
CA THR E 416 -52.43 44.23 -1.10
C THR E 416 -52.17 42.79 -0.67
N TYR E 417 -50.90 42.47 -0.38
CA TYR E 417 -50.52 41.15 0.08
C TYR E 417 -49.54 41.27 1.22
N ILE E 418 -49.70 40.41 2.23
CA ILE E 418 -48.80 40.33 3.38
C ILE E 418 -48.02 39.03 3.27
N VAL E 419 -46.71 39.12 3.37
CA VAL E 419 -45.80 38.01 3.11
C VAL E 419 -45.00 37.71 4.37
N THR E 420 -44.94 36.43 4.73
CA THR E 420 -44.24 36.00 5.94
C THR E 420 -42.92 35.34 5.54
N THR E 421 -41.82 36.00 5.90
CA THR E 421 -40.48 35.50 5.65
C THR E 421 -39.75 35.31 6.97
N ILE E 422 -39.01 34.20 7.09
CA ILE E 422 -38.34 33.88 8.34
C ILE E 422 -37.04 34.64 8.55
N LEU E 423 -36.55 35.36 7.53
CA LEU E 423 -35.32 36.14 7.63
C LEU E 423 -34.15 35.22 8.01
N GLU E 424 -33.83 34.33 7.07
CA GLU E 424 -32.73 33.39 7.24
C GLU E 424 -31.76 33.57 6.07
N ASP E 425 -30.50 33.29 6.35
CA ASP E 425 -29.47 33.38 5.32
C ASP E 425 -29.58 32.18 4.40
N PRO E 426 -29.64 32.38 3.06
CA PRO E 426 -29.69 33.60 2.27
C PRO E 426 -31.06 33.85 1.63
N TYR E 427 -32.10 33.32 2.25
CA TYR E 427 -33.44 33.47 1.68
C TYR E 427 -33.97 34.88 1.88
N VAL E 428 -33.72 35.48 3.04
CA VAL E 428 -34.10 36.86 3.32
C VAL E 428 -32.92 37.52 4.03
N MET E 429 -32.43 38.62 3.46
CA MET E 429 -31.31 39.36 4.04
C MET E 429 -31.66 40.84 4.09
N LEU E 430 -31.20 41.50 5.14
CA LEU E 430 -31.37 42.93 5.30
C LEU E 430 -30.21 43.65 4.63
N LYS E 431 -30.54 44.58 3.74
CA LYS E 431 -29.51 45.29 3.00
C LYS E 431 -28.59 46.04 3.97
N LYS E 432 -27.29 46.06 3.64
CA LYS E 432 -26.33 46.74 4.50
C LYS E 432 -26.78 48.17 4.80
N ASN E 433 -27.31 48.86 3.80
CA ASN E 433 -27.89 50.19 4.00
C ASN E 433 -29.34 50.07 4.47
N ALA E 434 -29.51 49.34 5.58
CA ALA E 434 -30.85 49.11 6.11
C ALA E 434 -31.51 50.43 6.51
N ASN E 435 -30.77 51.28 7.23
CA ASN E 435 -31.31 52.57 7.61
C ASN E 435 -31.59 53.44 6.39
N GLN E 436 -30.65 53.48 5.44
CA GLN E 436 -30.83 54.29 4.24
C GLN E 436 -31.96 53.74 3.38
N PHE E 437 -31.95 52.44 3.13
CA PHE E 437 -33.01 51.83 2.34
C PHE E 437 -34.29 51.70 3.15
N GLU E 438 -35.42 51.75 2.45
CA GLU E 438 -36.72 51.64 3.08
C GLU E 438 -37.68 50.88 2.17
N GLY E 439 -38.70 50.29 2.78
CA GLY E 439 -39.71 49.58 2.03
C GLY E 439 -39.22 48.24 1.50
N ASN E 440 -39.95 47.75 0.49
CA ASN E 440 -39.60 46.45 -0.10
C ASN E 440 -38.18 46.47 -0.65
N ASP E 441 -37.78 47.58 -1.28
CA ASP E 441 -36.43 47.67 -1.83
C ASP E 441 -35.37 47.55 -0.75
N ARG E 442 -35.73 47.77 0.52
CA ARG E 442 -34.75 47.65 1.59
C ARG E 442 -34.26 46.23 1.77
N TYR E 443 -35.11 45.24 1.46
CA TYR E 443 -34.78 43.85 1.67
C TYR E 443 -34.35 43.19 0.37
N GLU E 444 -33.31 42.35 0.45
CA GLU E 444 -32.77 41.69 -0.74
C GLU E 444 -32.32 40.28 -0.32
N GLY E 445 -33.13 39.29 -0.70
CA GLY E 445 -32.79 37.91 -0.43
C GLY E 445 -33.39 37.02 -1.50
N TYR E 446 -32.98 35.74 -1.47
CA TYR E 446 -33.48 34.80 -2.46
C TYR E 446 -34.99 34.70 -2.38
N CYS E 447 -35.54 34.64 -1.18
CA CYS E 447 -36.98 34.67 -1.02
C CYS E 447 -37.55 35.98 -1.57
N VAL E 448 -36.86 37.09 -1.33
CA VAL E 448 -37.35 38.38 -1.81
C VAL E 448 -37.34 38.42 -3.34
N GLU E 449 -36.25 37.96 -3.95
CA GLU E 449 -36.17 37.96 -5.40
C GLU E 449 -37.21 37.04 -6.01
N LEU E 450 -37.45 35.88 -5.37
CA LEU E 450 -38.47 34.97 -5.84
C LEU E 450 -39.85 35.62 -5.74
N ALA E 451 -40.11 36.32 -4.64
CA ALA E 451 -41.37 37.03 -4.50
C ALA E 451 -41.54 38.06 -5.60
N ALA E 452 -40.47 38.80 -5.90
CA ALA E 452 -40.54 39.79 -6.97
C ALA E 452 -40.86 39.13 -8.30
N GLU E 453 -40.18 38.03 -8.61
CA GLU E 453 -40.39 37.36 -9.89
C GLU E 453 -41.81 36.82 -10.00
N ILE E 454 -42.30 36.17 -8.95
CA ILE E 454 -43.65 35.61 -9.00
C ILE E 454 -44.68 36.72 -9.10
N ALA E 455 -44.48 37.81 -8.36
CA ALA E 455 -45.41 38.93 -8.44
C ALA E 455 -45.44 39.52 -9.84
N LYS E 456 -44.27 39.68 -10.46
CA LYS E 456 -44.25 40.12 -11.85
C LYS E 456 -44.98 39.13 -12.74
N HIS E 457 -44.95 37.84 -12.38
CA HIS E 457 -45.67 36.84 -13.15
C HIS E 457 -47.18 36.98 -12.98
N VAL E 458 -47.63 37.42 -11.81
CA VAL E 458 -49.05 37.49 -11.51
C VAL E 458 -49.57 38.92 -11.37
N GLY E 459 -48.73 39.87 -10.94
CA GLY E 459 -49.15 41.24 -10.81
C GLY E 459 -50.05 41.49 -9.62
N TYR E 460 -49.53 41.29 -8.41
CA TYR E 460 -50.28 41.54 -7.18
C TYR E 460 -49.41 42.35 -6.23
N SER E 461 -50.01 43.37 -5.62
CA SER E 461 -49.28 44.21 -4.68
C SER E 461 -48.99 43.46 -3.39
N TYR E 462 -47.81 43.68 -2.84
CA TYR E 462 -47.37 43.00 -1.63
C TYR E 462 -46.44 43.91 -0.85
N ARG E 463 -46.34 43.65 0.46
CA ARG E 463 -45.46 44.40 1.34
C ARG E 463 -44.58 43.41 2.10
N LEU E 464 -43.27 43.56 1.95
CA LEU E 464 -42.34 42.69 2.64
C LEU E 464 -42.56 42.76 4.15
N GLU E 465 -42.61 41.59 4.78
CA GLU E 465 -42.81 41.51 6.22
C GLU E 465 -42.08 40.30 6.76
N ILE E 466 -41.80 40.33 8.06
CA ILE E 466 -41.09 39.27 8.75
C ILE E 466 -41.90 38.86 9.97
N VAL E 467 -41.90 37.56 10.26
CA VAL E 467 -42.68 37.04 11.38
C VAL E 467 -42.07 37.52 12.69
N SER E 468 -42.90 38.10 13.56
CA SER E 468 -42.40 38.61 14.82
C SER E 468 -41.93 37.48 15.73
N ASP E 469 -42.68 36.37 15.77
CA ASP E 469 -42.32 35.25 16.64
C ASP E 469 -40.94 34.69 16.31
N GLY E 470 -40.47 34.85 15.09
CA GLY E 470 -39.17 34.33 14.71
C GLY E 470 -39.05 32.83 14.86
N LYS E 471 -40.12 32.10 14.58
CA LYS E 471 -40.14 30.65 14.71
C LYS E 471 -40.78 30.04 13.47
N TYR E 472 -40.60 28.74 13.32
CA TYR E 472 -41.18 27.98 12.24
C TYR E 472 -42.38 27.19 12.75
N GLY E 473 -43.03 26.46 11.84
CA GLY E 473 -44.23 25.74 12.19
C GLY E 473 -44.04 24.74 13.31
N ALA E 474 -44.76 24.95 14.42
CA ALA E 474 -44.66 24.05 15.56
C ALA E 474 -45.96 24.19 16.36
N ARG E 475 -46.86 23.21 16.22
CA ARG E 475 -48.13 23.19 16.92
C ARG E 475 -47.98 22.34 18.17
N ASP E 476 -47.96 22.99 19.34
CA ASP E 476 -47.76 22.28 20.58
C ASP E 476 -48.97 21.40 20.89
N PRO E 477 -48.75 20.24 21.53
CA PRO E 477 -49.91 19.36 21.80
C PRO E 477 -50.87 19.94 22.82
N ASP E 478 -50.37 20.57 23.88
CA ASP E 478 -51.24 21.06 24.94
C ASP E 478 -52.11 22.21 24.46
N THR E 479 -51.50 23.21 23.80
CA THR E 479 -52.24 24.40 23.40
C THR E 479 -52.91 24.26 22.04
N LYS E 480 -52.35 23.45 21.14
CA LYS E 480 -52.89 23.29 19.80
C LYS E 480 -52.92 24.62 19.06
N ALA E 481 -51.86 25.42 19.24
CA ALA E 481 -51.73 26.71 18.61
C ALA E 481 -50.52 26.74 17.70
N TRP E 482 -50.69 27.29 16.50
CA TRP E 482 -49.61 27.40 15.54
C TRP E 482 -48.79 28.66 15.79
N ASN E 483 -47.47 28.53 15.69
CA ASN E 483 -46.56 29.63 15.87
C ASN E 483 -45.64 29.73 14.67
N GLY E 484 -45.05 30.91 14.49
CA GLY E 484 -44.15 31.14 13.37
C GLY E 484 -44.90 31.64 12.15
N MET E 485 -44.27 31.42 10.99
CA MET E 485 -44.88 31.85 9.73
C MET E 485 -46.22 31.15 9.52
N VAL E 486 -46.28 29.86 9.80
CA VAL E 486 -47.54 29.13 9.66
C VAL E 486 -48.57 29.70 10.61
N GLY E 487 -48.16 30.11 11.81
CA GLY E 487 -49.09 30.70 12.74
C GLY E 487 -49.72 31.96 12.18
N GLU E 488 -48.89 32.84 11.59
CA GLU E 488 -49.43 34.04 10.97
C GLU E 488 -50.31 33.70 9.78
N LEU E 489 -50.02 32.59 9.09
CA LEU E 489 -50.80 32.24 7.91
C LEU E 489 -52.18 31.72 8.30
N VAL E 490 -52.25 30.85 9.30
CA VAL E 490 -53.51 30.18 9.62
C VAL E 490 -54.52 31.17 10.18
N TYR E 491 -54.07 32.11 11.02
CA TYR E 491 -54.97 33.03 11.69
C TYR E 491 -55.30 34.25 10.87
N GLY E 492 -54.82 34.33 9.63
CA GLY E 492 -55.09 35.47 8.78
C GLY E 492 -54.10 36.60 8.91
N ARG E 493 -53.11 36.49 9.79
CA ARG E 493 -52.11 37.54 9.92
C ARG E 493 -51.32 37.73 8.64
N ALA E 494 -50.93 36.62 8.01
CA ALA E 494 -50.13 36.65 6.79
C ALA E 494 -50.98 36.16 5.62
N ASP E 495 -50.81 36.79 4.45
CA ASP E 495 -51.55 36.43 3.26
C ASP E 495 -50.91 35.27 2.50
N VAL E 496 -49.58 35.27 2.38
CA VAL E 496 -48.84 34.20 1.72
C VAL E 496 -47.48 34.10 2.40
N ALA E 497 -46.77 33.00 2.11
CA ALA E 497 -45.50 32.71 2.76
C ALA E 497 -44.51 32.18 1.73
N VAL E 498 -43.74 33.08 1.13
CA VAL E 498 -42.67 32.70 0.20
C VAL E 498 -41.39 32.67 1.03
N ALA E 499 -41.16 31.54 1.68
CA ALA E 499 -39.99 31.42 2.54
C ALA E 499 -39.69 29.94 2.75
N PRO E 500 -38.46 29.62 3.15
CA PRO E 500 -38.14 28.22 3.48
C PRO E 500 -39.11 27.64 4.48
N LEU E 501 -39.89 26.65 4.04
CA LEU E 501 -40.94 26.06 4.87
C LEU E 501 -41.12 24.61 4.42
N THR E 502 -40.46 23.70 5.13
CA THR E 502 -40.44 22.31 4.72
C THR E 502 -41.85 21.76 4.61
N ILE E 503 -42.29 21.48 3.39
CA ILE E 503 -43.64 20.98 3.18
C ILE E 503 -43.73 19.55 3.69
N THR E 504 -44.70 19.28 4.55
CA THR E 504 -44.85 17.98 5.18
C THR E 504 -46.32 17.70 5.41
N LEU E 505 -46.61 16.60 6.10
CA LEU E 505 -47.98 16.11 6.20
C LEU E 505 -48.81 16.95 7.16
N VAL E 506 -48.39 17.01 8.42
CA VAL E 506 -49.19 17.70 9.43
C VAL E 506 -49.43 19.15 9.03
N ARG E 507 -48.39 19.81 8.53
CA ARG E 507 -48.54 21.19 8.10
C ARG E 507 -49.48 21.27 6.90
N GLU E 508 -49.30 20.39 5.92
CA GLU E 508 -50.16 20.40 4.74
C GLU E 508 -51.62 20.14 5.09
N GLU E 509 -51.89 19.54 6.25
CA GLU E 509 -53.26 19.28 6.66
C GLU E 509 -54.07 20.53 6.97
N VAL E 510 -53.42 21.69 7.06
CA VAL E 510 -54.10 22.92 7.44
C VAL E 510 -53.88 24.00 6.41
N ILE E 511 -52.74 23.94 5.72
CA ILE E 511 -52.30 25.02 4.86
C ILE E 511 -52.00 24.46 3.47
N ASP E 512 -52.40 25.20 2.44
CA ASP E 512 -52.18 24.77 1.06
C ASP E 512 -50.74 25.02 0.66
N PHE E 513 -50.11 23.99 0.12
CA PHE E 513 -48.77 24.09 -0.44
C PHE E 513 -48.85 24.09 -1.95
N SER E 514 -48.17 25.04 -2.58
CA SER E 514 -47.95 24.95 -4.01
C SER E 514 -46.84 23.95 -4.28
N LYS E 515 -46.58 23.70 -5.56
CA LYS E 515 -45.59 22.70 -5.90
C LYS E 515 -44.21 23.19 -5.51
N PRO E 516 -43.29 22.28 -5.20
CA PRO E 516 -41.97 22.70 -4.70
C PRO E 516 -41.27 23.72 -5.57
N PHE E 517 -40.26 24.37 -5.01
CA PHE E 517 -39.37 25.22 -5.77
C PHE E 517 -37.92 24.99 -5.40
N MET E 518 -37.62 24.04 -4.53
CA MET E 518 -36.24 23.71 -4.18
C MET E 518 -36.22 22.42 -3.37
N SER E 519 -35.37 21.48 -3.76
CA SER E 519 -35.23 20.26 -2.99
C SER E 519 -34.30 20.49 -1.80
N LEU E 520 -34.38 19.60 -0.83
CA LEU E 520 -33.65 19.77 0.42
C LEU E 520 -33.48 18.43 1.09
N GLY E 521 -32.82 18.46 2.24
CA GLY E 521 -32.70 17.30 3.10
C GLY E 521 -32.00 17.69 4.39
N ILE E 522 -32.27 16.92 5.41
CA ILE E 522 -31.60 17.11 6.69
C ILE E 522 -30.19 16.53 6.60
N SER E 523 -29.26 17.12 7.33
CA SER E 523 -27.87 16.73 7.22
C SER E 523 -27.14 17.01 8.53
N ILE E 524 -25.96 16.43 8.64
CA ILE E 524 -25.15 16.49 9.85
C ILE E 524 -24.03 17.51 9.63
N MET E 525 -23.82 18.38 10.61
CA MET E 525 -22.77 19.38 10.56
C MET E 525 -21.80 19.16 11.71
N ILE E 526 -20.51 19.34 11.44
CA ILE E 526 -19.45 19.14 12.40
C ILE E 526 -18.40 20.22 12.18
N LYS E 527 -17.69 20.58 13.25
CA LYS E 527 -16.55 21.48 13.12
C LYS E 527 -15.42 20.74 12.43
N LYS E 528 -15.03 21.22 11.25
CA LYS E 528 -14.04 20.51 10.45
C LYS E 528 -12.70 20.48 11.20
N PRO E 529 -12.17 19.31 11.52
CA PRO E 529 -10.86 19.27 12.18
C PRO E 529 -9.79 19.86 11.28
N GLN E 530 -8.85 20.57 11.91
CA GLN E 530 -7.78 21.21 11.16
C GLN E 530 -6.84 20.16 10.59
N LYS E 531 -6.65 20.18 9.27
CA LYS E 531 -5.76 19.26 8.59
C LYS E 531 -4.46 19.98 8.29
N SER E 532 -3.34 19.43 8.76
CA SER E 532 -2.05 20.08 8.62
C SER E 532 -1.63 20.01 7.15
N LYS E 533 -1.85 21.10 6.44
CA LYS E 533 -1.44 21.15 5.04
C LYS E 533 0.07 20.98 4.97
N PRO E 534 0.58 20.07 4.14
CA PRO E 534 2.03 19.85 4.09
C PRO E 534 2.78 21.15 3.83
N GLY E 535 3.59 21.54 4.80
CA GLY E 535 4.40 22.73 4.65
C GLY E 535 5.39 22.57 3.52
N VAL E 536 6.28 23.55 3.37
CA VAL E 536 7.32 23.43 2.34
C VAL E 536 8.22 22.24 2.64
N PHE E 537 8.60 22.07 3.90
CA PHE E 537 9.46 20.96 4.32
C PHE E 537 8.64 19.77 4.77
N SER E 538 7.74 19.32 3.90
CA SER E 538 6.94 18.13 4.18
C SER E 538 7.68 16.85 3.84
N PHE E 539 8.78 16.94 3.08
CA PHE E 539 9.54 15.76 2.72
C PHE E 539 10.42 15.25 3.85
N LEU E 540 10.38 15.89 5.01
CA LEU E 540 11.11 15.43 6.18
C LEU E 540 10.20 14.79 7.22
N ASP E 541 8.89 14.81 6.99
CA ASP E 541 7.97 14.18 7.93
C ASP E 541 8.25 12.69 8.13
N PRO E 542 8.62 11.92 7.11
CA PRO E 542 8.78 10.48 7.32
C PRO E 542 9.76 10.13 8.42
N LEU E 543 10.73 11.00 8.68
CA LEU E 543 11.71 10.81 9.73
C LEU E 543 11.61 11.98 10.70
N ALA E 544 11.41 11.66 11.97
CA ALA E 544 11.21 12.70 12.97
C ALA E 544 12.49 13.50 13.18
N TYR E 545 12.31 14.71 13.72
CA TYR E 545 13.41 15.64 13.87
C TYR E 545 14.59 15.02 14.61
N GLU E 546 14.31 14.23 15.65
CA GLU E 546 15.39 13.64 16.43
C GLU E 546 16.28 12.78 15.56
N ILE E 547 15.69 12.05 14.61
CA ILE E 547 16.48 11.16 13.78
C ILE E 547 17.39 11.95 12.86
N TRP E 548 16.91 13.09 12.34
CA TRP E 548 17.78 13.91 11.51
C TRP E 548 18.94 14.48 12.33
N MET E 549 18.66 14.93 13.55
CA MET E 549 19.73 15.43 14.39
C MET E 549 20.78 14.35 14.64
N CYS E 550 20.33 13.16 15.03
CA CYS E 550 21.28 12.09 15.33
C CYS E 550 21.98 11.60 14.08
N ILE E 551 21.33 11.72 12.91
CA ILE E 551 22.00 11.42 11.66
C ILE E 551 23.17 12.35 11.44
N VAL E 552 22.96 13.64 11.66
CA VAL E 552 24.05 14.60 11.53
C VAL E 552 25.17 14.27 12.51
N PHE E 553 24.79 13.99 13.75
CA PHE E 553 25.80 13.65 14.75
C PHE E 553 26.62 12.45 14.33
N ALA E 554 25.96 11.41 13.82
CA ALA E 554 26.66 10.20 13.44
C ALA E 554 27.47 10.39 12.17
N TYR E 555 27.00 11.22 11.24
CA TYR E 555 27.80 11.54 10.06
C TYR E 555 29.12 12.18 10.47
N ILE E 556 29.04 13.14 11.39
CA ILE E 556 30.26 13.79 11.85
C ILE E 556 31.15 12.80 12.59
N GLY E 557 30.56 11.99 13.46
CA GLY E 557 31.35 11.02 14.19
C GLY E 557 32.06 10.05 13.28
N VAL E 558 31.35 9.52 12.28
CA VAL E 558 31.93 8.57 11.36
C VAL E 558 33.03 9.22 10.55
N SER E 559 32.80 10.42 10.05
CA SER E 559 33.82 11.09 9.25
C SER E 559 35.08 11.31 10.06
N VAL E 560 34.92 11.79 11.30
CA VAL E 560 36.09 12.03 12.14
C VAL E 560 36.81 10.71 12.44
N VAL E 561 36.07 9.67 12.78
CA VAL E 561 36.68 8.40 13.11
C VAL E 561 37.43 7.83 11.92
N LEU E 562 36.84 7.91 10.74
CA LEU E 562 37.52 7.43 9.54
C LEU E 562 38.80 8.21 9.28
N PHE E 563 38.74 9.54 9.39
CA PHE E 563 39.93 10.34 9.23
C PHE E 563 41.02 9.90 10.19
N LEU E 564 40.67 9.83 11.47
CA LEU E 564 41.62 9.42 12.48
C LEU E 564 42.25 8.09 12.13
N VAL E 565 41.41 7.06 12.00
CA VAL E 565 41.88 5.70 11.80
C VAL E 565 42.80 5.61 10.62
N SER E 566 42.42 6.23 9.50
CA SER E 566 43.24 6.12 8.31
C SER E 566 44.56 6.85 8.46
N ARG E 567 44.61 7.93 9.23
CA ARG E 567 45.76 8.83 9.20
C ARG E 567 46.17 9.25 10.61
N PHE E 568 46.34 8.29 11.49
CA PHE E 568 47.08 8.50 12.72
C PHE E 568 48.28 7.58 12.86
N SER E 569 48.25 6.41 12.24
CA SER E 569 49.35 5.47 12.30
C SER E 569 50.45 5.90 11.34
N PRO E 570 51.55 6.47 11.84
CA PRO E 570 52.63 6.86 10.92
C PRO E 570 53.25 5.70 10.18
N TYR E 571 53.16 4.49 10.71
CA TYR E 571 53.85 3.36 10.09
C TYR E 571 53.34 3.09 8.68
N GLU E 572 52.03 3.14 8.49
CA GLU E 572 51.47 2.72 7.20
C GLU E 572 51.76 3.74 6.11
N TRP E 573 51.58 5.03 6.40
CA TRP E 573 51.73 6.07 5.40
C TRP E 573 53.09 6.77 5.46
N HIS E 574 54.01 6.31 6.32
CA HIS E 574 55.32 6.94 6.39
C HIS E 574 56.01 6.91 5.03
N SER E 575 55.98 5.75 4.38
CA SER E 575 56.56 5.63 3.04
C SER E 575 55.61 6.21 2.00
N GLU E 576 56.18 6.85 0.99
CA GLU E 576 55.40 7.50 -0.06
C GLU E 576 54.40 8.48 0.53
N GLU E 577 54.86 9.25 1.53
CA GLU E 577 54.01 10.23 2.20
C GLU E 577 53.76 11.43 1.30
N SER E 590 50.35 8.74 2.46
CA SER E 590 50.14 7.62 1.56
C SER E 590 48.66 7.38 1.32
N ASN E 591 47.82 7.93 2.18
CA ASN E 591 46.38 7.79 2.09
C ASN E 591 45.73 9.15 1.83
N GLU E 592 44.63 9.12 1.10
CA GLU E 592 43.89 10.30 0.73
C GLU E 592 42.78 10.64 1.71
N PHE E 593 42.64 9.88 2.80
CA PHE E 593 41.55 10.06 3.74
C PHE E 593 41.91 11.10 4.79
N GLY E 594 41.94 12.34 4.36
CA GLY E 594 41.95 13.46 5.26
C GLY E 594 40.61 13.59 5.94
N ILE E 595 40.28 14.78 6.42
CA ILE E 595 38.97 15.02 7.02
C ILE E 595 37.96 15.48 5.98
N PHE E 596 38.40 16.34 5.07
CA PHE E 596 37.53 16.81 4.01
C PHE E 596 37.04 15.66 3.15
N ASN E 597 37.96 14.80 2.71
CA ASN E 597 37.57 13.66 1.92
C ASN E 597 36.80 12.63 2.73
N SER E 598 37.06 12.56 4.03
CA SER E 598 36.28 11.64 4.87
C SER E 598 34.83 12.07 4.92
N LEU E 599 34.59 13.36 5.11
CA LEU E 599 33.22 13.87 5.08
C LEU E 599 32.59 13.66 3.72
N TRP E 600 33.36 13.88 2.66
CA TRP E 600 32.83 13.69 1.31
C TRP E 600 32.42 12.23 1.09
N PHE E 601 33.26 11.29 1.52
CA PHE E 601 32.95 9.88 1.35
C PHE E 601 31.75 9.48 2.18
N SER E 602 31.69 9.93 3.43
CA SER E 602 30.55 9.58 4.28
C SER E 602 29.26 10.11 3.67
N LEU E 603 29.30 11.32 3.12
CA LEU E 603 28.11 11.88 2.50
C LEU E 603 27.76 11.17 1.21
N GLY E 604 28.77 10.74 0.44
CA GLY E 604 28.51 10.06 -0.81
C GLY E 604 28.01 8.66 -0.65
N ALA E 605 28.11 8.10 0.56
CA ALA E 605 27.56 6.79 0.86
C ALA E 605 26.21 6.86 1.54
N PHE E 606 25.87 7.99 2.15
CA PHE E 606 24.53 8.12 2.72
C PHE E 606 23.49 8.38 1.64
N MET E 607 23.87 9.04 0.57
CA MET E 607 22.97 9.32 -0.54
C MET E 607 22.96 8.20 -1.57
N GLN E 608 23.68 7.12 -1.31
CA GLN E 608 23.78 5.93 -2.15
C GLN E 608 24.50 6.22 -3.46
N GLN E 609 25.08 7.40 -3.62
CA GLN E 609 25.84 7.71 -4.81
C GLN E 609 27.22 7.05 -4.70
N GLY E 610 28.13 7.43 -5.58
CA GLY E 610 29.42 6.79 -5.64
C GLY E 610 30.37 7.35 -4.62
N CYS E 611 31.64 6.97 -4.80
CA CYS E 611 32.72 7.45 -3.94
C CYS E 611 34.00 7.27 -4.72
N ASP E 612 34.67 8.38 -5.05
CA ASP E 612 35.87 8.30 -5.88
C ASP E 612 36.99 7.52 -5.19
N ILE E 613 36.87 7.28 -3.89
CA ILE E 613 37.84 6.51 -3.13
C ILE E 613 37.08 5.52 -2.26
N SER E 614 37.83 4.63 -1.63
CA SER E 614 37.27 3.72 -0.64
C SER E 614 38.36 3.37 0.35
N PRO E 615 38.00 3.02 1.58
CA PRO E 615 39.02 2.68 2.56
C PRO E 615 39.81 1.46 2.12
N ARG E 616 41.09 1.46 2.48
CA ARG E 616 42.00 0.40 2.09
C ARG E 616 42.52 -0.42 3.27
N SER E 617 42.49 0.13 4.48
CA SER E 617 42.87 -0.59 5.68
C SER E 617 41.66 -1.28 6.31
N LEU E 618 41.94 -2.22 7.22
CA LEU E 618 40.87 -2.92 7.91
C LEU E 618 40.05 -1.98 8.78
N SER E 619 40.72 -1.10 9.50
CA SER E 619 40.06 -0.29 10.50
C SER E 619 39.25 0.83 9.88
N GLY E 620 39.48 1.17 8.62
CA GLY E 620 38.62 2.09 7.92
C GLY E 620 37.52 1.34 7.21
N ARG E 621 37.80 0.09 6.86
CA ARG E 621 36.81 -0.71 6.17
C ARG E 621 35.68 -1.14 7.08
N ILE E 622 35.98 -1.40 8.35
CA ILE E 622 34.91 -1.66 9.31
C ILE E 622 33.95 -0.48 9.36
N VAL E 623 34.50 0.73 9.46
CA VAL E 623 33.68 1.93 9.55
C VAL E 623 32.87 2.09 8.27
N GLY E 624 33.51 1.92 7.12
CA GLY E 624 32.79 2.03 5.88
C GLY E 624 31.63 1.06 5.78
N GLY E 625 31.87 -0.20 6.15
CA GLY E 625 30.82 -1.20 6.05
C GLY E 625 29.67 -0.93 6.99
N VAL E 626 29.97 -0.57 8.24
CA VAL E 626 28.90 -0.34 9.18
C VAL E 626 28.12 0.92 8.81
N TRP E 627 28.81 1.94 8.26
CA TRP E 627 28.12 3.12 7.77
C TRP E 627 27.23 2.78 6.59
N TRP E 628 27.68 1.87 5.72
CA TRP E 628 26.84 1.42 4.63
C TRP E 628 25.60 0.72 5.14
N PHE E 629 25.76 -0.13 6.15
CA PHE E 629 24.61 -0.81 6.73
C PHE E 629 23.63 0.20 7.33
N PHE E 630 24.15 1.18 8.05
CA PHE E 630 23.30 2.19 8.65
C PHE E 630 22.53 2.97 7.59
N THR E 631 23.22 3.42 6.55
CA THR E 631 22.54 4.22 5.54
C THR E 631 21.55 3.38 4.76
N LEU E 632 21.88 2.12 4.48
CA LEU E 632 20.92 1.24 3.83
C LEU E 632 19.64 1.16 4.63
N ILE E 633 19.76 0.89 5.93
CA ILE E 633 18.57 0.78 6.77
C ILE E 633 17.78 2.07 6.73
N ILE E 634 18.45 3.20 6.97
CA ILE E 634 17.75 4.47 7.12
C ILE E 634 17.09 4.87 5.82
N ILE E 635 17.81 4.75 4.71
CA ILE E 635 17.28 5.18 3.42
C ILE E 635 16.11 4.30 3.00
N SER E 636 16.22 2.98 3.20
CA SER E 636 15.09 2.12 2.87
C SER E 636 13.88 2.49 3.72
N SER E 637 14.09 2.74 5.01
CA SER E 637 13.01 3.16 5.87
C SER E 637 12.36 4.43 5.37
N TYR E 638 13.18 5.43 5.05
CA TYR E 638 12.67 6.71 4.59
C TYR E 638 11.88 6.55 3.31
N THR E 639 12.42 5.80 2.35
CA THR E 639 11.74 5.63 1.07
C THR E 639 10.40 4.93 1.26
N ALA E 640 10.38 3.86 2.05
CA ALA E 640 9.14 3.13 2.26
C ALA E 640 8.09 4.01 2.93
N ASN E 641 8.49 4.71 4.00
CA ASN E 641 7.51 5.52 4.71
C ASN E 641 7.08 6.71 3.87
N LEU E 642 7.93 7.20 2.97
CA LEU E 642 7.52 8.24 2.05
C LEU E 642 6.46 7.72 1.08
N ALA E 643 6.70 6.53 0.53
CA ALA E 643 5.68 5.89 -0.29
C ALA E 643 4.37 5.83 0.47
N ALA E 644 4.44 5.47 1.76
CA ALA E 644 3.23 5.38 2.56
C ALA E 644 2.56 6.74 2.70
N PHE E 645 3.34 7.79 2.95
CA PHE E 645 2.76 9.11 3.16
C PHE E 645 2.09 9.63 1.89
N LEU E 646 2.73 9.45 0.74
CA LEU E 646 2.18 10.00 -0.49
C LEU E 646 0.81 9.41 -0.79
N THR E 647 0.66 8.10 -0.66
CA THR E 647 -0.66 7.47 -0.79
C THR E 647 -1.34 7.33 0.57
N VAL E 648 -1.41 8.44 1.29
CA VAL E 648 -2.04 8.47 2.60
C VAL E 648 -3.52 8.79 2.42
N GLU E 649 -4.38 7.95 3.00
CA GLU E 649 -5.81 8.17 2.90
C GLU E 649 -6.22 9.42 3.68
N ARG E 650 -7.16 10.17 3.13
CA ARG E 650 -7.64 11.37 3.80
C ARG E 650 -8.33 11.01 5.10
N MET E 651 -8.36 11.97 6.03
CA MET E 651 -8.94 11.74 7.34
C MET E 651 -10.39 11.31 7.20
N VAL E 652 -10.68 10.05 7.55
CA VAL E 652 -12.04 9.52 7.50
C VAL E 652 -12.66 9.78 8.87
N SER E 653 -13.48 10.82 8.96
CA SER E 653 -14.09 11.16 10.23
C SER E 653 -15.01 10.03 10.68
N PRO E 654 -15.12 9.76 11.98
CA PRO E 654 -16.01 8.70 12.45
C PRO E 654 -17.48 9.08 12.48
N ILE E 655 -17.84 10.21 11.90
CA ILE E 655 -19.23 10.68 11.88
C ILE E 655 -19.87 10.44 10.52
N GLU E 656 -19.36 9.48 9.74
CA GLU E 656 -19.84 9.29 8.38
C GLU E 656 -21.32 8.97 8.35
N SER E 657 -21.80 8.12 9.25
CA SER E 657 -23.17 7.66 9.26
C SER E 657 -23.95 8.30 10.40
N ALA E 658 -25.26 8.43 10.19
CA ALA E 658 -26.12 8.92 11.26
C ALA E 658 -26.12 7.96 12.45
N GLU E 659 -26.15 6.65 12.17
CA GLU E 659 -26.08 5.68 13.26
C GLU E 659 -24.77 5.82 14.01
N ASP E 660 -23.66 5.96 13.29
CA ASP E 660 -22.37 6.17 13.94
C ASP E 660 -22.35 7.50 14.69
N LEU E 661 -22.93 8.55 14.10
CA LEU E 661 -22.97 9.84 14.76
C LEU E 661 -23.85 9.81 16.00
N ALA E 662 -24.76 8.85 16.11
CA ALA E 662 -25.62 8.73 17.28
C ALA E 662 -25.01 7.84 18.35
N LYS E 663 -24.33 6.76 17.94
CA LYS E 663 -23.63 5.93 18.91
C LYS E 663 -22.47 6.68 19.56
N GLN E 664 -21.89 7.64 18.85
CA GLN E 664 -20.80 8.44 19.40
C GLN E 664 -21.35 9.44 20.41
N THR E 665 -21.75 8.96 21.58
CA THR E 665 -22.28 9.84 22.60
C THR E 665 -21.22 10.78 23.16
N GLU E 666 -19.93 10.47 22.95
CA GLU E 666 -18.89 11.42 23.32
C GLU E 666 -19.10 12.76 22.63
N ILE E 667 -19.79 12.75 21.48
CA ILE E 667 -20.19 13.96 20.79
C ILE E 667 -21.69 14.09 20.95
N ALA E 668 -22.13 15.21 21.53
CA ALA E 668 -23.55 15.47 21.71
C ALA E 668 -24.16 15.96 20.41
N TYR E 669 -25.43 15.63 20.21
CA TYR E 669 -26.13 15.99 18.98
C TYR E 669 -27.57 16.33 19.30
N GLY E 670 -28.14 17.24 18.51
CA GLY E 670 -29.51 17.64 18.70
C GLY E 670 -30.07 18.29 17.45
N THR E 671 -31.39 18.43 17.43
CA THR E 671 -32.11 19.02 16.32
C THR E 671 -32.73 20.34 16.74
N LEU E 672 -32.83 21.27 15.79
CA LEU E 672 -33.36 22.59 16.07
C LEU E 672 -34.77 22.48 16.64
N GLU E 673 -35.02 23.23 17.71
CA GLU E 673 -36.29 23.20 18.41
C GLU E 673 -37.29 24.14 17.78
N ALA E 674 -38.56 23.74 17.79
CA ALA E 674 -39.65 24.52 17.19
C ALA E 674 -39.50 24.57 15.67
N GLY E 675 -39.10 23.44 15.07
CA GLY E 675 -38.93 23.36 13.65
C GLY E 675 -39.50 22.06 13.11
N SER E 676 -39.63 22.00 11.78
CA SER E 676 -40.21 20.83 11.15
C SER E 676 -39.31 19.60 11.28
N THR E 677 -37.99 19.80 11.27
CA THR E 677 -37.08 18.67 11.45
C THR E 677 -37.27 18.05 12.84
N LYS E 678 -37.43 18.89 13.86
CA LYS E 678 -37.70 18.37 15.20
C LYS E 678 -38.99 17.58 15.21
N GLU E 679 -40.02 18.07 14.52
CA GLU E 679 -41.27 17.33 14.41
C GLU E 679 -41.06 15.99 13.73
N PHE E 680 -40.26 15.97 12.66
CA PHE E 680 -39.99 14.72 11.96
C PHE E 680 -39.33 13.71 12.89
N PHE E 681 -38.29 14.15 13.61
CA PHE E 681 -37.63 13.24 14.54
C PHE E 681 -38.57 12.83 15.67
N ARG E 682 -39.50 13.70 16.03
CA ARG E 682 -40.52 13.33 17.00
C ARG E 682 -41.37 12.20 16.48
N ARG E 683 -41.71 12.24 15.19
CA ARG E 683 -42.52 11.20 14.56
C ARG E 683 -41.69 10.18 13.81
N SER E 684 -40.36 10.31 13.83
CA SER E 684 -39.51 9.32 13.17
C SER E 684 -39.76 7.95 13.75
N LYS E 685 -39.85 6.95 12.87
CA LYS E 685 -40.16 5.58 13.26
C LYS E 685 -39.00 4.61 13.03
N ILE E 686 -37.98 5.00 12.27
CA ILE E 686 -36.87 4.09 12.01
C ILE E 686 -36.02 3.94 13.26
N ALA E 687 -35.27 2.83 13.31
CA ALA E 687 -34.52 2.48 14.50
C ALA E 687 -33.50 3.57 14.85
N VAL E 688 -32.69 3.97 13.88
CA VAL E 688 -31.64 4.95 14.16
C VAL E 688 -32.26 6.27 14.60
N PHE E 689 -33.31 6.71 13.90
CA PHE E 689 -33.95 7.97 14.27
C PHE E 689 -34.62 7.87 15.63
N GLU E 690 -35.24 6.72 15.93
CA GLU E 690 -35.84 6.55 17.24
C GLU E 690 -34.80 6.62 18.35
N LYS E 691 -33.66 5.95 18.15
CA LYS E 691 -32.60 5.99 19.16
C LYS E 691 -32.05 7.40 19.33
N MET E 692 -31.83 8.10 18.21
CA MET E 692 -31.33 9.47 18.30
C MET E 692 -32.33 10.37 19.01
N TRP E 693 -33.62 10.18 18.73
CA TRP E 693 -34.66 10.97 19.40
C TRP E 693 -34.68 10.68 20.90
N THR E 694 -34.56 9.42 21.28
CA THR E 694 -34.52 9.08 22.69
C THR E 694 -33.31 9.73 23.36
N TYR E 695 -32.15 9.69 22.70
CA TYR E 695 -30.96 10.33 23.26
C TYR E 695 -31.17 11.83 23.42
N MET E 696 -31.75 12.48 22.41
CA MET E 696 -31.88 13.93 22.42
C MET E 696 -33.07 14.41 23.23
N LYS E 697 -33.94 13.52 23.67
CA LYS E 697 -35.13 13.94 24.41
C LYS E 697 -34.73 14.65 25.70
N SER E 698 -33.76 14.09 26.43
CA SER E 698 -33.31 14.67 27.70
C SER E 698 -31.79 14.59 27.73
N ALA E 699 -31.14 15.75 27.63
CA ALA E 699 -29.69 15.82 27.72
C ALA E 699 -29.31 17.23 28.18
N GLU E 700 -28.32 17.29 29.08
CA GLU E 700 -27.90 18.54 29.69
C GLU E 700 -26.49 18.88 29.25
N PRO E 701 -26.24 20.09 28.72
CA PRO E 701 -27.21 21.16 28.47
C PRO E 701 -28.17 20.82 27.33
N SER E 702 -29.22 21.62 27.18
CA SER E 702 -30.25 21.33 26.18
C SER E 702 -29.63 21.18 24.81
N VAL E 703 -29.70 19.97 24.24
CA VAL E 703 -29.18 19.76 22.89
C VAL E 703 -29.95 20.56 21.87
N PHE E 704 -31.19 20.93 22.17
CA PHE E 704 -31.96 21.77 21.26
C PHE E 704 -31.38 23.19 21.23
N VAL E 705 -31.79 23.94 20.21
CA VAL E 705 -31.28 25.29 19.98
C VAL E 705 -32.43 26.16 19.51
N ARG E 706 -32.22 27.47 19.59
CA ARG E 706 -33.25 28.44 19.22
C ARG E 706 -33.18 28.83 17.76
N THR E 707 -32.02 29.28 17.30
CA THR E 707 -31.85 29.78 15.94
C THR E 707 -30.69 29.07 15.27
N THR E 708 -30.70 29.10 13.93
CA THR E 708 -29.66 28.42 13.16
C THR E 708 -28.28 29.00 13.47
N GLU E 709 -28.18 30.32 13.59
CA GLU E 709 -26.90 30.91 13.96
C GLU E 709 -26.46 30.40 15.32
N GLU E 710 -27.41 30.19 16.22
CA GLU E 710 -27.07 29.70 17.55
C GLU E 710 -26.44 28.30 17.46
N GLY E 711 -27.04 27.42 16.67
CA GLY E 711 -26.46 26.09 16.50
C GLY E 711 -25.12 26.13 15.80
N MET E 712 -24.98 27.00 14.80
CA MET E 712 -23.70 27.14 14.12
C MET E 712 -22.61 27.53 15.10
N ILE E 713 -22.86 28.57 15.91
CA ILE E 713 -21.85 28.98 16.88
C ILE E 713 -21.62 27.89 17.91
N ARG E 714 -22.69 27.17 18.30
CA ARG E 714 -22.53 26.13 19.29
C ARG E 714 -21.58 25.04 18.82
N VAL E 715 -21.72 24.62 17.56
CA VAL E 715 -20.78 23.64 17.01
C VAL E 715 -19.40 24.27 16.84
N ARG E 716 -19.35 25.55 16.48
CA ARG E 716 -18.06 26.21 16.28
C ARG E 716 -17.24 26.19 17.55
N LYS E 717 -17.81 26.66 18.66
CA LYS E 717 -17.04 26.77 19.90
C LYS E 717 -16.68 25.40 20.44
N SER E 718 -17.60 24.44 20.38
CA SER E 718 -17.32 23.10 20.88
C SER E 718 -16.11 22.51 20.19
N LYS E 719 -15.25 21.86 20.99
CA LYS E 719 -14.05 21.24 20.45
C LYS E 719 -14.38 19.89 19.83
N GLY E 720 -15.34 19.88 18.90
CA GLY E 720 -15.75 18.64 18.27
C GLY E 720 -16.63 17.76 19.14
N LYS E 721 -17.06 18.26 20.30
CA LYS E 721 -17.90 17.50 21.21
C LYS E 721 -19.39 17.70 20.94
N TYR E 722 -19.74 18.40 19.87
CA TYR E 722 -21.13 18.73 19.57
C TYR E 722 -21.43 18.44 18.10
N ALA E 723 -22.67 18.03 17.84
CA ALA E 723 -23.17 17.80 16.50
C ALA E 723 -24.51 18.49 16.31
N TYR E 724 -24.86 18.75 15.05
CA TYR E 724 -26.03 19.56 14.72
C TYR E 724 -26.72 18.98 13.50
N LEU E 725 -28.05 19.05 13.50
CA LEU E 725 -28.88 18.62 12.37
C LEU E 725 -29.49 19.85 11.71
N LEU E 726 -29.41 19.91 10.39
CA LEU E 726 -29.82 21.10 9.66
C LEU E 726 -30.19 20.73 8.23
N GLU E 727 -31.04 21.55 7.62
CA GLU E 727 -31.39 21.40 6.22
C GLU E 727 -30.14 21.40 5.36
N SER E 728 -30.23 20.83 4.16
CA SER E 728 -29.07 20.63 3.32
C SER E 728 -28.71 21.84 2.47
N THR E 729 -29.48 22.92 2.55
CA THR E 729 -29.19 24.14 1.81
C THR E 729 -28.40 25.14 2.63
N MET E 730 -28.90 25.48 3.81
CA MET E 730 -28.21 26.43 4.68
C MET E 730 -26.86 25.87 5.10
N ASN E 731 -26.79 24.56 5.36
CA ASN E 731 -25.54 23.94 5.75
C ASN E 731 -24.47 24.20 4.71
N GLU E 732 -24.76 23.90 3.44
CA GLU E 732 -23.81 24.16 2.37
C GLU E 732 -23.49 25.63 2.24
N TYR E 733 -24.52 26.48 2.33
CA TYR E 733 -24.29 27.91 2.14
C TYR E 733 -23.30 28.44 3.16
N ILE E 734 -23.43 28.03 4.42
CA ILE E 734 -22.53 28.55 5.44
C ILE E 734 -21.18 27.82 5.40
N GLU E 735 -21.17 26.54 5.02
CA GLU E 735 -19.90 25.86 4.77
C GLU E 735 -19.12 26.54 3.67
N GLN E 736 -19.80 27.30 2.81
CA GLN E 736 -19.15 28.13 1.81
C GLN E 736 -18.76 29.51 2.33
N ARG E 737 -19.27 29.93 3.48
CA ARG E 737 -19.03 31.27 3.99
C ARG E 737 -17.85 31.28 4.95
N LYS E 738 -17.05 32.34 4.86
CA LYS E 738 -15.94 32.52 5.79
C LYS E 738 -16.46 32.93 7.16
N PRO E 739 -15.95 32.35 8.25
CA PRO E 739 -14.94 31.29 8.27
C PRO E 739 -15.51 29.94 7.86
N CYS E 740 -14.72 29.18 7.12
CA CYS E 740 -15.12 27.85 6.66
C CYS E 740 -14.58 26.78 7.60
N ASP E 741 -15.00 26.87 8.87
CA ASP E 741 -14.60 25.93 9.90
C ASP E 741 -15.68 24.89 10.18
N THR E 742 -16.74 24.85 9.38
CA THR E 742 -17.81 23.89 9.51
C THR E 742 -17.82 22.99 8.29
N MET E 743 -18.17 21.72 8.49
CA MET E 743 -18.04 20.73 7.43
C MET E 743 -19.13 19.68 7.59
N LYS E 744 -19.89 19.46 6.51
CA LYS E 744 -20.95 18.47 6.51
C LYS E 744 -20.38 17.07 6.32
N VAL E 745 -20.96 16.12 7.04
CA VAL E 745 -20.53 14.73 7.00
C VAL E 745 -21.74 13.86 6.71
N GLY E 746 -21.53 12.80 5.92
CA GLY E 746 -22.61 11.96 5.49
C GLY E 746 -23.40 12.59 4.36
N GLY E 747 -24.40 11.84 3.89
CA GLY E 747 -25.31 12.31 2.88
C GLY E 747 -26.66 12.69 3.47
N ASN E 748 -27.51 13.24 2.63
CA ASN E 748 -28.86 13.59 3.05
C ASN E 748 -29.58 12.36 3.57
N LEU E 749 -30.24 12.51 4.72
CA LEU E 749 -30.94 11.39 5.34
C LEU E 749 -32.30 11.15 4.70
N ASP E 750 -32.91 12.18 4.13
CA ASP E 750 -34.20 12.04 3.47
C ASP E 750 -34.37 13.14 2.44
N SER E 751 -35.20 12.88 1.45
CA SER E 751 -35.49 13.82 0.38
C SER E 751 -36.81 14.51 0.66
N LYS E 752 -36.82 15.82 0.59
CA LYS E 752 -38.02 16.62 0.82
C LYS E 752 -37.89 17.90 0.00
N GLY E 753 -38.74 18.89 0.30
CA GLY E 753 -38.70 20.12 -0.44
C GLY E 753 -39.42 21.24 0.27
N TYR E 754 -39.07 22.46 -0.11
CA TYR E 754 -39.72 23.66 0.40
C TYR E 754 -41.03 23.82 -0.35
N GLY E 755 -41.66 24.99 -0.22
CA GLY E 755 -42.94 25.21 -0.83
C GLY E 755 -43.50 26.59 -0.59
N ILE E 756 -44.22 27.12 -1.59
CA ILE E 756 -44.89 28.40 -1.48
C ILE E 756 -46.25 28.15 -0.86
N ALA E 757 -46.34 28.36 0.45
CA ALA E 757 -47.58 28.08 1.16
C ALA E 757 -48.62 29.14 0.84
N THR E 758 -49.86 28.87 1.28
CA THR E 758 -50.98 29.73 0.99
C THR E 758 -52.11 29.38 1.93
N PRO E 759 -52.86 30.35 2.45
CA PRO E 759 -53.97 30.02 3.36
C PRO E 759 -54.94 29.05 2.73
N LYS E 760 -55.36 28.06 3.52
CA LYS E 760 -56.34 27.09 3.04
C LYS E 760 -57.59 27.82 2.57
N GLY E 761 -58.07 27.45 1.38
CA GLY E 761 -59.20 28.13 0.79
C GLY E 761 -58.87 29.46 0.16
N SER E 762 -57.59 29.81 0.03
CA SER E 762 -57.22 31.08 -0.56
C SER E 762 -57.49 31.10 -2.06
N ALA E 763 -57.60 32.30 -2.60
CA ALA E 763 -57.85 32.49 -4.02
C ALA E 763 -56.57 32.60 -4.84
N LEU E 764 -55.41 32.63 -4.19
CA LEU E 764 -54.12 32.71 -4.87
C LEU E 764 -53.40 31.37 -4.88
N ARG E 765 -54.15 30.27 -5.06
CA ARG E 765 -53.58 28.93 -5.00
C ARG E 765 -53.17 28.43 -6.38
N GLY E 766 -54.09 28.43 -7.34
CA GLY E 766 -53.79 27.99 -8.68
C GLY E 766 -52.76 28.86 -9.38
N PRO E 767 -52.95 30.18 -9.31
CA PRO E 767 -51.99 31.08 -9.98
C PRO E 767 -50.56 30.89 -9.49
N VAL E 768 -50.36 30.71 -8.19
CA VAL E 768 -49.02 30.54 -7.66
C VAL E 768 -48.43 29.21 -8.10
N ASN E 769 -49.27 28.17 -8.17
CA ASN E 769 -48.78 26.88 -8.66
C ASN E 769 -48.30 26.99 -10.09
N LEU E 770 -49.12 27.60 -10.95
CA LEU E 770 -48.70 27.80 -12.34
C LEU E 770 -47.44 28.67 -12.40
N ALA E 771 -47.35 29.66 -11.52
CA ALA E 771 -46.18 30.54 -11.51
C ALA E 771 -44.92 29.76 -11.18
N VAL E 772 -44.96 28.95 -10.12
CA VAL E 772 -43.77 28.20 -9.73
C VAL E 772 -43.41 27.19 -10.81
N LEU E 773 -44.41 26.59 -11.45
CA LEU E 773 -44.12 25.65 -12.53
C LEU E 773 -43.43 26.36 -13.69
N LYS E 774 -43.94 27.53 -14.07
CA LYS E 774 -43.31 28.29 -15.17
C LYS E 774 -41.89 28.70 -14.80
N LEU E 775 -41.68 29.12 -13.55
CA LEU E 775 -40.37 29.57 -13.14
C LEU E 775 -39.39 28.41 -13.04
N SER E 776 -39.87 27.20 -12.75
CA SER E 776 -38.99 26.04 -12.70
C SER E 776 -38.69 25.53 -14.10
N GLU E 777 -39.67 25.57 -15.00
CA GLU E 777 -39.43 25.15 -16.38
C GLU E 777 -38.37 26.04 -17.02
N GLN E 778 -38.54 27.36 -16.93
CA GLN E 778 -37.47 28.26 -17.32
C GLN E 778 -36.29 28.10 -16.37
N GLY E 779 -35.09 28.37 -16.89
CA GLY E 779 -33.89 28.30 -16.11
C GLY E 779 -33.70 29.45 -15.15
N VAL E 780 -34.72 30.30 -15.01
CA VAL E 780 -34.64 31.46 -14.11
C VAL E 780 -34.28 31.00 -12.70
N LEU E 781 -34.98 29.99 -12.21
CA LEU E 781 -34.76 29.56 -10.83
C LEU E 781 -33.39 28.92 -10.66
N ASP E 782 -32.99 28.09 -11.62
CA ASP E 782 -31.63 27.55 -11.59
C ASP E 782 -30.62 28.69 -11.66
N LYS E 783 -30.91 29.72 -12.44
CA LYS E 783 -30.01 30.88 -12.51
C LYS E 783 -29.88 31.54 -11.16
N LEU E 784 -31.01 31.75 -10.46
CA LEU E 784 -30.96 32.36 -9.13
C LEU E 784 -30.12 31.53 -8.19
N LYS E 785 -30.38 30.22 -8.16
CA LYS E 785 -29.65 29.36 -7.22
C LYS E 785 -28.16 29.36 -7.54
N SER E 786 -27.81 29.28 -8.82
CA SER E 786 -26.40 29.27 -9.19
C SER E 786 -25.73 30.59 -8.80
N LYS E 787 -26.44 31.70 -9.00
CA LYS E 787 -25.85 33.00 -8.71
C LYS E 787 -25.64 33.19 -7.21
N TRP E 788 -26.62 32.82 -6.40
CA TRP E 788 -26.61 33.17 -4.99
C TRP E 788 -26.21 32.02 -4.08
N TRP E 789 -25.69 30.93 -4.63
CA TRP E 789 -25.03 29.89 -3.85
C TRP E 789 -23.62 29.60 -4.31
N TYR E 790 -23.38 29.54 -5.62
CA TYR E 790 -22.06 29.17 -6.14
C TYR E 790 -21.23 30.37 -6.55
N ASP E 791 -21.86 31.49 -6.91
CA ASP E 791 -21.11 32.66 -7.35
C ASP E 791 -20.42 33.37 -6.21
N LYS E 792 -20.80 33.09 -4.96
CA LYS E 792 -20.19 33.76 -3.81
C LYS E 792 -18.76 33.27 -3.59
N GLY E 793 -18.60 32.00 -3.27
CA GLY E 793 -17.28 31.41 -3.12
C GLY E 793 -16.37 32.15 -2.16
N GLU E 794 -16.71 32.14 -0.87
CA GLU E 794 -15.90 32.84 0.11
C GLU E 794 -14.54 32.17 0.27
N CYS E 795 -14.53 30.85 0.40
CA CYS E 795 -13.31 30.08 0.58
C CYS E 795 -13.24 29.02 -0.52
N GLY E 796 -12.09 28.94 -1.18
CA GLY E 796 -11.91 27.96 -2.25
C GLY E 796 -12.66 28.35 -3.51
N LYS E 805 -6.56 7.86 -4.58
CA LYS E 805 -5.49 6.86 -4.55
C LYS E 805 -4.36 7.27 -5.48
N THR E 806 -4.69 7.48 -6.75
CA THR E 806 -3.73 7.87 -7.77
C THR E 806 -3.90 9.35 -8.09
N SER E 807 -2.80 10.08 -8.07
CA SER E 807 -2.82 11.50 -8.38
C SER E 807 -1.39 11.99 -8.52
N ALA E 808 -1.17 12.90 -9.44
CA ALA E 808 0.16 13.44 -9.68
C ALA E 808 0.65 14.21 -8.47
N LEU E 809 1.88 14.70 -8.53
CA LEU E 809 2.50 15.41 -7.42
C LEU E 809 2.65 16.88 -7.81
N SER E 810 2.11 17.76 -6.99
CA SER E 810 2.11 19.18 -7.29
C SER E 810 3.41 19.82 -6.83
N LEU E 811 3.83 20.86 -7.56
CA LEU E 811 5.09 21.52 -7.25
C LEU E 811 5.09 22.10 -5.86
N SER E 812 3.92 22.48 -5.34
CA SER E 812 3.86 23.03 -3.99
C SER E 812 4.35 22.02 -2.97
N ASN E 813 4.17 20.73 -3.24
CA ASN E 813 4.52 19.71 -2.26
C ASN E 813 6.01 19.66 -1.99
N VAL E 814 6.84 19.90 -3.00
CA VAL E 814 8.28 19.68 -2.90
C VAL E 814 9.08 20.97 -3.07
N ALA E 815 8.42 22.13 -2.98
CA ALA E 815 9.12 23.37 -3.24
C ALA E 815 10.32 23.56 -2.32
N GLY E 816 10.26 23.00 -1.12
CA GLY E 816 11.35 23.17 -0.18
C GLY E 816 12.67 22.68 -0.73
N VAL E 817 12.64 21.62 -1.54
CA VAL E 817 13.87 21.10 -2.11
C VAL E 817 14.49 22.14 -3.02
N PHE E 818 13.67 22.84 -3.81
CA PHE E 818 14.21 23.84 -4.71
C PHE E 818 14.73 25.05 -3.93
N TYR E 819 14.02 25.44 -2.87
CA TYR E 819 14.53 26.50 -2.01
C TYR E 819 15.92 26.13 -1.49
N ILE E 820 16.05 24.91 -1.00
CA ILE E 820 17.32 24.43 -0.45
C ILE E 820 18.39 24.42 -1.53
N LEU E 821 18.03 23.96 -2.73
CA LEU E 821 19.00 23.91 -3.82
C LEU E 821 19.52 25.29 -4.17
N ILE E 822 18.62 26.28 -4.24
CA ILE E 822 19.05 27.63 -4.59
C ILE E 822 19.94 28.19 -3.49
N GLY E 823 19.56 27.96 -2.23
CA GLY E 823 20.44 28.38 -1.15
C GLY E 823 21.82 27.77 -1.26
N GLY E 824 21.87 26.50 -1.62
CA GLY E 824 23.16 25.83 -1.73
C GLY E 824 24.01 26.40 -2.86
N LEU E 825 23.39 26.68 -4.00
CA LEU E 825 24.15 27.27 -5.11
C LEU E 825 24.66 28.65 -4.74
N GLY E 826 23.82 29.47 -4.10
CA GLY E 826 24.29 30.78 -3.69
C GLY E 826 25.46 30.70 -2.74
N LEU E 827 25.33 29.86 -1.72
CA LEU E 827 26.42 29.68 -0.76
C LEU E 827 27.68 29.18 -1.46
N ALA E 828 27.53 28.29 -2.44
CA ALA E 828 28.68 27.75 -3.14
C ALA E 828 29.41 28.82 -3.92
N MET E 829 28.68 29.67 -4.63
CA MET E 829 29.35 30.72 -5.37
C MET E 829 30.00 31.72 -4.43
N LEU E 830 29.36 31.99 -3.29
CA LEU E 830 29.98 32.83 -2.28
C LEU E 830 31.33 32.25 -1.85
N VAL E 831 31.35 30.96 -1.54
CA VAL E 831 32.57 30.31 -1.10
C VAL E 831 33.61 30.33 -2.21
N ALA E 832 33.18 30.20 -3.45
CA ALA E 832 34.12 30.28 -4.56
C ALA E 832 34.76 31.65 -4.64
N LEU E 833 33.97 32.69 -4.45
CA LEU E 833 34.53 34.05 -4.42
C LEU E 833 35.56 34.17 -3.30
N ILE E 834 35.24 33.63 -2.13
CA ILE E 834 36.16 33.70 -1.00
C ILE E 834 37.47 32.99 -1.33
N GLU E 835 37.37 31.79 -1.92
CA GLU E 835 38.56 31.04 -2.26
C GLU E 835 39.38 31.77 -3.31
N PHE E 836 38.71 32.42 -4.26
CA PHE E 836 39.40 33.19 -5.27
C PHE E 836 40.18 34.34 -4.64
N CYS E 837 39.57 35.05 -3.69
CA CYS E 837 40.27 36.13 -3.02
C CYS E 837 41.46 35.61 -2.23
N TYR E 838 41.30 34.49 -1.52
CA TYR E 838 42.42 33.93 -0.78
C TYR E 838 43.56 33.53 -1.72
N LYS E 839 43.23 32.90 -2.85
CA LYS E 839 44.26 32.50 -3.79
C LYS E 839 44.98 33.73 -4.35
N SER E 840 44.23 34.78 -4.66
CA SER E 840 44.86 36.00 -5.18
C SER E 840 45.82 36.59 -4.16
N ARG E 841 45.40 36.66 -2.90
CA ARG E 841 46.24 37.21 -1.84
C ARG E 841 47.11 36.13 -1.22
N ALA F 2 2.93 30.39 -3.01
CA ALA F 2 2.50 30.37 -4.39
C ALA F 2 3.68 30.08 -5.32
N PHE F 3 4.40 29.00 -5.04
CA PHE F 3 5.56 28.66 -5.85
C PHE F 3 5.14 28.32 -7.27
N THR F 4 5.99 28.67 -8.23
CA THR F 4 5.66 28.49 -9.63
C THR F 4 6.94 28.31 -10.43
N PHE F 5 6.78 27.70 -11.60
CA PHE F 5 7.90 27.53 -12.53
C PHE F 5 8.61 28.86 -12.78
N ALA F 6 7.85 29.92 -13.04
CA ALA F 6 8.45 31.21 -13.33
C ALA F 6 9.23 31.72 -12.14
N ALA F 7 8.74 31.49 -10.92
CA ALA F 7 9.45 31.93 -9.73
C ALA F 7 10.80 31.25 -9.62
N PHE F 8 10.85 29.94 -9.87
CA PHE F 8 12.13 29.24 -9.81
C PHE F 8 13.06 29.73 -10.90
N CYS F 9 12.51 30.02 -12.09
CA CYS F 9 13.33 30.60 -13.14
C CYS F 9 13.94 31.92 -12.68
N TYR F 10 13.15 32.74 -11.99
CA TYR F 10 13.67 34.00 -11.48
C TYR F 10 14.78 33.78 -10.47
N MET F 11 14.60 32.82 -9.56
CA MET F 11 15.64 32.57 -8.55
C MET F 11 16.94 32.13 -9.22
N LEU F 12 16.84 31.18 -10.15
CA LEU F 12 18.03 30.69 -10.83
C LEU F 12 18.68 31.79 -11.65
N THR F 13 17.86 32.62 -12.31
CA THR F 13 18.40 33.71 -13.11
C THR F 13 19.11 34.73 -12.23
N LEU F 14 18.59 34.98 -11.04
CA LEU F 14 19.28 35.87 -10.11
C LEU F 14 20.63 35.30 -9.71
N VAL F 15 20.64 34.01 -9.36
CA VAL F 15 21.90 33.36 -8.99
C VAL F 15 22.93 33.53 -10.10
N LEU F 16 22.53 33.27 -11.34
CA LEU F 16 23.47 33.35 -12.45
C LEU F 16 23.81 34.79 -12.82
N CYS F 17 22.88 35.73 -12.64
CA CYS F 17 23.18 37.12 -12.89
C CYS F 17 24.25 37.63 -11.94
N ALA F 18 24.34 37.05 -10.75
CA ALA F 18 25.45 37.38 -9.87
C ALA F 18 26.78 37.10 -10.56
N SER F 19 26.92 35.91 -11.15
CA SER F 19 28.17 35.56 -11.82
C SER F 19 28.38 36.42 -13.05
N LEU F 20 27.31 36.75 -13.77
CA LEU F 20 27.44 37.65 -14.91
C LEU F 20 27.99 39.00 -14.46
N ILE F 21 27.49 39.51 -13.34
CA ILE F 21 27.98 40.78 -12.81
C ILE F 21 29.45 40.67 -12.47
N PHE F 22 29.86 39.56 -11.85
CA PHE F 22 31.27 39.40 -11.53
C PHE F 22 32.12 39.36 -12.78
N PHE F 23 31.64 38.67 -13.83
CA PHE F 23 32.38 38.64 -15.09
C PHE F 23 32.57 40.04 -15.64
N VAL F 24 31.50 40.84 -15.65
CA VAL F 24 31.61 42.19 -16.21
C VAL F 24 32.53 43.05 -15.37
N ILE F 25 32.51 42.86 -14.05
CA ILE F 25 33.39 43.60 -13.17
C ILE F 25 34.84 43.27 -13.48
N TRP F 26 35.14 41.98 -13.65
CA TRP F 26 36.50 41.58 -13.99
C TRP F 26 36.90 42.15 -15.34
N HIS F 27 35.94 42.21 -16.27
CA HIS F 27 36.23 42.77 -17.58
C HIS F 27 36.60 44.25 -17.48
N ILE F 28 35.82 45.02 -16.73
CA ILE F 28 36.11 46.45 -16.61
C ILE F 28 37.43 46.67 -15.87
N ILE F 29 37.72 45.83 -14.87
CA ILE F 29 38.99 45.94 -14.17
C ILE F 29 40.15 45.66 -15.13
N ALA F 30 40.02 44.62 -15.95
CA ALA F 30 41.06 44.31 -16.91
C ALA F 30 41.26 45.46 -17.88
N PHE F 31 40.17 46.05 -18.36
CA PHE F 31 40.31 47.15 -19.31
C PHE F 31 40.85 48.41 -18.66
N ASP F 32 40.52 48.66 -17.39
CA ASP F 32 41.12 49.79 -16.69
C ASP F 32 42.63 49.59 -16.55
N GLU F 33 43.05 48.39 -16.17
CA GLU F 33 44.48 48.12 -16.09
C GLU F 33 45.15 48.26 -17.44
N LEU F 34 44.50 47.75 -18.48
CA LEU F 34 45.07 47.82 -19.82
C LEU F 34 45.20 49.27 -20.28
N ARG F 35 44.19 50.09 -20.00
CA ARG F 35 44.25 51.50 -20.37
C ARG F 35 45.35 52.21 -19.61
N THR F 36 45.46 51.96 -18.30
CA THR F 36 46.49 52.61 -17.51
C THR F 36 47.87 52.23 -18.00
N ASP F 37 48.05 50.96 -18.40
CA ASP F 37 49.36 50.53 -18.90
C ASP F 37 49.63 51.11 -20.28
N PHE F 38 48.62 51.15 -21.16
CA PHE F 38 48.81 51.66 -22.50
C PHE F 38 49.13 53.14 -22.49
N LYS F 39 48.43 53.92 -21.68
CA LYS F 39 48.74 55.33 -21.54
C LYS F 39 50.13 55.55 -20.94
N ASN F 40 50.70 54.52 -20.30
CA ASN F 40 52.03 54.61 -19.71
C ASN F 40 53.05 54.12 -20.72
N PRO F 41 53.78 55.02 -21.40
CA PRO F 41 54.74 54.58 -22.41
C PRO F 41 56.08 54.12 -21.87
N ILE F 42 56.16 53.88 -20.55
CA ILE F 42 57.42 53.40 -19.97
C ILE F 42 57.83 52.09 -20.62
N ASP F 43 56.87 51.18 -20.84
CA ASP F 43 57.18 49.96 -21.58
C ASP F 43 57.61 50.27 -23.00
N GLN F 44 57.05 51.33 -23.59
CA GLN F 44 57.43 51.75 -24.94
C GLN F 44 58.79 52.42 -24.90
N GLY F 45 59.65 52.06 -25.85
CA GLY F 45 60.97 52.67 -25.91
C GLY F 45 61.84 52.37 -24.71
N ASN F 46 61.80 51.13 -24.22
CA ASN F 46 62.60 50.71 -23.09
C ASN F 46 63.22 49.36 -23.41
N PRO F 47 64.55 49.26 -23.57
CA PRO F 47 65.15 47.96 -23.86
C PRO F 47 64.82 46.90 -22.83
N ALA F 48 64.72 47.28 -21.55
CA ALA F 48 64.39 46.36 -20.48
C ALA F 48 62.88 46.32 -20.27
N ARG F 49 62.36 45.13 -20.03
CA ARG F 49 60.93 44.88 -19.77
C ARG F 49 60.07 45.14 -21.01
N ALA F 50 60.67 45.26 -22.19
CA ALA F 50 59.87 45.44 -23.39
C ALA F 50 58.94 44.26 -23.62
N ARG F 51 59.45 43.04 -23.43
CA ARG F 51 58.61 41.86 -23.57
C ARG F 51 57.53 41.80 -22.50
N GLU F 52 57.69 42.55 -21.41
CA GLU F 52 56.68 42.54 -20.35
C GLU F 52 55.35 43.07 -20.86
N ARG F 53 55.37 44.16 -21.62
CA ARG F 53 54.13 44.71 -22.16
C ARG F 53 53.45 43.73 -23.10
N LEU F 54 54.22 43.08 -23.98
CA LEU F 54 53.64 42.11 -24.88
C LEU F 54 53.05 40.93 -24.12
N LYS F 55 53.76 40.45 -23.10
CA LYS F 55 53.25 39.33 -22.30
C LYS F 55 51.95 39.72 -21.60
N ASN F 56 51.91 40.93 -21.03
CA ASN F 56 50.69 41.38 -20.37
C ASN F 56 49.54 41.48 -21.35
N ILE F 57 49.80 42.01 -22.55
CA ILE F 57 48.75 42.14 -23.55
C ILE F 57 48.23 40.76 -23.94
N GLU F 58 49.13 39.81 -24.16
CA GLU F 58 48.72 38.46 -24.54
C GLU F 58 47.89 37.82 -23.42
N ARG F 59 48.35 37.96 -22.18
CA ARG F 59 47.62 37.39 -21.05
C ARG F 59 46.21 37.95 -20.97
N ILE F 60 46.09 39.28 -21.05
CA ILE F 60 44.78 39.90 -20.90
C ILE F 60 43.87 39.50 -22.06
N CYS F 61 44.41 39.52 -23.28
CA CYS F 61 43.59 39.18 -24.44
C CYS F 61 43.11 37.74 -24.36
N CYS F 62 43.97 36.82 -23.93
CA CYS F 62 43.54 35.43 -23.80
C CYS F 62 42.50 35.28 -22.71
N LEU F 63 42.72 35.92 -21.56
CA LEU F 63 41.79 35.79 -20.45
C LEU F 63 40.40 36.29 -20.84
N LEU F 64 40.33 37.43 -21.51
CA LEU F 64 39.04 37.97 -21.90
C LEU F 64 38.49 37.30 -23.15
N ARG F 65 39.33 36.60 -23.91
CA ARG F 65 38.83 35.69 -24.93
C ARG F 65 38.12 34.51 -24.30
N LYS F 66 38.56 34.10 -23.11
CA LYS F 66 37.92 32.98 -22.43
C LYS F 66 36.65 33.42 -21.70
N LEU F 67 36.69 34.58 -21.05
CA LEU F 67 35.57 35.02 -20.23
C LEU F 67 34.32 35.34 -21.04
N VAL F 68 34.42 35.44 -22.37
CA VAL F 68 33.31 35.98 -23.14
C VAL F 68 32.23 34.93 -23.35
N VAL F 69 32.60 33.72 -23.74
CA VAL F 69 31.60 32.70 -24.09
C VAL F 69 30.67 32.41 -22.92
N PRO F 70 31.15 32.22 -21.69
CA PRO F 70 30.22 31.96 -20.58
C PRO F 70 29.15 33.02 -20.44
N GLU F 71 29.52 34.29 -20.51
CA GLU F 71 28.55 35.37 -20.35
C GLU F 71 27.48 35.31 -21.43
N TYR F 72 27.90 35.20 -22.70
CA TYR F 72 26.96 35.21 -23.79
C TYR F 72 26.02 34.01 -23.72
N SER F 73 26.59 32.83 -23.49
CA SER F 73 25.77 31.62 -23.44
C SER F 73 24.83 31.64 -22.25
N ILE F 74 25.26 32.21 -21.13
CA ILE F 74 24.39 32.28 -19.95
C ILE F 74 23.24 33.24 -20.19
N HIS F 75 23.49 34.35 -20.88
CA HIS F 75 22.38 35.24 -21.21
C HIS F 75 21.43 34.57 -22.19
N GLY F 76 21.96 33.81 -23.15
CA GLY F 76 21.09 33.02 -24.02
C GLY F 76 20.26 32.03 -23.23
N LEU F 77 20.85 31.45 -22.19
CA LEU F 77 20.11 30.55 -21.31
C LEU F 77 18.99 31.29 -20.60
N PHE F 78 19.26 32.51 -20.14
CA PHE F 78 18.19 33.33 -19.56
C PHE F 78 17.06 33.49 -20.55
N CYS F 79 17.39 33.85 -21.78
CA CYS F 79 16.37 34.07 -22.80
C CYS F 79 15.54 32.82 -23.03
N LEU F 80 16.21 31.67 -23.17
CA LEU F 80 15.50 30.42 -23.39
C LEU F 80 14.60 30.08 -22.21
N MET F 81 15.11 30.27 -20.99
CA MET F 81 14.34 29.94 -19.79
C MET F 81 13.08 30.78 -19.71
N PHE F 82 13.21 32.09 -19.97
CA PHE F 82 12.03 32.95 -19.91
C PHE F 82 11.09 32.67 -21.09
N LEU F 83 11.63 32.17 -22.20
CA LEU F 83 10.76 31.74 -23.29
C LEU F 83 9.91 30.56 -22.86
N CYS F 84 10.53 29.54 -22.26
CA CYS F 84 9.79 28.38 -21.79
C CYS F 84 9.00 28.67 -20.53
N ALA F 85 9.37 29.71 -19.79
CA ALA F 85 8.63 30.08 -18.58
C ALA F 85 7.31 30.75 -18.87
N ALA F 86 7.07 31.14 -20.12
CA ALA F 86 5.90 31.92 -20.49
C ALA F 86 5.94 33.33 -19.92
N GLU F 87 7.15 33.85 -19.72
CA GLU F 87 7.35 35.24 -19.32
C GLU F 87 7.68 36.05 -20.56
N TRP F 88 6.83 37.04 -20.86
CA TRP F 88 6.93 37.78 -22.11
C TRP F 88 7.59 39.14 -21.95
N VAL F 89 7.32 39.85 -20.86
CA VAL F 89 7.95 41.14 -20.64
C VAL F 89 9.46 40.98 -20.53
N THR F 90 9.91 40.11 -19.63
CA THR F 90 11.33 39.96 -19.37
C THR F 90 12.06 39.43 -20.60
N LEU F 91 11.44 38.48 -21.31
CA LEU F 91 12.06 37.98 -22.53
C LEU F 91 12.23 39.08 -23.56
N GLY F 92 11.22 39.94 -23.71
CA GLY F 92 11.35 41.06 -24.61
C GLY F 92 12.46 42.01 -24.18
N LEU F 93 12.61 42.21 -22.87
CA LEU F 93 13.67 43.08 -22.39
C LEU F 93 15.05 42.45 -22.61
N ASN F 94 15.12 41.12 -22.67
CA ASN F 94 16.41 40.44 -22.78
C ASN F 94 16.84 40.17 -24.21
N ILE F 95 15.91 40.06 -25.16
CA ILE F 95 16.29 39.75 -26.55
C ILE F 95 17.25 40.79 -27.13
N PRO F 96 17.07 42.10 -26.91
CA PRO F 96 18.00 43.04 -27.58
C PRO F 96 19.45 42.80 -27.24
N LEU F 97 19.74 42.50 -25.96
CA LEU F 97 21.13 42.23 -25.58
C LEU F 97 21.62 40.91 -26.16
N LEU F 98 20.74 39.92 -26.29
CA LEU F 98 21.13 38.69 -26.96
C LEU F 98 21.52 38.96 -28.41
N PHE F 99 20.75 39.78 -29.11
CA PHE F 99 21.10 40.12 -30.48
C PHE F 99 22.40 40.91 -30.53
N TYR F 100 22.62 41.80 -29.56
CA TYR F 100 23.88 42.53 -29.49
C TYR F 100 25.05 41.57 -29.33
N HIS F 101 24.90 40.56 -28.47
CA HIS F 101 25.98 39.59 -28.26
C HIS F 101 26.22 38.77 -29.52
N LEU F 102 25.15 38.34 -30.19
CA LEU F 102 25.31 37.63 -31.46
C LEU F 102 26.10 38.48 -32.45
N TRP F 103 25.72 39.75 -32.57
CA TRP F 103 26.40 40.65 -33.49
C TRP F 103 27.87 40.78 -33.13
N ARG F 104 28.16 40.97 -31.84
CA ARG F 104 29.56 41.11 -31.43
C ARG F 104 30.36 39.87 -31.75
N TYR F 105 29.79 38.69 -31.52
CA TYR F 105 30.55 37.46 -31.68
C TYR F 105 30.71 37.06 -33.14
N PHE F 106 29.77 37.42 -34.01
CA PHE F 106 29.79 36.92 -35.37
C PHE F 106 30.14 37.96 -36.44
N HIS F 107 29.99 39.25 -36.16
CA HIS F 107 30.11 40.24 -37.23
C HIS F 107 31.51 40.25 -37.84
N ARG F 108 32.53 40.24 -37.00
CA ARG F 108 33.91 40.36 -37.45
C ARG F 108 34.07 41.62 -38.28
N PRO F 109 33.95 42.80 -37.67
CA PRO F 109 34.10 44.05 -38.42
C PRO F 109 35.53 44.55 -38.47
N ALA F 110 35.75 45.71 -39.10
CA ALA F 110 37.03 46.42 -39.15
C ALA F 110 38.07 45.69 -39.98
N ASP F 111 37.72 44.59 -40.64
CA ASP F 111 38.67 43.83 -41.46
C ASP F 111 39.92 43.49 -40.65
N GLY F 112 39.72 43.18 -39.38
CA GLY F 112 40.80 42.87 -38.47
C GLY F 112 41.04 41.38 -38.34
N SER F 113 41.57 40.99 -37.18
CA SER F 113 41.83 39.59 -36.91
C SER F 113 40.53 38.84 -36.64
N GLU F 114 40.61 37.52 -36.70
CA GLU F 114 39.42 36.69 -36.49
C GLU F 114 38.92 36.80 -35.05
N VAL F 115 39.84 36.79 -34.09
CA VAL F 115 39.44 36.74 -32.69
C VAL F 115 38.99 38.12 -32.21
N MET F 116 38.20 38.12 -31.14
CA MET F 116 37.66 39.36 -30.61
C MET F 116 38.76 40.25 -30.06
N TYR F 117 39.62 39.68 -29.21
CA TYR F 117 40.73 40.40 -28.60
C TYR F 117 42.01 39.70 -29.02
N ASP F 118 42.65 40.20 -30.09
CA ASP F 118 43.85 39.59 -30.62
C ASP F 118 45.12 40.19 -30.06
N ALA F 119 45.03 41.27 -29.28
CA ALA F 119 46.15 41.98 -28.67
C ALA F 119 47.01 42.72 -29.69
N VAL F 120 46.71 42.60 -30.97
CA VAL F 120 47.43 43.32 -32.02
C VAL F 120 46.60 44.48 -32.56
N SER F 121 45.33 44.23 -32.86
CA SER F 121 44.40 45.27 -33.25
C SER F 121 43.57 45.77 -32.08
N ILE F 122 43.82 45.26 -30.87
CA ILE F 122 43.07 45.66 -29.70
C ILE F 122 43.82 46.76 -28.96
N MET F 123 44.82 47.34 -29.61
CA MET F 123 45.60 48.43 -29.04
C MET F 123 45.24 49.79 -29.63
N ASN F 124 44.17 49.86 -30.41
CA ASN F 124 43.70 51.14 -30.92
C ASN F 124 42.86 51.82 -29.84
N ALA F 125 43.18 53.09 -29.55
CA ALA F 125 42.50 53.79 -28.47
C ALA F 125 41.00 53.80 -28.67
N ASP F 126 40.55 53.87 -29.92
CA ASP F 126 39.11 53.85 -30.18
C ASP F 126 38.50 52.54 -29.70
N ILE F 127 39.20 51.42 -29.94
CA ILE F 127 38.70 50.12 -29.49
C ILE F 127 38.55 50.11 -27.98
N LEU F 128 39.59 50.57 -27.27
CA LEU F 128 39.54 50.56 -25.81
C LEU F 128 38.40 51.43 -25.30
N ASN F 129 38.26 52.64 -25.86
CA ASN F 129 37.20 53.52 -25.39
C ASN F 129 35.82 52.91 -25.64
N TYR F 130 35.60 52.40 -26.86
CA TYR F 130 34.31 51.82 -27.19
C TYR F 130 33.97 50.67 -26.27
N CYS F 131 34.94 49.77 -26.05
CA CYS F 131 34.66 48.59 -25.25
C CYS F 131 34.52 48.93 -23.77
N GLN F 132 35.26 49.92 -23.27
CA GLN F 132 35.08 50.35 -21.89
C GLN F 132 33.69 50.93 -21.68
N LYS F 133 33.24 51.77 -22.61
CA LYS F 133 31.89 52.31 -22.49
C LYS F 133 30.85 51.21 -22.57
N GLU F 134 31.04 50.25 -23.50
CA GLU F 134 30.11 49.14 -23.61
C GLU F 134 30.07 48.32 -22.32
N SER F 135 31.23 48.07 -21.72
CA SER F 135 31.27 47.30 -20.49
C SER F 135 30.57 48.02 -19.34
N TRP F 136 30.76 49.34 -19.24
CA TRP F 136 30.08 50.09 -18.19
C TRP F 136 28.57 50.03 -18.39
N CYS F 137 28.11 50.22 -19.63
CA CYS F 137 26.68 50.13 -19.89
C CYS F 137 26.16 48.73 -19.58
N LYS F 138 26.93 47.71 -19.92
CA LYS F 138 26.53 46.33 -19.67
C LYS F 138 26.42 46.07 -18.17
N LEU F 139 27.37 46.59 -17.38
CA LEU F 139 27.30 46.44 -15.94
C LEU F 139 26.06 47.10 -15.37
N ALA F 140 25.75 48.31 -15.84
CA ALA F 140 24.54 48.99 -15.37
C ALA F 140 23.31 48.16 -15.71
N PHE F 141 23.26 47.62 -16.93
CA PHE F 141 22.10 46.83 -17.33
C PHE F 141 21.98 45.57 -16.48
N TYR F 142 23.11 44.92 -16.17
CA TYR F 142 23.04 43.71 -15.37
C TYR F 142 22.59 44.02 -13.95
N LEU F 143 23.04 45.13 -13.38
CA LEU F 143 22.54 45.51 -12.06
C LEU F 143 21.04 45.74 -12.09
N LEU F 144 20.57 46.48 -13.10
CA LEU F 144 19.14 46.73 -13.20
C LEU F 144 18.36 45.44 -13.37
N SER F 145 18.88 44.52 -14.19
CA SER F 145 18.21 43.26 -14.44
C SER F 145 18.18 42.40 -13.18
N PHE F 146 19.28 42.41 -12.42
CA PHE F 146 19.32 41.66 -11.17
C PHE F 146 18.26 42.15 -10.20
N PHE F 147 18.15 43.47 -10.06
CA PHE F 147 17.14 44.01 -9.14
C PHE F 147 15.74 43.74 -9.65
N TYR F 148 15.54 43.82 -10.97
CA TYR F 148 14.23 43.50 -11.53
C TYR F 148 13.88 42.04 -11.29
N TYR F 149 14.85 41.15 -11.45
CA TYR F 149 14.61 39.73 -11.20
C TYR F 149 14.24 39.49 -9.74
N LEU F 150 14.93 40.15 -8.82
CA LEU F 150 14.59 39.99 -7.41
C LEU F 150 13.17 40.47 -7.13
N TYR F 151 12.83 41.66 -7.64
CA TYR F 151 11.49 42.19 -7.41
C TYR F 151 10.42 41.29 -8.01
N SER F 152 10.64 40.81 -9.24
CA SER F 152 9.67 39.94 -9.88
C SER F 152 9.54 38.63 -9.12
N MET F 153 10.66 38.08 -8.65
CA MET F 153 10.63 36.84 -7.90
C MET F 153 9.77 36.99 -6.66
N VAL F 154 10.02 38.04 -5.87
CA VAL F 154 9.24 38.22 -4.64
C VAL F 154 7.78 38.46 -4.98
N TYR F 155 7.50 39.26 -6.01
CA TYR F 155 6.12 39.58 -6.36
C TYR F 155 5.37 38.34 -6.79
N THR F 156 5.99 37.52 -7.64
CA THR F 156 5.35 36.29 -8.08
C THR F 156 5.15 35.32 -6.93
N LEU F 157 6.15 35.21 -6.05
CA LEU F 157 6.08 34.22 -4.98
C LEU F 157 5.01 34.58 -3.96
N VAL F 158 4.93 35.86 -3.58
CA VAL F 158 3.93 36.27 -2.61
C VAL F 158 2.52 36.15 -3.18
N SER F 159 2.36 36.47 -4.47
CA SER F 159 1.07 36.38 -5.12
C SER F 159 0.47 34.99 -4.99
N GLU G 16 40.35 -11.60 -35.40
CA GLU G 16 41.68 -11.90 -35.89
C GLU G 16 41.62 -12.98 -36.98
N LYS G 17 42.79 -13.52 -37.31
CA LYS G 17 42.99 -14.63 -38.23
C LYS G 17 42.39 -14.41 -39.63
N GLY G 18 41.91 -13.20 -39.92
CA GLY G 18 41.56 -12.82 -41.27
C GLY G 18 40.43 -13.60 -41.93
N VAL G 19 39.94 -14.65 -41.27
CA VAL G 19 38.86 -15.47 -41.84
C VAL G 19 37.49 -15.03 -41.36
N GLN G 20 37.42 -14.00 -40.52
CA GLN G 20 36.14 -13.60 -39.94
C GLN G 20 35.13 -13.15 -41.00
N VAL G 21 35.59 -12.80 -42.20
CA VAL G 21 34.65 -12.47 -43.26
C VAL G 21 33.74 -13.64 -43.55
N LEU G 22 34.26 -14.87 -43.42
CA LEU G 22 33.45 -16.04 -43.69
C LEU G 22 32.30 -16.14 -42.69
N LEU G 23 32.62 -16.06 -41.39
CA LEU G 23 31.57 -16.10 -40.39
C LEU G 23 30.61 -14.94 -40.57
N THR G 24 31.13 -13.77 -40.95
CA THR G 24 30.27 -12.61 -41.16
C THR G 24 29.23 -12.87 -42.23
N THR G 25 29.67 -13.33 -43.41
CA THR G 25 28.71 -13.54 -44.49
C THR G 25 27.81 -14.74 -44.24
N ILE G 26 28.32 -15.79 -43.60
CA ILE G 26 27.48 -16.92 -43.25
C ILE G 26 26.38 -16.47 -42.30
N GLY G 27 26.73 -15.69 -41.30
CA GLY G 27 25.73 -15.15 -40.39
C GLY G 27 24.74 -14.24 -41.12
N ALA G 28 25.23 -13.45 -42.08
CA ALA G 28 24.33 -12.57 -42.82
C ALA G 28 23.29 -13.38 -43.57
N PHE G 29 23.72 -14.36 -44.35
CA PHE G 29 22.77 -15.18 -45.10
C PHE G 29 21.86 -15.96 -44.17
N ALA G 30 22.40 -16.52 -43.09
CA ALA G 30 21.58 -17.30 -42.18
C ALA G 30 20.51 -16.43 -41.54
N ALA G 31 20.88 -15.23 -41.09
CA ALA G 31 19.93 -14.36 -40.42
C ALA G 31 18.90 -13.82 -41.40
N PHE G 32 19.31 -13.53 -42.63
CA PHE G 32 18.35 -13.12 -43.65
C PHE G 32 17.35 -14.24 -43.93
N GLY G 33 17.84 -15.47 -44.03
CA GLY G 33 16.94 -16.59 -44.24
C GLY G 33 15.98 -16.78 -43.08
N LEU G 34 16.50 -16.71 -41.86
CA LEU G 34 15.65 -16.84 -40.68
C LEU G 34 14.59 -15.75 -40.65
N MET G 35 14.98 -14.51 -40.93
CA MET G 35 14.03 -13.40 -40.89
C MET G 35 12.95 -13.57 -41.95
N THR G 36 13.33 -13.91 -43.18
CA THR G 36 12.34 -14.11 -44.23
C THR G 36 11.42 -15.27 -43.91
N ILE G 37 11.99 -16.37 -43.41
CA ILE G 37 11.20 -17.54 -43.04
C ILE G 37 10.21 -17.18 -41.95
N ALA G 38 10.61 -16.34 -41.00
CA ALA G 38 9.72 -15.96 -39.92
C ALA G 38 8.61 -15.04 -40.40
N ILE G 39 8.95 -14.12 -41.31
CA ILE G 39 7.95 -13.19 -41.83
C ILE G 39 6.86 -13.89 -42.61
N SER G 40 7.14 -15.06 -43.18
CA SER G 40 6.27 -15.68 -44.16
C SER G 40 5.56 -16.92 -43.68
N THR G 41 6.13 -17.66 -42.73
CA THR G 41 5.60 -18.98 -42.39
C THR G 41 4.29 -18.92 -41.63
N ASP G 42 3.96 -17.79 -41.02
CA ASP G 42 2.70 -17.63 -40.31
C ASP G 42 2.58 -18.58 -39.11
N TYR G 43 3.67 -18.71 -38.35
CA TYR G 43 3.68 -19.46 -37.09
C TYR G 43 4.33 -18.57 -36.03
N TRP G 44 3.52 -17.72 -35.39
CA TRP G 44 4.00 -16.84 -34.34
C TRP G 44 3.30 -17.04 -33.01
N LEU G 45 1.98 -17.19 -33.02
CA LEU G 45 1.16 -17.14 -31.81
C LEU G 45 0.28 -18.38 -31.77
N TYR G 46 0.46 -19.22 -30.76
CA TYR G 46 -0.46 -20.33 -30.50
C TYR G 46 -1.45 -19.85 -29.46
N THR G 47 -2.72 -19.73 -29.84
CA THR G 47 -3.70 -19.19 -28.93
C THR G 47 -5.08 -19.69 -29.31
N ARG G 48 -6.09 -19.07 -28.72
CA ARG G 48 -7.49 -19.43 -28.89
C ARG G 48 -8.21 -18.22 -29.51
N ALA G 49 -8.99 -18.47 -30.55
CA ALA G 49 -9.69 -17.41 -31.25
C ALA G 49 -11.15 -17.79 -31.45
N LEU G 50 -12.02 -16.78 -31.45
CA LEU G 50 -13.44 -16.99 -31.66
C LEU G 50 -13.77 -17.34 -33.10
N ILE G 51 -12.83 -17.16 -34.02
CA ILE G 51 -13.10 -17.43 -35.44
C ILE G 51 -13.31 -18.93 -35.66
N CYS G 52 -12.42 -19.74 -35.09
CA CYS G 52 -12.51 -21.19 -35.26
C CYS G 52 -13.90 -21.71 -34.92
N GLY G 79 -12.64 -18.92 -28.99
CA GLY G 79 -13.29 -20.07 -29.59
C GLY G 79 -12.42 -21.32 -29.53
N GLY G 80 -11.72 -21.60 -30.62
CA GLY G 80 -10.87 -22.77 -30.73
C GLY G 80 -9.42 -22.41 -30.93
N LEU G 81 -8.61 -23.46 -31.00
CA LEU G 81 -7.16 -23.31 -31.14
C LEU G 81 -6.82 -22.70 -32.49
N THR G 82 -5.70 -21.97 -32.53
CA THR G 82 -5.17 -21.43 -33.77
C THR G 82 -3.68 -21.23 -33.62
N HIS G 83 -3.01 -21.06 -34.76
CA HIS G 83 -1.57 -20.86 -34.82
C HIS G 83 -1.26 -19.61 -35.63
N SER G 84 -1.92 -18.52 -35.25
CA SER G 84 -1.81 -17.26 -35.98
C SER G 84 -0.37 -16.86 -36.19
N GLY G 85 -0.12 -16.03 -37.20
CA GLY G 85 1.20 -15.61 -37.56
C GLY G 85 1.28 -14.09 -37.66
N LEU G 86 1.91 -13.63 -38.72
CA LEU G 86 2.17 -12.22 -38.94
C LEU G 86 1.23 -11.59 -39.95
N TRP G 87 0.88 -12.31 -41.01
CA TRP G 87 0.01 -11.82 -42.06
C TRP G 87 -1.39 -12.41 -42.02
N ARG G 88 -1.49 -13.73 -41.85
CA ARG G 88 -2.76 -14.42 -41.95
C ARG G 88 -2.94 -15.39 -40.79
N ILE G 89 -4.17 -15.53 -40.37
CA ILE G 89 -4.55 -16.50 -39.36
C ILE G 89 -5.00 -17.78 -40.06
N CYS G 90 -4.71 -18.92 -39.44
CA CYS G 90 -5.10 -20.22 -40.01
C CYS G 90 -5.38 -21.16 -38.86
N CYS G 91 -6.64 -21.55 -38.71
CA CYS G 91 -7.04 -22.39 -37.60
C CYS G 91 -6.54 -23.83 -37.79
N LEU G 92 -6.57 -24.57 -36.69
CA LEU G 92 -6.24 -25.98 -36.69
C LEU G 92 -7.31 -26.83 -36.01
N GLU G 93 -8.41 -26.23 -35.57
CA GLU G 93 -9.42 -26.92 -34.81
C GLU G 93 -10.80 -26.44 -35.25
N GLY G 94 -11.82 -27.23 -34.93
CA GLY G 94 -13.19 -26.89 -35.26
C GLY G 94 -13.67 -27.62 -36.49
N LEU G 95 -14.78 -27.11 -37.03
CA LEU G 95 -15.38 -27.72 -38.21
C LEU G 95 -14.41 -27.67 -39.39
N LYS G 96 -13.74 -26.54 -39.59
CA LYS G 96 -12.80 -26.36 -40.69
C LYS G 96 -11.39 -26.35 -40.11
N ARG G 97 -10.63 -27.40 -40.42
CA ARG G 97 -9.23 -27.50 -40.00
C ARG G 97 -8.32 -27.20 -41.17
N GLY G 98 -7.15 -26.64 -40.86
CA GLY G 98 -6.21 -26.28 -41.91
C GLY G 98 -6.74 -25.25 -42.87
N VAL G 99 -7.61 -24.36 -42.42
CA VAL G 99 -8.20 -23.31 -43.24
C VAL G 99 -7.52 -22.00 -42.89
N CYS G 100 -7.00 -21.30 -43.90
CA CYS G 100 -6.23 -20.07 -43.70
C CYS G 100 -6.99 -18.87 -44.26
N VAL G 101 -7.13 -17.84 -43.43
CA VAL G 101 -7.72 -16.57 -43.84
C VAL G 101 -6.85 -15.44 -43.31
N LYS G 102 -6.87 -14.31 -44.01
CA LYS G 102 -6.09 -13.15 -43.63
C LYS G 102 -6.82 -12.34 -42.56
N ILE G 103 -6.05 -11.60 -41.76
CA ILE G 103 -6.57 -10.85 -40.63
C ILE G 103 -6.63 -9.38 -40.97
N ASN G 104 -7.67 -8.71 -40.48
CA ASN G 104 -7.99 -7.36 -40.94
C ASN G 104 -7.00 -6.34 -40.40
N HIS G 105 -6.69 -6.40 -39.10
CA HIS G 105 -5.94 -5.40 -38.36
C HIS G 105 -6.73 -4.12 -38.13
N PHE G 106 -7.99 -4.06 -38.55
CA PHE G 106 -8.80 -2.84 -38.44
C PHE G 106 -10.24 -3.21 -38.17
N PRO G 107 -10.54 -3.73 -36.99
CA PRO G 107 -11.93 -4.03 -36.64
C PRO G 107 -12.66 -2.79 -36.12
N GLU G 108 -13.99 -2.87 -36.17
CA GLU G 108 -14.84 -1.80 -35.67
C GLU G 108 -14.69 -1.72 -34.15
N ASP G 109 -14.03 -0.66 -33.67
CA ASP G 109 -13.72 -0.50 -32.25
C ASP G 109 -14.41 0.74 -31.66
N THR G 110 -15.57 1.11 -32.21
CA THR G 110 -16.33 2.26 -31.72
C THR G 110 -15.48 3.53 -31.80
N ASP G 111 -14.93 3.79 -32.98
CA ASP G 111 -14.06 4.94 -33.25
C ASP G 111 -12.74 4.86 -32.52
N TYR G 112 -12.39 3.71 -31.94
CA TYR G 112 -11.10 3.57 -31.27
C TYR G 112 -9.95 3.80 -32.23
N ASP G 113 -10.16 3.50 -33.52
CA ASP G 113 -9.16 3.79 -34.54
C ASP G 113 -8.97 5.28 -34.75
N HIS G 114 -9.84 6.12 -34.21
CA HIS G 114 -9.65 7.56 -34.30
C HIS G 114 -8.45 8.01 -33.47
N ASP G 115 -8.13 7.30 -32.39
CA ASP G 115 -6.98 7.64 -31.57
C ASP G 115 -5.72 7.62 -32.42
N SER G 116 -4.95 8.71 -32.36
CA SER G 116 -3.77 8.82 -33.22
C SER G 116 -2.75 7.75 -32.88
N ALA G 117 -2.48 7.55 -31.59
CA ALA G 117 -1.47 6.57 -31.19
C ALA G 117 -1.90 5.16 -31.59
N GLU G 118 -3.13 4.79 -31.26
CA GLU G 118 -3.61 3.46 -31.59
C GLU G 118 -3.66 3.24 -33.10
N TYR G 119 -4.12 4.26 -33.84
CA TYR G 119 -4.17 4.14 -35.28
C TYR G 119 -2.77 3.96 -35.86
N LEU G 120 -1.80 4.72 -35.37
CA LEU G 120 -0.43 4.59 -35.84
C LEU G 120 0.12 3.21 -35.54
N LEU G 121 -0.13 2.71 -34.33
CA LEU G 121 0.36 1.38 -33.98
C LEU G 121 -0.27 0.32 -34.88
N ARG G 122 -1.57 0.41 -35.11
CA ARG G 122 -2.23 -0.55 -35.97
C ARG G 122 -1.67 -0.51 -37.38
N VAL G 123 -1.42 0.70 -37.89
CA VAL G 123 -0.88 0.84 -39.24
C VAL G 123 0.49 0.18 -39.31
N VAL G 124 1.35 0.45 -38.33
CA VAL G 124 2.70 -0.11 -38.36
C VAL G 124 2.65 -1.62 -38.24
N ARG G 125 1.79 -2.14 -37.38
CA ARG G 125 1.67 -3.59 -37.24
C ARG G 125 1.19 -4.22 -38.53
N ALA G 126 0.19 -3.62 -39.18
CA ALA G 126 -0.34 -4.17 -40.41
C ALA G 126 0.72 -4.19 -41.50
N SER G 127 1.34 -3.03 -41.73
CA SER G 127 2.37 -2.96 -42.76
C SER G 127 3.58 -3.80 -42.39
N SER G 128 3.86 -3.94 -41.11
CA SER G 128 4.96 -4.77 -40.63
C SER G 128 6.26 -4.40 -41.33
N ILE G 129 6.53 -3.09 -41.40
CA ILE G 129 7.67 -2.60 -42.16
C ILE G 129 8.98 -2.65 -41.41
N PHE G 130 8.95 -2.84 -40.10
CA PHE G 130 10.20 -2.83 -39.36
C PHE G 130 10.94 -4.15 -39.52
N PRO G 131 10.27 -5.30 -39.39
CA PRO G 131 10.95 -6.56 -39.73
C PRO G 131 11.39 -6.62 -41.18
N ILE G 132 10.56 -6.11 -42.09
CA ILE G 132 10.95 -6.02 -43.49
C ILE G 132 12.20 -5.18 -43.63
N LEU G 133 12.26 -4.05 -42.94
CA LEU G 133 13.42 -3.18 -43.00
C LEU G 133 14.64 -3.88 -42.45
N SER G 134 14.48 -4.65 -41.37
CA SER G 134 15.61 -5.38 -40.82
C SER G 134 16.15 -6.37 -41.84
N ALA G 135 15.26 -7.09 -42.52
CA ALA G 135 15.70 -8.02 -43.56
C ALA G 135 16.42 -7.29 -44.69
N ILE G 136 15.88 -6.15 -45.10
CA ILE G 136 16.48 -5.38 -46.18
C ILE G 136 17.88 -4.92 -45.80
N LEU G 137 18.02 -4.37 -44.60
CA LEU G 137 19.32 -3.90 -44.14
C LEU G 137 20.30 -5.05 -44.01
N LEU G 138 19.83 -6.19 -43.53
CA LEU G 138 20.68 -7.38 -43.43
C LEU G 138 21.20 -7.78 -44.80
N LEU G 139 20.32 -7.79 -45.79
CA LEU G 139 20.71 -8.18 -47.15
C LEU G 139 21.72 -7.19 -47.71
N LEU G 140 21.48 -5.89 -47.52
CA LEU G 140 22.41 -4.89 -48.01
C LEU G 140 23.77 -5.01 -47.34
N GLY G 141 23.77 -5.31 -46.04
CA GLY G 141 25.03 -5.52 -45.36
C GLY G 141 25.80 -6.72 -45.89
N GLY G 142 25.10 -7.82 -46.13
CA GLY G 142 25.75 -8.96 -46.74
C GLY G 142 26.30 -8.62 -48.10
N VAL G 143 25.58 -7.80 -48.86
CA VAL G 143 26.05 -7.38 -50.18
C VAL G 143 27.34 -6.56 -50.04
N CYS G 144 27.36 -5.63 -49.10
CA CYS G 144 28.55 -4.82 -48.90
C CYS G 144 29.74 -5.68 -48.48
N VAL G 145 29.49 -6.66 -47.60
CA VAL G 145 30.57 -7.55 -47.18
C VAL G 145 31.11 -8.33 -48.37
N ALA G 146 30.22 -8.84 -49.21
CA ALA G 146 30.66 -9.55 -50.41
C ALA G 146 31.48 -8.64 -51.31
N ALA G 147 31.02 -7.39 -51.47
CA ALA G 147 31.76 -6.45 -52.31
C ALA G 147 33.13 -6.14 -51.73
N SER G 148 33.26 -6.21 -50.40
CA SER G 148 34.56 -5.95 -49.78
C SER G 148 35.65 -6.81 -50.38
N ARG G 149 35.32 -8.05 -50.77
CA ARG G 149 36.27 -8.90 -51.47
C ARG G 149 36.65 -8.35 -52.84
N VAL G 150 35.89 -7.38 -53.35
CA VAL G 150 36.16 -6.78 -54.65
C VAL G 150 36.92 -5.48 -54.47
N TYR G 151 36.29 -4.51 -53.80
CA TYR G 151 36.88 -3.19 -53.60
C TYR G 151 37.60 -3.15 -52.25
N LYS G 152 38.67 -3.93 -52.17
CA LYS G 152 39.46 -3.98 -50.95
C LYS G 152 40.11 -2.66 -50.61
N SER G 153 40.17 -1.72 -51.55
CA SER G 153 40.79 -0.43 -51.26
C SER G 153 39.94 0.39 -50.31
N LYS G 154 38.61 0.35 -50.47
CA LYS G 154 37.70 1.16 -49.67
C LYS G 154 37.28 0.38 -48.44
N ARG G 155 37.68 0.86 -47.26
CA ARG G 155 37.29 0.22 -46.02
C ARG G 155 35.85 0.56 -45.64
N ASN G 156 35.42 1.79 -45.92
CA ASN G 156 34.10 2.26 -45.47
C ASN G 156 32.98 1.30 -45.84
N ILE G 157 33.19 0.44 -46.83
CA ILE G 157 32.18 -0.55 -47.18
C ILE G 157 31.82 -1.39 -45.96
N ILE G 158 32.84 -1.90 -45.27
CA ILE G 158 32.61 -2.81 -44.16
C ILE G 158 32.00 -2.09 -42.98
N LEU G 159 32.40 -0.84 -42.75
CA LEU G 159 31.79 -0.06 -41.69
C LEU G 159 30.31 0.13 -41.96
N GLY G 160 29.97 0.44 -43.21
CA GLY G 160 28.56 0.49 -43.59
C GLY G 160 27.86 -0.81 -43.31
N ALA G 161 28.50 -1.94 -43.63
CA ALA G 161 27.89 -3.22 -43.38
C ALA G 161 27.57 -3.40 -41.90
N GLY G 162 28.54 -3.09 -41.04
CA GLY G 162 28.33 -3.23 -39.61
C GLY G 162 27.19 -2.37 -39.10
N ILE G 163 27.16 -1.11 -39.54
CA ILE G 163 26.09 -0.22 -39.13
C ILE G 163 24.75 -0.75 -39.60
N LEU G 164 24.69 -1.27 -40.83
CA LEU G 164 23.45 -1.82 -41.34
C LEU G 164 22.96 -2.97 -40.49
N PHE G 165 23.87 -3.87 -40.12
CA PHE G 165 23.48 -5.02 -39.30
C PHE G 165 22.95 -4.56 -37.94
N VAL G 166 23.62 -3.61 -37.30
CA VAL G 166 23.15 -3.13 -36.00
C VAL G 166 21.77 -2.50 -36.14
N ALA G 167 21.57 -1.69 -37.18
CA ALA G 167 20.27 -1.06 -37.38
C ALA G 167 19.20 -2.12 -37.63
N ALA G 168 19.57 -3.20 -38.32
CA ALA G 168 18.62 -4.29 -38.54
C ALA G 168 18.21 -4.91 -37.21
N GLY G 169 19.18 -5.09 -36.31
CA GLY G 169 18.83 -5.58 -34.99
C GLY G 169 17.85 -4.69 -34.28
N LEU G 170 18.10 -3.37 -34.34
CA LEU G 170 17.18 -2.43 -33.69
C LEU G 170 15.78 -2.52 -34.31
N SER G 171 15.72 -2.60 -35.64
CA SER G 171 14.42 -2.68 -36.29
C SER G 171 13.68 -3.96 -35.93
N ASN G 172 14.41 -5.05 -35.76
CA ASN G 172 13.77 -6.29 -35.33
C ASN G 172 13.21 -6.13 -33.93
N ILE G 173 13.95 -5.47 -33.04
CA ILE G 173 13.43 -5.19 -31.71
C ILE G 173 12.12 -4.42 -31.82
N ILE G 174 12.11 -3.40 -32.67
CA ILE G 174 10.93 -2.55 -32.78
C ILE G 174 9.75 -3.36 -33.31
N GLY G 175 9.99 -4.19 -34.31
CA GLY G 175 8.92 -5.02 -34.84
C GLY G 175 8.34 -5.93 -33.79
N VAL G 176 9.20 -6.56 -33.00
CA VAL G 176 8.72 -7.42 -31.93
C VAL G 176 7.86 -6.63 -30.96
N ILE G 177 8.33 -5.45 -30.58
CA ILE G 177 7.60 -4.64 -29.61
C ILE G 177 6.24 -4.26 -30.13
N VAL G 178 6.17 -3.79 -31.38
CA VAL G 178 4.87 -3.35 -31.89
C VAL G 178 3.93 -4.55 -32.05
N TYR G 179 4.46 -5.69 -32.50
CA TYR G 179 3.63 -6.88 -32.61
C TYR G 179 3.01 -7.24 -31.27
N ILE G 180 3.85 -7.31 -30.23
CA ILE G 180 3.36 -7.71 -28.92
C ILE G 180 2.37 -6.69 -28.38
N SER G 181 2.68 -5.41 -28.52
CA SER G 181 1.80 -4.37 -28.00
C SER G 181 0.46 -4.38 -28.72
N ALA G 182 0.45 -4.65 -30.02
CA ALA G 182 -0.80 -4.73 -30.76
C ALA G 182 -1.62 -5.93 -30.30
N ASN G 183 -0.98 -7.09 -30.17
CA ASN G 183 -1.69 -8.26 -29.68
C ASN G 183 -2.31 -7.99 -28.31
N ALA G 184 -1.55 -7.37 -27.41
CA ALA G 184 -2.09 -7.07 -26.08
C ALA G 184 -3.25 -6.09 -26.17
N GLY G 185 -3.12 -5.05 -27.01
CA GLY G 185 -4.18 -4.06 -27.11
C GLY G 185 -5.48 -4.65 -27.60
N GLU G 186 -5.40 -5.59 -28.55
CA GLU G 186 -6.60 -6.21 -29.11
C GLU G 186 -7.43 -6.91 -28.04
N LYS G 196 -8.38 -12.24 -20.62
CA LYS G 196 -7.22 -12.88 -20.02
C LYS G 196 -7.19 -14.37 -20.36
N ASN G 197 -6.71 -14.68 -21.55
CA ASN G 197 -6.63 -16.05 -22.04
C ASN G 197 -5.18 -16.52 -22.04
N HIS G 198 -4.98 -17.73 -22.53
CA HIS G 198 -3.66 -18.32 -22.65
C HIS G 198 -3.11 -18.08 -24.04
N TYR G 199 -1.81 -17.81 -24.12
CA TYR G 199 -1.16 -17.59 -25.40
C TYR G 199 0.30 -17.94 -25.29
N SER G 200 0.91 -18.22 -26.45
CA SER G 200 2.28 -18.70 -26.50
C SER G 200 2.83 -18.40 -27.89
N TYR G 201 4.16 -18.40 -27.99
CA TYR G 201 4.86 -17.92 -29.17
C TYR G 201 5.46 -19.09 -29.96
N GLY G 202 5.36 -18.99 -31.27
CA GLY G 202 5.79 -20.05 -32.16
C GLY G 202 7.27 -20.01 -32.47
N TRP G 203 7.72 -21.06 -33.18
CA TRP G 203 9.13 -21.18 -33.49
C TRP G 203 9.60 -20.03 -34.37
N SER G 204 8.72 -19.44 -35.16
CA SER G 204 9.13 -18.36 -36.04
C SER G 204 9.58 -17.13 -35.24
N PHE G 205 8.90 -16.86 -34.13
CA PHE G 205 9.28 -15.74 -33.28
C PHE G 205 10.68 -15.95 -32.70
N TYR G 206 10.97 -17.16 -32.24
CA TYR G 206 12.32 -17.45 -31.78
C TYR G 206 13.33 -17.39 -32.92
N PHE G 207 12.90 -17.69 -34.14
CA PHE G 207 13.78 -17.47 -35.29
C PHE G 207 14.08 -16.00 -35.48
N GLY G 208 13.07 -15.15 -35.29
CA GLY G 208 13.32 -13.71 -35.34
C GLY G 208 14.29 -13.26 -34.27
N GLY G 209 14.14 -13.80 -33.06
CA GLY G 209 15.10 -13.49 -32.00
C GLY G 209 16.50 -13.92 -32.36
N LEU G 210 16.64 -15.12 -32.93
CA LEU G 210 17.94 -15.57 -33.40
C LEU G 210 18.49 -14.65 -34.47
N SER G 211 17.62 -14.18 -35.37
CA SER G 211 18.05 -13.24 -36.39
C SER G 211 18.64 -11.99 -35.76
N PHE G 212 17.99 -11.46 -34.73
CA PHE G 212 18.51 -10.28 -34.05
C PHE G 212 19.88 -10.55 -33.44
N ILE G 213 20.00 -11.67 -32.72
CA ILE G 213 21.28 -11.98 -32.07
C ILE G 213 22.38 -12.10 -33.11
N LEU G 214 22.10 -12.82 -34.20
CA LEU G 214 23.08 -12.97 -35.25
C LEU G 214 23.47 -11.63 -35.85
N ALA G 215 22.48 -10.77 -36.09
CA ALA G 215 22.79 -9.48 -36.69
C ALA G 215 23.73 -8.68 -35.81
N GLU G 216 23.50 -8.67 -34.50
CA GLU G 216 24.36 -7.90 -33.62
C GLU G 216 25.76 -8.50 -33.57
N VAL G 217 25.86 -9.82 -33.50
CA VAL G 217 27.17 -10.47 -33.54
C VAL G 217 27.91 -10.09 -34.81
N ILE G 218 27.21 -10.10 -35.94
CA ILE G 218 27.84 -9.76 -37.21
C ILE G 218 28.32 -8.33 -37.20
N GLY G 219 27.54 -7.43 -36.62
CA GLY G 219 28.00 -6.06 -36.50
C GLY G 219 29.31 -5.97 -35.74
N VAL G 220 29.39 -6.68 -34.63
CA VAL G 220 30.62 -6.70 -33.85
C VAL G 220 31.79 -7.18 -34.71
N LEU G 221 31.59 -8.30 -35.41
CA LEU G 221 32.69 -8.87 -36.17
C LEU G 221 33.12 -7.95 -37.29
N ALA G 222 32.17 -7.32 -37.98
CA ALA G 222 32.53 -6.42 -39.07
C ALA G 222 33.32 -5.22 -38.54
N VAL G 223 32.91 -4.68 -37.40
CA VAL G 223 33.64 -3.55 -36.85
C VAL G 223 35.05 -3.96 -36.44
N ASN G 224 35.19 -5.16 -35.88
CA ASN G 224 36.53 -5.64 -35.54
C ASN G 224 37.39 -5.81 -36.79
N ILE G 225 36.78 -6.31 -37.86
CA ILE G 225 37.49 -6.44 -39.13
C ILE G 225 38.00 -5.08 -39.59
N TYR G 226 37.12 -4.09 -39.57
CA TYR G 226 37.50 -2.75 -40.02
C TYR G 226 38.60 -2.17 -39.15
N ILE G 227 38.52 -2.41 -37.84
CA ILE G 227 39.54 -1.91 -36.92
C ILE G 227 40.89 -2.53 -37.24
N GLU G 228 40.92 -3.85 -37.40
CA GLU G 228 42.19 -4.52 -37.71
C GLU G 228 42.75 -4.02 -39.04
N ARG G 229 41.89 -3.87 -40.04
CA ARG G 229 42.37 -3.43 -41.35
C ARG G 229 42.94 -2.01 -41.28
N SER G 230 42.28 -1.12 -40.54
CA SER G 230 42.83 0.23 -40.38
C SER G 230 44.12 0.19 -39.59
N ARG G 231 44.20 -0.67 -38.58
CA ARG G 231 45.41 -0.76 -37.76
C ARG G 231 46.60 -1.17 -38.61
N GLU G 232 46.42 -2.19 -39.46
CA GLU G 232 47.50 -2.64 -40.32
C GLU G 232 47.67 -1.78 -41.56
N ALA G 233 46.74 -0.86 -41.83
CA ALA G 233 46.86 0.07 -42.94
C ALA G 233 47.32 1.45 -42.50
N HIS G 234 47.76 1.60 -41.26
CA HIS G 234 48.22 2.89 -40.76
C HIS G 234 47.13 3.93 -40.88
N VAL H 416 -61.33 2.71 -8.87
CA VAL H 416 -60.91 3.45 -10.05
C VAL H 416 -60.16 2.53 -11.00
N VAL H 417 -59.40 3.12 -11.92
CA VAL H 417 -58.59 2.38 -12.88
C VAL H 417 -57.18 2.94 -12.84
N VAL H 418 -56.20 2.06 -12.66
CA VAL H 418 -54.79 2.45 -12.56
C VAL H 418 -54.12 2.12 -13.89
N THR H 419 -53.52 3.14 -14.50
CA THR H 419 -52.87 3.03 -15.80
C THR H 419 -51.37 3.15 -15.64
N THR H 420 -50.64 2.23 -16.25
CA THR H 420 -49.18 2.24 -16.26
C THR H 420 -48.69 2.37 -17.69
N ILE H 421 -47.40 2.67 -17.83
CA ILE H 421 -46.79 2.89 -19.14
C ILE H 421 -46.06 1.67 -19.67
N LEU H 422 -46.05 0.57 -18.91
CA LEU H 422 -45.33 -0.64 -19.31
C LEU H 422 -43.85 -0.34 -19.52
N GLU H 423 -43.31 0.57 -18.71
CA GLU H 423 -41.93 1.01 -18.81
C GLU H 423 -41.16 0.61 -17.56
N SER H 424 -39.94 0.14 -17.76
CA SER H 424 -39.10 -0.41 -16.72
C SER H 424 -38.28 0.68 -16.05
N PRO H 425 -37.86 0.47 -14.79
CA PRO H 425 -38.30 -0.59 -13.87
C PRO H 425 -39.66 -0.34 -13.25
N TYR H 426 -40.33 0.73 -13.69
CA TYR H 426 -41.61 1.08 -13.10
C TYR H 426 -42.70 0.08 -13.47
N VAL H 427 -42.55 -0.65 -14.58
CA VAL H 427 -43.43 -1.76 -14.90
C VAL H 427 -42.59 -2.93 -15.40
N MET H 428 -42.30 -3.88 -14.52
CA MET H 428 -41.56 -5.08 -14.88
C MET H 428 -42.55 -6.24 -15.03
N MET H 429 -42.76 -6.67 -16.26
CA MET H 429 -43.62 -7.82 -16.51
C MET H 429 -43.04 -9.05 -15.81
N LYS H 430 -43.89 -9.75 -15.07
CA LYS H 430 -43.43 -10.88 -14.29
C LYS H 430 -42.93 -12.00 -15.20
N LYS H 431 -41.90 -12.71 -14.73
CA LYS H 431 -41.32 -13.79 -15.52
C LYS H 431 -42.37 -14.85 -15.85
N ASN H 432 -43.18 -15.22 -14.87
CA ASN H 432 -44.26 -16.16 -15.10
C ASN H 432 -45.50 -15.45 -15.61
N HIS H 433 -45.33 -14.66 -16.67
CA HIS H 433 -46.45 -13.90 -17.22
C HIS H 433 -47.57 -14.81 -17.68
N GLU H 434 -47.24 -16.02 -18.14
CA GLU H 434 -48.27 -16.91 -18.68
C GLU H 434 -49.28 -17.30 -17.61
N MET H 435 -48.81 -17.53 -16.38
CA MET H 435 -49.65 -18.07 -15.31
C MET H 435 -50.08 -17.01 -14.31
N LEU H 436 -50.38 -15.80 -14.78
CA LEU H 436 -50.85 -14.74 -13.89
C LEU H 436 -51.84 -13.86 -14.64
N GLU H 437 -52.70 -13.20 -13.87
CA GLU H 437 -53.71 -12.31 -14.43
C GLU H 437 -54.11 -11.28 -13.39
N GLY H 438 -54.69 -10.18 -13.87
CA GLY H 438 -55.18 -9.14 -12.98
C GLY H 438 -54.07 -8.22 -12.50
N ASN H 439 -54.22 -7.74 -11.27
CA ASN H 439 -53.22 -6.86 -10.67
C ASN H 439 -51.91 -7.58 -10.37
N GLU H 440 -51.88 -8.91 -10.47
CA GLU H 440 -50.67 -9.69 -10.26
C GLU H 440 -49.96 -10.03 -11.56
N ARG H 441 -50.39 -9.43 -12.68
CA ARG H 441 -49.75 -9.74 -13.97
C ARG H 441 -48.28 -9.36 -13.96
N TYR H 442 -47.95 -8.17 -13.47
CA TYR H 442 -46.61 -7.63 -13.59
C TYR H 442 -46.18 -7.01 -12.28
N GLU H 443 -44.87 -6.78 -12.16
CA GLU H 443 -44.25 -6.31 -10.93
C GLU H 443 -43.45 -5.05 -11.23
N GLY H 444 -43.16 -4.29 -10.18
CA GLY H 444 -42.30 -3.14 -10.30
C GLY H 444 -42.50 -2.18 -9.15
N TYR H 445 -41.65 -1.14 -9.15
CA TYR H 445 -41.76 -0.11 -8.14
C TYR H 445 -43.12 0.57 -8.21
N CYS H 446 -43.60 0.83 -9.42
CA CYS H 446 -44.88 1.52 -9.58
C CYS H 446 -46.00 0.73 -8.93
N VAL H 447 -46.02 -0.58 -9.10
CA VAL H 447 -47.07 -1.40 -8.51
C VAL H 447 -46.95 -1.42 -6.99
N ASP H 448 -45.72 -1.49 -6.48
CA ASP H 448 -45.53 -1.41 -5.04
C ASP H 448 -46.09 -0.11 -4.49
N LEU H 449 -45.81 1.01 -5.15
CA LEU H 449 -46.34 2.29 -4.70
C LEU H 449 -47.86 2.31 -4.80
N ALA H 450 -48.41 1.74 -5.87
CA ALA H 450 -49.86 1.72 -6.03
C ALA H 450 -50.52 0.96 -4.88
N ALA H 451 -49.94 -0.18 -4.50
CA ALA H 451 -50.47 -0.91 -3.35
C ALA H 451 -50.33 -0.11 -2.07
N GLU H 452 -49.16 0.50 -1.87
CA GLU H 452 -48.93 1.27 -0.65
C GLU H 452 -49.91 2.42 -0.53
N ILE H 453 -50.32 3.01 -1.65
CA ILE H 453 -51.24 4.14 -1.58
C ILE H 453 -52.69 3.65 -1.48
N ALA H 454 -53.01 2.52 -2.12
CA ALA H 454 -54.32 1.93 -1.93
C ALA H 454 -54.55 1.57 -0.48
N LYS H 455 -53.47 1.27 0.25
CA LYS H 455 -53.60 0.99 1.68
C LYS H 455 -54.17 2.20 2.42
N HIS H 456 -53.65 3.40 2.12
CA HIS H 456 -54.05 4.61 2.83
C HIS H 456 -55.22 5.34 2.19
N CYS H 457 -55.63 4.93 0.99
CA CYS H 457 -56.69 5.61 0.26
C CYS H 457 -57.99 4.81 0.18
N GLY H 458 -57.91 3.49 0.19
CA GLY H 458 -59.11 2.67 0.12
C GLY H 458 -59.89 2.84 -1.16
N PHE H 459 -59.19 2.90 -2.30
CA PHE H 459 -59.82 3.03 -3.60
C PHE H 459 -59.51 1.78 -4.43
N LYS H 460 -60.56 1.19 -5.01
CA LYS H 460 -60.37 0.03 -5.86
C LYS H 460 -59.70 0.44 -7.16
N TYR H 461 -58.84 -0.43 -7.69
CA TYR H 461 -58.09 -0.12 -8.89
C TYR H 461 -57.84 -1.40 -9.69
N LYS H 462 -57.63 -1.22 -10.98
CA LYS H 462 -57.27 -2.29 -11.89
C LYS H 462 -55.98 -1.91 -12.60
N LEU H 463 -55.02 -2.84 -12.62
CA LEU H 463 -53.71 -2.57 -13.21
C LEU H 463 -53.81 -2.63 -14.74
N THR H 464 -54.42 -1.59 -15.29
CA THR H 464 -54.57 -1.47 -16.74
C THR H 464 -53.32 -0.84 -17.36
N ILE H 465 -53.28 -0.84 -18.68
CA ILE H 465 -52.18 -0.25 -19.44
C ILE H 465 -52.75 0.55 -20.59
N VAL H 466 -52.11 1.69 -20.88
CA VAL H 466 -52.54 2.54 -21.99
C VAL H 466 -52.24 1.86 -23.31
N GLY H 467 -53.18 1.96 -24.25
CA GLY H 467 -52.98 1.33 -25.55
C GLY H 467 -51.87 1.98 -26.36
N ASP H 468 -51.87 3.31 -26.43
CA ASP H 468 -50.90 4.01 -27.24
C ASP H 468 -49.47 3.78 -26.77
N GLY H 469 -49.29 3.39 -25.51
CA GLY H 469 -47.95 3.17 -24.99
C GLY H 469 -47.07 4.40 -25.04
N LYS H 470 -47.65 5.57 -24.76
CA LYS H 470 -46.90 6.81 -24.79
C LYS H 470 -47.58 7.80 -23.86
N TYR H 471 -46.85 8.86 -23.52
CA TYR H 471 -47.34 9.86 -22.59
C TYR H 471 -47.97 11.03 -23.34
N GLY H 472 -48.75 11.80 -22.60
CA GLY H 472 -49.50 12.89 -23.18
C GLY H 472 -48.66 13.90 -23.94
N ALA H 473 -49.07 14.19 -25.17
CA ALA H 473 -48.47 15.24 -25.97
C ALA H 473 -49.58 16.04 -26.63
N ARG H 474 -49.35 17.34 -26.77
CA ARG H 474 -50.33 18.27 -27.33
C ARG H 474 -49.89 18.63 -28.74
N ASP H 475 -50.57 18.05 -29.73
CA ASP H 475 -50.29 18.39 -31.12
C ASP H 475 -50.81 19.77 -31.44
N ALA H 476 -50.00 20.56 -32.16
CA ALA H 476 -50.37 21.95 -32.43
C ALA H 476 -51.61 22.03 -33.30
N ASP H 477 -51.73 21.14 -34.29
CA ASP H 477 -52.83 21.24 -35.24
C ASP H 477 -54.14 20.73 -34.63
N THR H 478 -54.19 19.46 -34.26
CA THR H 478 -55.42 18.89 -33.74
C THR H 478 -55.72 19.35 -32.32
N LYS H 479 -54.70 19.77 -31.57
CA LYS H 479 -54.89 20.18 -30.18
C LYS H 479 -55.54 19.06 -29.37
N ILE H 480 -54.96 17.86 -29.48
CA ILE H 480 -55.51 16.65 -28.86
C ILE H 480 -54.44 16.04 -27.97
N TRP H 481 -54.83 15.67 -26.76
CA TRP H 481 -53.97 14.87 -25.90
C TRP H 481 -54.02 13.42 -26.32
N ASN H 482 -52.86 12.77 -26.31
CA ASN H 482 -52.72 11.40 -26.79
C ASN H 482 -52.14 10.53 -25.69
N GLY H 483 -52.57 9.27 -25.68
CA GLY H 483 -52.02 8.30 -24.75
C GLY H 483 -52.40 8.57 -23.30
N MET H 484 -51.38 8.83 -22.48
CA MET H 484 -51.60 8.85 -21.02
C MET H 484 -52.52 9.99 -20.62
N VAL H 485 -52.22 11.21 -21.05
CA VAL H 485 -53.04 12.36 -20.66
C VAL H 485 -54.44 12.25 -21.28
N GLY H 486 -54.51 11.75 -22.50
CA GLY H 486 -55.81 11.63 -23.15
C GLY H 486 -56.76 10.74 -22.38
N GLU H 487 -56.24 9.68 -21.76
CA GLU H 487 -57.09 8.79 -21.00
C GLU H 487 -57.75 9.51 -19.83
N LEU H 488 -56.99 10.33 -19.11
CA LEU H 488 -57.56 11.05 -17.98
C LEU H 488 -58.47 12.17 -18.42
N VAL H 489 -58.04 12.96 -19.42
CA VAL H 489 -58.83 14.11 -19.83
C VAL H 489 -60.14 13.67 -20.47
N TYR H 490 -60.09 12.66 -21.33
CA TYR H 490 -61.25 12.21 -22.08
C TYR H 490 -62.05 11.16 -21.33
N GLY H 491 -61.86 11.05 -20.03
CA GLY H 491 -62.68 10.19 -19.18
C GLY H 491 -62.36 8.72 -19.26
N LYS H 492 -61.46 8.30 -20.15
CA LYS H 492 -61.12 6.89 -20.24
C LYS H 492 -60.40 6.37 -19.01
N ALA H 493 -59.88 7.27 -18.17
CA ALA H 493 -59.14 6.88 -16.98
C ALA H 493 -59.60 7.70 -15.78
N ASP H 494 -59.49 7.10 -14.60
CA ASP H 494 -59.86 7.75 -13.35
C ASP H 494 -58.66 8.22 -12.55
N ILE H 495 -57.58 7.43 -12.51
CA ILE H 495 -56.35 7.84 -11.86
C ILE H 495 -55.16 7.44 -12.73
N ALA H 496 -53.96 7.69 -12.22
CA ALA H 496 -52.74 7.29 -12.91
C ALA H 496 -51.55 7.30 -11.98
N ILE H 497 -50.79 6.20 -11.98
CA ILE H 497 -49.60 6.05 -11.17
C ILE H 497 -48.51 5.56 -12.12
N ALA H 498 -47.48 6.38 -12.33
CA ALA H 498 -46.48 6.04 -13.33
C ALA H 498 -45.32 7.03 -13.34
N PRO H 499 -44.23 6.69 -14.00
CA PRO H 499 -43.16 7.67 -14.19
C PRO H 499 -43.58 8.77 -15.15
N LEU H 500 -44.51 9.60 -14.70
CA LEU H 500 -45.04 10.70 -15.49
C LEU H 500 -44.46 12.01 -14.98
N THR H 501 -43.89 12.79 -15.89
CA THR H 501 -43.21 14.03 -15.54
C THR H 501 -44.17 15.20 -15.54
N ILE H 502 -44.02 16.06 -14.53
CA ILE H 502 -44.85 17.26 -14.44
C ILE H 502 -44.40 18.30 -15.46
N THR H 503 -45.28 19.24 -15.73
CA THR H 503 -44.96 20.42 -16.51
C THR H 503 -46.17 21.33 -16.53
N LEU H 504 -45.95 22.60 -16.86
CA LEU H 504 -47.03 23.58 -16.85
C LEU H 504 -48.16 23.13 -17.75
N VAL H 505 -47.89 22.98 -19.05
CA VAL H 505 -48.94 22.72 -20.03
C VAL H 505 -49.74 21.49 -19.63
N ARG H 506 -49.05 20.43 -19.20
CA ARG H 506 -49.72 19.22 -18.75
C ARG H 506 -50.49 19.46 -17.47
N GLU H 507 -50.02 20.37 -16.62
CA GLU H 507 -50.69 20.67 -15.36
C GLU H 507 -51.88 21.58 -15.54
N GLU H 508 -51.97 22.31 -16.65
CA GLU H 508 -53.10 23.21 -16.87
C GLU H 508 -54.39 22.47 -17.18
N VAL H 509 -54.32 21.16 -17.41
CA VAL H 509 -55.49 20.40 -17.83
C VAL H 509 -55.93 19.37 -16.79
N ILE H 510 -55.05 18.94 -15.88
CA ILE H 510 -55.38 17.93 -14.90
C ILE H 510 -54.75 18.32 -13.57
N ASP H 511 -55.45 18.03 -12.49
CA ASP H 511 -54.86 18.18 -11.17
C ASP H 511 -53.69 17.22 -11.02
N PHE H 512 -52.83 17.50 -10.04
CA PHE H 512 -51.63 16.71 -9.82
C PHE H 512 -51.44 16.47 -8.33
N SER H 513 -50.54 15.55 -8.03
CA SER H 513 -50.09 15.28 -6.69
C SER H 513 -48.74 15.93 -6.46
N LYS H 514 -48.15 15.66 -5.34
CA LYS H 514 -46.82 16.14 -5.04
C LYS H 514 -45.78 15.18 -5.58
N PRO H 515 -44.56 15.64 -5.83
CA PRO H 515 -43.53 14.74 -6.33
C PRO H 515 -43.29 13.58 -5.40
N PHE H 516 -43.06 12.41 -5.98
CA PHE H 516 -42.58 11.26 -5.23
C PHE H 516 -41.24 10.75 -5.74
N MET H 517 -40.59 11.51 -6.62
CA MET H 517 -39.23 11.21 -7.04
C MET H 517 -38.58 12.47 -7.56
N SER H 518 -37.26 12.50 -7.49
CA SER H 518 -36.47 13.57 -8.07
C SER H 518 -35.66 13.01 -9.23
N LEU H 519 -35.50 13.82 -10.27
CA LEU H 519 -34.90 13.36 -11.52
C LEU H 519 -34.42 14.58 -12.30
N GLY H 520 -34.11 14.36 -13.56
CA GLY H 520 -33.70 15.41 -14.46
C GLY H 520 -33.28 14.87 -15.80
N ILE H 521 -33.42 15.68 -16.84
CA ILE H 521 -33.00 15.25 -18.16
C ILE H 521 -31.50 15.02 -18.17
N SER H 522 -31.08 13.87 -18.66
CA SER H 522 -29.70 13.46 -18.58
C SER H 522 -29.27 12.80 -19.89
N ILE H 523 -27.98 12.82 -20.13
CA ILE H 523 -27.41 12.28 -21.35
C ILE H 523 -27.11 10.80 -21.17
N MET H 524 -27.02 10.09 -22.29
CA MET H 524 -26.72 8.66 -22.28
C MET H 524 -25.91 8.33 -23.53
N ILE H 525 -24.83 7.58 -23.34
CA ILE H 525 -23.91 7.22 -24.42
C ILE H 525 -23.42 5.80 -24.17
N LYS H 526 -22.57 5.34 -25.09
CA LYS H 526 -21.95 4.02 -24.98
C LYS H 526 -20.58 4.16 -24.33
N LYS H 527 -20.29 3.30 -23.35
CA LYS H 527 -19.04 3.38 -22.62
C LYS H 527 -17.85 3.33 -23.58
N PRO H 528 -17.11 4.43 -23.73
CA PRO H 528 -15.88 4.36 -24.51
C PRO H 528 -14.89 3.40 -23.86
N GLN H 529 -14.13 2.70 -24.69
CA GLN H 529 -13.24 1.68 -24.18
C GLN H 529 -12.15 2.30 -23.30
N LYS H 530 -11.70 1.50 -22.33
CA LYS H 530 -10.68 1.96 -21.40
C LYS H 530 -9.38 2.25 -22.13
N SER H 531 -9.06 3.53 -22.29
CA SER H 531 -7.85 3.93 -22.97
C SER H 531 -6.64 3.52 -22.13
N LYS H 532 -5.81 2.64 -22.67
CA LYS H 532 -4.60 2.27 -21.96
C LYS H 532 -3.72 3.50 -21.76
N PRO H 533 -2.98 3.57 -20.66
CA PRO H 533 -2.08 4.72 -20.47
C PRO H 533 -1.11 4.83 -21.62
N GLY H 534 -1.21 5.93 -22.35
CA GLY H 534 -0.51 6.06 -23.60
C GLY H 534 0.98 6.15 -23.41
N VAL H 535 1.68 6.23 -24.54
CA VAL H 535 3.11 6.44 -24.50
C VAL H 535 3.38 7.72 -23.72
N PHE H 536 4.54 7.78 -23.07
CA PHE H 536 4.90 8.88 -22.20
C PHE H 536 4.01 8.91 -20.96
N SER H 537 3.67 7.74 -20.44
CA SER H 537 2.93 7.63 -19.20
C SER H 537 3.84 7.65 -17.98
N PHE H 538 5.14 7.53 -18.18
CA PHE H 538 6.09 7.54 -17.08
C PHE H 538 6.36 8.94 -16.53
N LEU H 539 5.76 9.96 -17.12
CA LEU H 539 5.87 11.32 -16.63
C LEU H 539 4.69 11.72 -15.75
N ASP H 540 3.62 10.94 -15.75
CA ASP H 540 2.44 11.32 -14.98
C ASP H 540 2.71 11.48 -13.49
N PRO H 541 3.54 10.66 -12.85
CA PRO H 541 3.72 10.77 -11.40
C PRO H 541 4.11 12.17 -10.94
N LEU H 542 4.67 12.96 -11.86
CA LEU H 542 5.09 14.31 -11.57
C LEU H 542 4.47 15.26 -12.57
N ALA H 543 3.87 16.33 -12.07
CA ALA H 543 3.26 17.33 -12.94
C ALA H 543 4.32 18.02 -13.78
N TYR H 544 3.91 18.43 -14.98
CA TYR H 544 4.87 18.96 -15.95
C TYR H 544 5.61 20.18 -15.40
N GLU H 545 5.01 20.89 -14.46
CA GLU H 545 5.72 22.00 -13.84
C GLU H 545 6.99 21.51 -13.16
N ILE H 546 6.86 20.39 -12.44
CA ILE H 546 8.02 19.83 -11.74
C ILE H 546 9.05 19.33 -12.75
N TRP H 547 8.60 18.79 -13.88
CA TRP H 547 9.54 18.32 -14.87
C TRP H 547 10.33 19.48 -15.47
N MET H 548 9.66 20.59 -15.76
CA MET H 548 10.37 21.74 -16.29
C MET H 548 11.35 22.31 -15.27
N CYS H 549 10.92 22.40 -14.00
CA CYS H 549 11.82 22.87 -12.97
C CYS H 549 13.02 21.95 -12.83
N ILE H 550 12.80 20.64 -12.96
CA ILE H 550 13.90 19.68 -12.88
C ILE H 550 14.89 19.89 -14.01
N VAL H 551 14.38 20.07 -15.23
CA VAL H 551 15.27 20.29 -16.36
C VAL H 551 16.13 21.53 -16.14
N PHE H 552 15.47 22.63 -15.78
CA PHE H 552 16.24 23.87 -15.65
C PHE H 552 17.13 23.87 -14.41
N ALA H 553 16.81 23.07 -13.40
CA ALA H 553 17.74 22.92 -12.27
C ALA H 553 18.94 22.08 -12.67
N TYR H 554 18.73 21.04 -13.49
CA TYR H 554 19.86 20.29 -14.02
C TYR H 554 20.75 21.18 -14.87
N ILE H 555 20.17 22.14 -15.57
CA ILE H 555 20.98 23.08 -16.33
C ILE H 555 21.73 24.01 -15.39
N GLY H 556 21.03 24.58 -14.42
CA GLY H 556 21.65 25.56 -13.54
C GLY H 556 22.76 24.99 -12.69
N VAL H 557 22.58 23.78 -12.17
CA VAL H 557 23.61 23.16 -11.35
C VAL H 557 24.87 22.93 -12.16
N SER H 558 24.71 22.43 -13.38
CA SER H 558 25.89 22.19 -14.22
C SER H 558 26.58 23.50 -14.56
N VAL H 559 25.81 24.54 -14.87
CA VAL H 559 26.40 25.84 -15.14
C VAL H 559 27.18 26.34 -13.94
N VAL H 560 26.58 26.23 -12.75
CA VAL H 560 27.21 26.71 -11.54
C VAL H 560 28.50 25.95 -11.27
N LEU H 561 28.47 24.64 -11.44
CA LEU H 561 29.66 23.83 -11.23
C LEU H 561 30.76 24.20 -12.21
N PHE H 562 30.39 24.43 -13.46
CA PHE H 562 31.35 24.90 -14.46
C PHE H 562 32.01 26.20 -14.02
N LEU H 563 31.20 27.18 -13.65
CA LEU H 563 31.74 28.48 -13.24
C LEU H 563 32.66 28.31 -12.04
N VAL H 564 32.20 27.58 -11.03
CA VAL H 564 32.95 27.41 -9.80
C VAL H 564 34.31 26.79 -10.08
N SER H 565 34.34 25.72 -10.86
CA SER H 565 35.59 25.01 -11.08
C SER H 565 36.53 25.78 -11.99
N ARG H 566 36.00 26.36 -13.07
CA ARG H 566 36.88 27.04 -14.02
C ARG H 566 37.59 28.22 -13.38
N PHE H 567 36.85 29.03 -12.63
CA PHE H 567 37.36 30.28 -12.09
C PHE H 567 37.72 30.18 -10.61
N SER H 568 37.86 28.99 -10.09
CA SER H 568 38.29 28.77 -8.72
C SER H 568 38.77 27.34 -8.57
N PRO H 569 39.81 26.95 -9.29
CA PRO H 569 40.20 25.54 -9.38
C PRO H 569 40.99 25.10 -8.15
N TYR H 570 41.40 23.84 -8.15
CA TYR H 570 42.20 23.28 -7.08
C TYR H 570 43.54 24.00 -6.98
N GLU H 591 38.99 17.03 -15.54
CA GLU H 591 38.60 18.39 -15.18
C GLU H 591 37.09 18.56 -15.36
N PHE H 592 36.58 19.72 -14.96
CA PHE H 592 35.16 20.02 -15.01
C PHE H 592 34.93 21.15 -16.01
N GLY H 593 34.75 20.78 -17.27
CA GLY H 593 34.17 21.67 -18.24
C GLY H 593 32.67 21.73 -18.06
N ILE H 594 31.99 22.09 -19.14
CA ILE H 594 30.53 22.07 -19.13
C ILE H 594 30.01 20.70 -19.51
N PHE H 595 30.69 20.04 -20.45
CA PHE H 595 30.25 18.73 -20.93
C PHE H 595 30.36 17.69 -19.83
N ASN H 596 31.53 17.58 -19.20
CA ASN H 596 31.68 16.66 -18.09
C ASN H 596 30.82 17.06 -16.91
N SER H 597 30.59 18.35 -16.72
CA SER H 597 29.73 18.79 -15.63
C SER H 597 28.31 18.28 -15.82
N LEU H 598 27.77 18.43 -17.02
CA LEU H 598 26.45 17.89 -17.31
C LEU H 598 26.43 16.38 -17.16
N TRP H 599 27.50 15.72 -17.60
CA TRP H 599 27.59 14.27 -17.43
C TRP H 599 27.48 13.90 -15.96
N PHE H 600 28.24 14.57 -15.10
CA PHE H 600 28.23 14.26 -13.68
C PHE H 600 26.86 14.52 -13.08
N SER H 601 26.25 15.65 -13.41
CA SER H 601 24.95 15.97 -12.86
C SER H 601 23.91 14.93 -13.27
N LEU H 602 23.92 14.55 -14.54
CA LEU H 602 22.98 13.54 -15.00
C LEU H 602 23.22 12.20 -14.30
N GLY H 603 24.47 11.79 -14.20
CA GLY H 603 24.77 10.54 -13.53
C GLY H 603 24.31 10.54 -12.08
N ALA H 604 24.45 11.68 -11.41
CA ALA H 604 23.98 11.77 -10.03
C ALA H 604 22.47 11.81 -9.95
N PHE H 605 21.79 12.28 -11.00
CA PHE H 605 20.33 12.28 -10.97
C PHE H 605 19.79 10.88 -11.16
N MET H 606 20.54 9.99 -11.78
CA MET H 606 20.10 8.63 -12.05
C MET H 606 20.77 7.61 -11.15
N ARG H 607 21.46 8.06 -10.11
CA ARG H 607 22.00 7.19 -9.07
C ARG H 607 23.22 6.42 -9.55
N GLN H 608 23.55 6.53 -10.82
CA GLN H 608 24.77 5.95 -11.37
C GLN H 608 25.87 6.99 -11.28
N GLY H 609 26.82 6.77 -10.40
CA GLY H 609 27.92 7.68 -10.25
C GLY H 609 28.80 7.71 -11.50
N CYS H 610 29.68 8.70 -11.54
CA CYS H 610 30.58 8.90 -12.66
C CYS H 610 32.02 8.80 -12.18
N ASP H 611 32.93 8.80 -13.15
CA ASP H 611 34.35 8.62 -12.90
C ASP H 611 35.02 9.83 -12.25
N ILE H 612 34.33 10.96 -12.19
CA ILE H 612 34.90 12.20 -11.68
C ILE H 612 34.04 12.71 -10.54
N SER H 613 34.69 13.23 -9.51
CA SER H 613 34.03 13.86 -8.40
C SER H 613 34.68 15.20 -8.12
N PRO H 614 33.92 16.19 -7.69
CA PRO H 614 34.52 17.50 -7.40
C PRO H 614 35.54 17.38 -6.29
N ARG H 615 36.63 18.15 -6.42
CA ARG H 615 37.71 18.10 -5.45
C ARG H 615 37.80 19.34 -4.58
N SER H 616 37.11 20.41 -4.94
CA SER H 616 37.08 21.62 -4.14
C SER H 616 35.82 21.66 -3.28
N LEU H 617 35.84 22.56 -2.31
CA LEU H 617 34.68 22.73 -1.45
C LEU H 617 33.51 23.34 -2.20
N SER H 618 33.80 24.29 -3.08
CA SER H 618 32.75 25.02 -3.77
C SER H 618 32.03 24.16 -4.80
N GLY H 619 32.65 23.08 -5.26
CA GLY H 619 31.97 22.15 -6.14
C GLY H 619 31.32 21.04 -5.35
N ARG H 620 31.89 20.74 -4.18
CA ARG H 620 31.37 19.68 -3.35
C ARG H 620 30.07 20.07 -2.67
N ILE H 621 29.90 21.36 -2.36
CA ILE H 621 28.61 21.83 -1.85
C ILE H 621 27.53 21.63 -2.90
N VAL H 622 27.83 21.99 -4.15
CA VAL H 622 26.88 21.82 -5.23
C VAL H 622 26.56 20.34 -5.40
N GLY H 623 27.58 19.49 -5.41
CA GLY H 623 27.35 18.07 -5.51
C GLY H 623 26.46 17.54 -4.40
N GLY H 624 26.70 18.01 -3.17
CA GLY H 624 25.91 17.54 -2.05
C GLY H 624 24.44 17.92 -2.17
N VAL H 625 24.18 19.19 -2.50
CA VAL H 625 22.79 19.60 -2.63
C VAL H 625 22.13 18.89 -3.80
N TRP H 626 22.87 18.66 -4.88
CA TRP H 626 22.33 17.93 -6.01
C TRP H 626 21.98 16.51 -5.62
N TRP H 627 22.84 15.86 -4.84
CA TRP H 627 22.56 14.51 -4.37
C TRP H 627 21.31 14.49 -3.50
N PHE H 628 21.19 15.43 -2.57
CA PHE H 628 20.01 15.46 -1.71
C PHE H 628 18.75 15.67 -2.54
N PHE H 629 18.81 16.61 -3.49
CA PHE H 629 17.65 16.92 -4.30
C PHE H 629 17.23 15.72 -5.14
N THR H 630 18.19 15.07 -5.78
CA THR H 630 17.84 13.92 -6.61
C THR H 630 17.33 12.77 -5.76
N LEU H 631 17.91 12.57 -4.58
CA LEU H 631 17.40 11.54 -3.69
C LEU H 631 15.93 11.78 -3.39
N ILE H 632 15.58 13.00 -2.99
CA ILE H 632 14.20 13.30 -2.65
C ILE H 632 13.30 13.09 -3.85
N ILE H 633 13.71 13.61 -5.01
CA ILE H 633 12.84 13.57 -6.18
C ILE H 633 12.63 12.14 -6.64
N ILE H 634 13.70 11.35 -6.70
CA ILE H 634 13.57 9.96 -7.13
C ILE H 634 12.73 9.17 -6.15
N SER H 635 12.93 9.38 -4.85
CA SER H 635 12.13 8.64 -3.88
C SER H 635 10.67 9.05 -3.96
N SER H 636 10.38 10.28 -4.38
CA SER H 636 9.00 10.70 -4.57
C SER H 636 8.40 10.14 -5.85
N TYR H 637 9.21 10.00 -6.89
CA TYR H 637 8.73 9.56 -8.19
C TYR H 637 8.55 8.05 -8.22
N THR H 638 9.62 7.32 -7.93
CA THR H 638 9.60 5.87 -7.84
C THR H 638 8.35 5.39 -7.12
N ALA H 639 8.11 5.92 -5.93
CA ALA H 639 6.92 5.55 -5.18
C ALA H 639 5.68 5.85 -5.99
N ASN H 640 4.77 4.87 -6.08
CA ASN H 640 3.58 4.97 -6.90
C ASN H 640 3.94 5.26 -8.36
N LEU H 641 4.69 4.32 -8.95
CA LEU H 641 5.02 4.39 -10.36
C LEU H 641 4.40 3.27 -11.18
N ALA H 642 4.07 2.13 -10.58
CA ALA H 642 3.35 1.10 -11.31
C ALA H 642 1.92 1.52 -11.60
N ALA H 643 1.30 2.23 -10.67
CA ALA H 643 -0.07 2.67 -10.86
C ALA H 643 -0.20 3.54 -12.11
N PHE H 644 0.71 4.50 -12.26
CA PHE H 644 0.63 5.41 -13.39
C PHE H 644 1.01 4.75 -14.69
N LEU H 645 1.73 3.63 -14.64
CA LEU H 645 2.00 2.84 -15.82
C LEU H 645 0.91 1.80 -16.10
N THR H 646 0.03 1.56 -15.14
CA THR H 646 -1.02 0.56 -15.27
C THR H 646 -2.42 1.14 -15.25
N VAL H 647 -2.66 2.23 -14.52
CA VAL H 647 -4.01 2.77 -14.40
C VAL H 647 -4.54 3.13 -15.77
N GLU H 648 -5.83 2.86 -15.98
CA GLU H 648 -6.52 3.21 -17.21
C GLU H 648 -7.74 4.03 -16.87
N ARG H 649 -7.87 5.20 -17.51
CA ARG H 649 -8.97 6.11 -17.26
C ARG H 649 -9.73 6.33 -18.57
N MET H 650 -11.05 6.22 -18.51
CA MET H 650 -11.87 6.42 -19.68
C MET H 650 -12.12 7.90 -19.90
N VAL H 651 -12.00 8.32 -21.15
CA VAL H 651 -12.24 9.71 -21.55
C VAL H 651 -13.50 9.74 -22.40
N SER H 652 -14.50 10.46 -21.93
CA SER H 652 -15.74 10.56 -22.69
C SER H 652 -15.60 11.60 -23.80
N PRO H 653 -16.27 11.41 -24.93
CA PRO H 653 -16.18 12.40 -26.01
C PRO H 653 -17.07 13.60 -25.76
N ILE H 654 -18.22 13.37 -25.13
CA ILE H 654 -19.18 14.42 -24.83
C ILE H 654 -19.05 14.73 -23.34
N GLU H 655 -18.30 15.78 -23.01
CA GLU H 655 -18.11 16.16 -21.62
C GLU H 655 -19.41 16.62 -20.99
N SER H 656 -20.22 17.35 -21.73
CA SER H 656 -21.47 17.90 -21.20
C SER H 656 -22.32 18.37 -22.38
N ALA H 657 -23.43 19.05 -22.07
CA ALA H 657 -24.34 19.51 -23.11
C ALA H 657 -23.68 20.58 -23.98
N GLU H 658 -22.97 21.52 -23.37
CA GLU H 658 -22.31 22.56 -24.16
C GLU H 658 -21.28 21.96 -25.11
N ASP H 659 -20.40 21.11 -24.58
CA ASP H 659 -19.40 20.47 -25.42
C ASP H 659 -20.07 19.61 -26.48
N LEU H 660 -21.15 18.91 -26.11
CA LEU H 660 -21.83 18.05 -27.06
C LEU H 660 -22.42 18.86 -28.21
N SER H 661 -23.13 19.93 -27.90
CA SER H 661 -23.78 20.72 -28.94
C SER H 661 -22.80 21.53 -29.75
N LYS H 662 -21.61 21.83 -29.20
CA LYS H 662 -20.61 22.55 -29.98
C LYS H 662 -20.24 21.78 -31.24
N GLN H 663 -20.07 20.46 -31.12
CA GLN H 663 -19.70 19.63 -32.26
C GLN H 663 -20.94 19.07 -32.95
N THR H 664 -20.71 18.46 -34.11
CA THR H 664 -21.78 17.85 -34.89
C THR H 664 -21.43 16.48 -35.42
N GLU H 665 -20.22 15.98 -35.17
CA GLU H 665 -19.84 14.67 -35.68
C GLU H 665 -20.72 13.56 -35.12
N ILE H 666 -21.23 13.74 -33.90
CA ILE H 666 -22.04 12.74 -33.22
C ILE H 666 -23.47 13.26 -33.11
N ALA H 667 -24.43 12.38 -33.37
CA ALA H 667 -25.84 12.76 -33.46
C ALA H 667 -26.57 12.31 -32.20
N TYR H 668 -27.37 13.21 -31.64
CA TYR H 668 -28.10 12.96 -30.41
C TYR H 668 -29.59 12.94 -30.68
N GLY H 669 -30.31 12.14 -29.89
CA GLY H 669 -31.73 11.96 -30.09
C GLY H 669 -32.48 11.95 -28.77
N THR H 670 -33.81 11.94 -28.90
CA THR H 670 -34.68 12.00 -27.74
C THR H 670 -35.97 11.25 -28.04
N LEU H 671 -36.69 10.91 -26.98
CA LEU H 671 -37.96 10.23 -27.14
C LEU H 671 -38.95 11.11 -27.89
N ASP H 672 -39.93 10.47 -28.51
CA ASP H 672 -40.93 11.14 -29.32
C ASP H 672 -42.23 11.24 -28.54
N SER H 673 -42.83 12.43 -28.55
CA SER H 673 -44.07 12.70 -27.82
C SER H 673 -43.88 12.50 -26.31
N GLY H 674 -42.98 13.31 -25.76
CA GLY H 674 -42.68 13.22 -24.34
C GLY H 674 -42.34 14.56 -23.72
N SER H 675 -41.91 14.53 -22.46
CA SER H 675 -41.62 15.76 -21.74
C SER H 675 -40.32 16.40 -22.20
N THR H 676 -39.35 15.59 -22.63
CA THR H 676 -38.10 16.15 -23.10
C THR H 676 -38.30 16.98 -24.36
N LYS H 677 -39.12 16.47 -25.29
CA LYS H 677 -39.42 17.23 -26.50
C LYS H 677 -40.13 18.53 -26.16
N GLU H 678 -41.09 18.47 -25.23
CA GLU H 678 -41.79 19.69 -24.82
C GLU H 678 -40.85 20.66 -24.13
N PHE H 679 -39.85 20.15 -23.41
CA PHE H 679 -38.92 21.04 -22.72
C PHE H 679 -38.00 21.73 -23.72
N PHE H 680 -37.48 20.99 -24.69
CA PHE H 680 -36.65 21.62 -25.72
C PHE H 680 -37.47 22.57 -26.58
N ARG H 681 -38.74 22.24 -26.82
CA ARG H 681 -39.59 23.07 -27.66
C ARG H 681 -39.82 24.44 -27.05
N ARG H 682 -40.08 24.49 -25.74
CA ARG H 682 -40.33 25.75 -25.05
C ARG H 682 -39.05 26.41 -24.56
N SER H 683 -37.89 25.85 -24.88
CA SER H 683 -36.64 26.42 -24.40
C SER H 683 -36.39 27.80 -24.98
N LYS H 684 -35.71 28.63 -24.21
CA LYS H 684 -35.32 29.97 -24.64
C LYS H 684 -33.85 30.25 -24.36
N ILE H 685 -33.08 29.22 -24.01
CA ILE H 685 -31.66 29.36 -23.71
C ILE H 685 -30.87 29.03 -24.96
N ALA H 686 -29.75 29.74 -25.15
CA ALA H 686 -29.03 29.65 -26.42
C ALA H 686 -28.61 28.22 -26.72
N VAL H 687 -27.99 27.55 -25.77
CA VAL H 687 -27.52 26.18 -26.00
C VAL H 687 -28.70 25.28 -26.33
N PHE H 688 -29.78 25.39 -25.56
CA PHE H 688 -30.94 24.55 -25.81
C PHE H 688 -31.61 24.92 -27.13
N ASP H 689 -31.64 26.21 -27.46
CA ASP H 689 -32.23 26.61 -28.74
C ASP H 689 -31.47 26.00 -29.91
N LYS H 690 -30.15 26.13 -29.90
CA LYS H 690 -29.35 25.56 -30.98
C LYS H 690 -29.44 24.03 -30.99
N MET H 691 -29.49 23.42 -29.81
CA MET H 691 -29.60 21.97 -29.72
C MET H 691 -30.92 21.48 -30.31
N TRP H 692 -32.01 22.16 -29.98
CA TRP H 692 -33.32 21.80 -30.52
C TRP H 692 -33.36 22.03 -32.03
N THR H 693 -32.72 23.10 -32.50
CA THR H 693 -32.64 23.34 -33.93
C THR H 693 -31.90 22.20 -34.63
N TYR H 694 -30.76 21.79 -34.06
CA TYR H 694 -29.98 20.72 -34.68
C TYR H 694 -30.75 19.40 -34.67
N MET H 695 -31.39 19.07 -33.55
CA MET H 695 -32.14 17.82 -33.48
C MET H 695 -33.33 17.83 -34.41
N ARG H 696 -34.02 18.96 -34.50
CA ARG H 696 -35.18 19.06 -35.37
C ARG H 696 -34.77 18.99 -36.83
N SER H 697 -33.64 19.60 -37.19
CA SER H 697 -33.16 19.68 -38.55
C SER H 697 -32.12 18.61 -38.87
N ALA H 698 -32.23 17.44 -38.24
CA ALA H 698 -31.31 16.33 -38.47
C ALA H 698 -32.04 15.21 -39.17
N GLU H 699 -31.42 14.65 -40.21
CA GLU H 699 -32.01 13.61 -41.03
C GLU H 699 -31.11 12.38 -41.04
N PRO H 700 -31.64 11.17 -40.78
CA PRO H 700 -33.02 10.82 -40.39
C PRO H 700 -33.47 11.49 -39.10
N SER H 701 -34.71 11.19 -38.69
CA SER H 701 -35.23 11.74 -37.46
C SER H 701 -34.58 11.06 -36.26
N VAL H 702 -33.88 11.84 -35.44
CA VAL H 702 -33.21 11.29 -34.27
C VAL H 702 -34.21 10.72 -33.28
N PHE H 703 -35.48 11.12 -33.39
CA PHE H 703 -36.48 10.71 -32.42
C PHE H 703 -36.65 9.19 -32.42
N VAL H 704 -37.47 8.73 -31.48
CA VAL H 704 -37.65 7.31 -31.23
C VAL H 704 -39.04 7.08 -30.63
N ARG H 705 -39.61 5.92 -30.92
CA ARG H 705 -40.94 5.60 -30.44
C ARG H 705 -40.96 5.21 -28.97
N THR H 706 -39.91 4.52 -28.49
CA THR H 706 -39.92 4.01 -27.13
C THR H 706 -38.50 3.98 -26.57
N THR H 707 -38.42 3.85 -25.25
CA THR H 707 -37.14 3.95 -24.56
C THR H 707 -36.18 2.86 -25.01
N ALA H 708 -36.66 1.61 -25.02
CA ALA H 708 -35.79 0.51 -25.41
C ALA H 708 -35.23 0.70 -26.81
N GLU H 709 -35.99 1.37 -27.68
CA GLU H 709 -35.48 1.66 -29.02
C GLU H 709 -34.25 2.55 -28.95
N GLY H 710 -34.29 3.59 -28.11
CA GLY H 710 -33.11 4.43 -27.95
C GLY H 710 -31.95 3.68 -27.32
N VAL H 711 -32.25 2.82 -26.34
CA VAL H 711 -31.20 2.00 -25.74
C VAL H 711 -30.50 1.18 -26.82
N ALA H 712 -31.28 0.49 -27.64
CA ALA H 712 -30.70 -0.32 -28.69
C ALA H 712 -29.91 0.53 -29.68
N ARG H 713 -30.45 1.71 -30.02
CA ARG H 713 -29.77 2.56 -31.00
C ARG H 713 -28.40 2.98 -30.50
N VAL H 714 -28.31 3.39 -29.23
CA VAL H 714 -27.00 3.80 -28.71
C VAL H 714 -26.10 2.58 -28.59
N ARG H 715 -26.66 1.43 -28.26
CA ARG H 715 -25.87 0.21 -28.15
C ARG H 715 -25.62 -0.45 -29.50
N LYS H 716 -26.09 0.13 -30.59
CA LYS H 716 -25.84 -0.37 -31.94
C LYS H 716 -25.49 0.78 -32.87
N SER H 717 -24.62 1.68 -32.40
CA SER H 717 -24.23 2.83 -33.21
C SER H 717 -22.74 3.12 -33.14
N LYS H 718 -21.94 2.25 -32.52
CA LYS H 718 -20.50 2.48 -32.39
C LYS H 718 -20.24 3.83 -31.72
N GLY H 719 -21.06 4.16 -30.74
CA GLY H 719 -20.91 5.41 -30.01
C GLY H 719 -21.14 6.64 -30.85
N LYS H 720 -21.98 6.56 -31.87
CA LYS H 720 -22.35 7.71 -32.69
C LYS H 720 -23.71 8.28 -32.33
N TYR H 721 -24.38 7.74 -31.31
CA TYR H 721 -25.71 8.18 -30.93
C TYR H 721 -25.74 8.48 -29.44
N ALA H 722 -26.36 9.61 -29.08
CA ALA H 722 -26.53 10.02 -27.70
C ALA H 722 -28.01 10.22 -27.43
N TYR H 723 -28.52 9.61 -26.36
CA TYR H 723 -29.92 9.63 -26.03
C TYR H 723 -30.15 10.44 -24.77
N LEU H 724 -31.16 11.31 -24.79
CA LEU H 724 -31.50 12.17 -23.66
C LEU H 724 -32.72 11.59 -22.96
N LEU H 725 -32.49 10.90 -21.85
CA LEU H 725 -33.56 10.40 -21.01
C LEU H 725 -33.29 10.84 -19.57
N GLU H 726 -34.14 10.37 -18.67
CA GLU H 726 -34.15 10.83 -17.29
C GLU H 726 -32.92 10.34 -16.55
N SER H 727 -32.85 10.67 -15.27
CA SER H 727 -31.73 10.26 -14.43
C SER H 727 -31.97 8.95 -13.70
N THR H 728 -33.21 8.45 -13.72
CA THR H 728 -33.54 7.21 -13.03
C THR H 728 -33.36 6.00 -13.92
N MET H 729 -34.05 5.98 -15.06
CA MET H 729 -33.86 4.92 -16.03
C MET H 729 -32.40 4.78 -16.40
N ASN H 730 -31.71 5.92 -16.53
CA ASN H 730 -30.30 5.90 -16.90
C ASN H 730 -29.48 5.10 -15.90
N GLU H 731 -29.64 5.40 -14.61
CA GLU H 731 -28.90 4.69 -13.59
C GLU H 731 -29.27 3.21 -13.58
N TYR H 732 -30.58 2.92 -13.66
CA TYR H 732 -31.01 1.53 -13.69
C TYR H 732 -30.31 0.76 -14.80
N ILE H 733 -30.27 1.36 -15.99
CA ILE H 733 -29.59 0.72 -17.12
C ILE H 733 -28.11 0.55 -16.81
N GLU H 734 -27.48 1.58 -16.24
CA GLU H 734 -26.06 1.50 -15.92
C GLU H 734 -25.77 0.30 -15.02
N GLN H 735 -26.66 0.02 -14.08
CA GLN H 735 -26.44 -1.08 -13.15
C GLN H 735 -26.70 -2.45 -13.77
N ARG H 736 -27.35 -2.51 -14.92
CA ARG H 736 -27.79 -3.77 -15.51
C ARG H 736 -26.85 -4.21 -16.62
N LYS H 737 -26.59 -5.50 -16.69
CA LYS H 737 -25.66 -6.03 -17.68
C LYS H 737 -26.24 -5.82 -19.08
N PRO H 738 -25.37 -5.69 -20.10
CA PRO H 738 -23.91 -5.80 -20.01
C PRO H 738 -23.24 -4.51 -19.55
N CYS H 739 -24.05 -3.52 -19.17
CA CYS H 739 -23.55 -2.24 -18.70
C CYS H 739 -22.65 -1.60 -19.76
N ASP H 740 -23.15 -1.56 -21.00
CA ASP H 740 -22.43 -1.00 -22.13
C ASP H 740 -22.73 0.48 -22.34
N THR H 741 -23.08 1.21 -21.28
CA THR H 741 -23.49 2.60 -21.41
C THR H 741 -23.14 3.35 -20.13
N MET H 742 -23.17 4.67 -20.22
CA MET H 742 -22.81 5.52 -19.09
C MET H 742 -23.55 6.84 -19.20
N LYS H 743 -23.54 7.58 -18.10
CA LYS H 743 -24.13 8.90 -18.01
C LYS H 743 -23.03 9.95 -17.91
N VAL H 744 -23.11 10.97 -18.77
CA VAL H 744 -22.15 12.06 -18.79
C VAL H 744 -22.85 13.32 -18.30
N GLY H 745 -22.06 14.22 -17.74
CA GLY H 745 -22.58 15.51 -17.31
C GLY H 745 -23.56 15.37 -16.17
N GLY H 746 -24.13 16.52 -15.80
CA GLY H 746 -25.12 16.60 -14.76
C GLY H 746 -26.49 16.91 -15.35
N ASN H 747 -27.50 16.72 -14.50
CA ASN H 747 -28.88 16.98 -14.93
C ASN H 747 -29.02 18.41 -15.42
N LEU H 748 -29.62 18.56 -16.59
CA LEU H 748 -29.83 19.87 -17.18
C LEU H 748 -30.95 20.63 -16.49
N ASP H 749 -31.88 19.93 -15.84
CA ASP H 749 -32.95 20.55 -15.09
C ASP H 749 -33.68 19.45 -14.32
N SER H 750 -34.08 19.77 -13.10
CA SER H 750 -34.85 18.85 -12.27
C SER H 750 -36.33 19.14 -12.41
N LYS H 751 -37.13 18.09 -12.46
CA LYS H 751 -38.55 18.21 -12.75
C LYS H 751 -39.44 17.52 -11.72
N GLY H 752 -39.02 16.41 -11.17
CA GLY H 752 -39.87 15.64 -10.29
C GLY H 752 -40.97 14.93 -11.04
N TYR H 753 -41.32 13.73 -10.59
CA TYR H 753 -42.48 13.02 -11.13
C TYR H 753 -43.73 13.51 -10.39
N GLY H 754 -44.84 12.80 -10.57
CA GLY H 754 -46.01 13.10 -9.79
C GLY H 754 -47.24 12.30 -10.19
N ILE H 755 -47.94 11.77 -9.20
CA ILE H 755 -49.20 11.08 -9.45
C ILE H 755 -50.21 12.07 -10.01
N ALA H 756 -50.91 11.64 -11.05
CA ALA H 756 -51.88 12.50 -11.72
C ALA H 756 -53.28 12.23 -11.18
N THR H 757 -54.23 12.99 -11.70
CA THR H 757 -55.64 12.82 -11.39
C THR H 757 -56.46 13.72 -12.32
N PRO H 758 -57.66 13.30 -12.73
CA PRO H 758 -58.49 14.20 -13.53
C PRO H 758 -58.84 15.46 -12.76
N LYS H 759 -58.91 16.58 -13.48
CA LYS H 759 -59.22 17.84 -12.84
C LYS H 759 -60.57 17.76 -12.15
N GLY H 760 -60.61 18.17 -10.89
CA GLY H 760 -61.83 18.19 -10.12
C GLY H 760 -62.19 16.87 -9.45
N SER H 761 -61.43 15.81 -9.70
CA SER H 761 -61.74 14.52 -9.07
C SER H 761 -61.60 14.62 -7.56
N SER H 762 -62.53 13.99 -6.84
CA SER H 762 -62.49 13.99 -5.39
C SER H 762 -61.28 13.23 -4.85
N LEU H 763 -60.65 12.39 -5.66
CA LEU H 763 -59.52 11.59 -5.22
C LEU H 763 -58.21 12.37 -5.19
N GLY H 764 -58.19 13.60 -5.70
CA GLY H 764 -56.93 14.34 -5.75
C GLY H 764 -56.34 14.58 -4.37
N THR H 765 -57.16 15.07 -3.45
CA THR H 765 -56.66 15.38 -2.11
C THR H 765 -56.18 14.15 -1.37
N PRO H 766 -56.94 13.05 -1.27
CA PRO H 766 -56.46 11.91 -0.49
C PRO H 766 -55.16 11.33 -1.00
N VAL H 767 -54.98 11.28 -2.32
CA VAL H 767 -53.71 10.76 -2.85
C VAL H 767 -52.56 11.70 -2.50
N ASN H 768 -52.81 13.00 -2.54
CA ASN H 768 -51.81 13.97 -2.14
C ASN H 768 -51.37 13.73 -0.70
N LEU H 769 -52.34 13.64 0.21
CA LEU H 769 -52.00 13.39 1.61
C LEU H 769 -51.34 12.03 1.77
N ALA H 770 -51.72 11.05 0.95
CA ALA H 770 -51.12 9.72 1.03
C ALA H 770 -49.64 9.76 0.67
N VAL H 771 -49.30 10.48 -0.41
CA VAL H 771 -47.90 10.56 -0.79
C VAL H 771 -47.12 11.35 0.24
N LEU H 772 -47.73 12.38 0.84
CA LEU H 772 -47.05 13.06 1.94
C LEU H 772 -46.73 12.10 3.06
N LYS H 773 -47.71 11.29 3.46
CA LYS H 773 -47.51 10.34 4.55
C LYS H 773 -46.43 9.33 4.21
N LEU H 774 -46.47 8.80 2.98
CA LEU H 774 -45.48 7.80 2.58
C LEU H 774 -44.08 8.40 2.57
N SER H 775 -43.95 9.65 2.09
CA SER H 775 -42.65 10.31 2.14
C SER H 775 -42.17 10.49 3.56
N GLU H 776 -43.09 10.83 4.48
CA GLU H 776 -42.71 10.90 5.88
C GLU H 776 -42.22 9.55 6.38
N GLN H 777 -42.92 8.48 6.02
CA GLN H 777 -42.41 7.15 6.26
C GLN H 777 -41.27 6.86 5.30
N GLY H 778 -40.57 5.76 5.55
CA GLY H 778 -39.46 5.37 4.71
C GLY H 778 -39.85 4.56 3.50
N VAL H 779 -41.14 4.51 3.17
CA VAL H 779 -41.60 3.65 2.07
C VAL H 779 -40.94 4.07 0.77
N LEU H 780 -40.95 5.38 0.48
CA LEU H 780 -40.38 5.86 -0.77
C LEU H 780 -38.88 5.64 -0.82
N ASP H 781 -38.17 6.07 0.23
CA ASP H 781 -36.73 5.90 0.24
C ASP H 781 -36.35 4.43 0.23
N LYS H 782 -37.06 3.62 1.01
CA LYS H 782 -36.77 2.19 1.04
C LYS H 782 -36.95 1.56 -0.34
N LEU H 783 -38.08 1.88 -1.00
CA LEU H 783 -38.34 1.32 -2.32
C LEU H 783 -37.29 1.77 -3.32
N LYS H 784 -36.95 3.06 -3.32
CA LYS H 784 -35.97 3.56 -4.28
C LYS H 784 -34.61 2.91 -4.03
N ASN H 785 -34.20 2.79 -2.77
CA ASN H 785 -32.90 2.20 -2.46
C ASN H 785 -32.86 0.73 -2.83
N LYS H 786 -33.98 0.03 -2.63
CA LYS H 786 -33.99 -1.41 -2.88
C LYS H 786 -34.07 -1.72 -4.38
N TRP H 787 -35.08 -1.17 -5.06
CA TRP H 787 -35.26 -1.49 -6.47
C TRP H 787 -34.03 -1.10 -7.28
N TRP H 788 -33.49 0.09 -7.04
CA TRP H 788 -32.26 0.52 -7.69
C TRP H 788 -31.07 -0.04 -6.94
N TYR H 789 -30.15 -0.67 -7.67
CA TYR H 789 -28.98 -1.37 -7.12
C TYR H 789 -29.36 -2.72 -6.52
N ASP H 790 -30.58 -3.19 -6.75
CA ASP H 790 -30.97 -4.49 -6.21
C ASP H 790 -30.18 -5.63 -6.83
N LYS H 791 -29.97 -5.58 -8.14
CA LYS H 791 -29.33 -6.69 -8.86
C LYS H 791 -28.31 -6.15 -9.86
N GLY H 792 -27.52 -5.17 -9.45
CA GLY H 792 -26.48 -4.64 -10.32
C GLY H 792 -25.47 -5.69 -10.70
N GLU H 793 -25.52 -6.15 -11.95
CA GLU H 793 -24.59 -7.19 -12.38
C GLU H 793 -23.15 -6.68 -12.41
N CYS H 794 -22.92 -5.54 -13.06
CA CYS H 794 -21.58 -4.99 -13.17
C CYS H 794 -21.21 -4.25 -11.88
N GLY H 795 -20.05 -4.61 -11.32
CA GLY H 795 -19.60 -4.00 -10.09
C GLY H 795 -20.51 -4.31 -8.93
N ALA H 796 -21.37 -5.30 -9.10
CA ALA H 796 -22.30 -5.73 -8.05
C ALA H 796 -23.16 -4.55 -7.60
N GLU H 803 -8.84 -2.60 -6.29
CA GLU H 803 -8.23 -3.18 -7.49
C GLU H 803 -7.10 -4.14 -7.10
N LYS H 804 -6.78 -5.05 -8.01
CA LYS H 804 -5.73 -6.03 -7.79
C LYS H 804 -4.43 -5.57 -8.43
N THR H 805 -3.33 -6.17 -7.97
CA THR H 805 -2.00 -5.89 -8.49
C THR H 805 -1.60 -7.02 -9.43
N SER H 806 -1.29 -6.68 -10.67
CA SER H 806 -0.90 -7.66 -11.68
C SER H 806 0.34 -7.19 -12.40
N ALA H 807 1.03 -8.14 -13.02
CA ALA H 807 2.30 -7.86 -13.66
C ALA H 807 2.15 -6.79 -14.73
N LEU H 808 3.29 -6.28 -15.17
CA LEU H 808 3.35 -5.27 -16.22
C LEU H 808 3.42 -5.95 -17.58
N SER H 809 2.42 -5.68 -18.41
CA SER H 809 2.51 -6.08 -19.80
C SER H 809 3.52 -5.18 -20.51
N LEU H 810 3.87 -5.56 -21.74
CA LEU H 810 4.79 -4.76 -22.51
C LEU H 810 4.13 -3.53 -23.10
N SER H 811 2.80 -3.53 -23.22
CA SER H 811 2.11 -2.35 -23.73
C SER H 811 2.29 -1.16 -22.80
N ASN H 812 2.44 -1.42 -21.50
CA ASN H 812 2.50 -0.35 -20.52
C ASN H 812 3.83 0.37 -20.52
N VAL H 813 4.91 -0.31 -20.89
CA VAL H 813 6.26 0.22 -20.73
C VAL H 813 7.00 0.22 -22.06
N ALA H 814 6.26 0.34 -23.16
CA ALA H 814 6.86 0.34 -24.48
C ALA H 814 7.49 1.68 -24.83
N GLY H 815 6.95 2.77 -24.29
CA GLY H 815 7.45 4.08 -24.65
C GLY H 815 8.93 4.23 -24.38
N VAL H 816 9.39 3.71 -23.25
CA VAL H 816 10.80 3.85 -22.91
C VAL H 816 11.65 3.00 -23.85
N PHE H 817 11.13 1.88 -24.34
CA PHE H 817 11.86 1.12 -25.35
C PHE H 817 11.98 1.92 -26.64
N TYR H 818 10.89 2.56 -27.06
CA TYR H 818 10.97 3.40 -28.24
C TYR H 818 12.00 4.50 -28.06
N ILE H 819 12.00 5.12 -26.89
CA ILE H 819 12.94 6.19 -26.60
C ILE H 819 14.38 5.67 -26.63
N LEU H 820 14.61 4.49 -26.06
CA LEU H 820 15.94 3.90 -26.08
C LEU H 820 16.42 3.68 -27.50
N VAL H 821 15.56 3.11 -28.35
CA VAL H 821 15.96 2.82 -29.71
C VAL H 821 16.22 4.10 -30.48
N GLY H 822 15.38 5.11 -30.26
CA GLY H 822 15.65 6.41 -30.86
C GLY H 822 16.98 6.98 -30.42
N GLY H 823 17.32 6.81 -29.15
CA GLY H 823 18.60 7.30 -28.66
C GLY H 823 19.78 6.58 -29.30
N LEU H 824 19.67 5.27 -29.48
CA LEU H 824 20.74 4.54 -30.13
C LEU H 824 20.92 4.97 -31.58
N GLY H 825 19.81 5.09 -32.30
CA GLY H 825 19.89 5.60 -33.65
C GLY H 825 20.52 6.97 -33.72
N LEU H 826 20.13 7.85 -32.79
CA LEU H 826 20.70 9.19 -32.75
C LEU H 826 22.18 9.15 -32.47
N ALA H 827 22.62 8.27 -31.57
CA ALA H 827 24.03 8.19 -31.26
C ALA H 827 24.83 7.74 -32.47
N MET H 828 24.35 6.73 -33.18
CA MET H 828 25.07 6.28 -34.36
C MET H 828 25.11 7.36 -35.43
N LEU H 829 24.00 8.06 -35.62
CA LEU H 829 23.96 9.17 -36.57
C LEU H 829 24.97 10.24 -36.20
N VAL H 830 25.02 10.60 -34.91
CA VAL H 830 25.93 11.63 -34.45
C VAL H 830 27.38 11.20 -34.65
N ALA H 831 27.67 9.93 -34.39
CA ALA H 831 29.04 9.46 -34.56
C ALA H 831 29.44 9.48 -36.02
N LEU H 832 28.53 9.09 -36.91
CA LEU H 832 28.84 9.19 -38.34
C LEU H 832 29.08 10.62 -38.75
N ILE H 833 28.26 11.54 -38.24
CA ILE H 833 28.43 12.96 -38.55
C ILE H 833 29.81 13.43 -38.12
N GLU H 834 30.19 13.10 -36.89
CA GLU H 834 31.51 13.49 -36.38
C GLU H 834 32.62 12.85 -37.20
N PHE H 835 32.41 11.61 -37.64
CA PHE H 835 33.41 10.90 -38.44
C PHE H 835 33.63 11.61 -39.77
N CYS H 836 32.55 11.91 -40.49
CA CYS H 836 32.68 12.63 -41.75
C CYS H 836 33.30 14.00 -41.53
N TYR H 837 32.90 14.69 -40.47
CA TYR H 837 33.42 16.03 -40.21
C TYR H 837 34.91 16.01 -39.98
N LYS H 838 35.39 15.10 -39.12
CA LYS H 838 36.82 14.98 -38.88
C LYS H 838 37.56 14.37 -40.05
N SER H 839 36.86 13.76 -41.00
CA SER H 839 37.52 13.31 -42.22
C SER H 839 38.02 14.50 -43.04
N ARG H 840 37.23 15.55 -43.12
CA ARG H 840 37.62 16.77 -43.83
C ARG H 840 38.55 17.61 -42.97
#